data_1NPF
# 
_entry.id   1NPF 
# 
_audit_conform.dict_name       mmcif_pdbx.dic 
_audit_conform.dict_version    5.376 
_audit_conform.dict_location   http://mmcif.pdb.org/dictionaries/ascii/mmcif_pdbx.dic 
# 
loop_
_database_2.database_id 
_database_2.database_code 
_database_2.pdbx_database_accession 
_database_2.pdbx_DOI 
PDB   1NPF         pdb_00001npf 10.2210/pdb1npf/pdb 
RCSB  RCSB018080   ?            ?                   
WWPDB D_1000018080 ?            ?                   
# 
_pdbx_database_related.db_name        PDB 
_pdbx_database_related.db_id          1NPG 
_pdbx_database_related.details        'MYOGLOBIN (HORSE HEART) WILD-TYPE COMPLEXED WITH NITROSOETHANE' 
_pdbx_database_related.content_type   unspecified 
# 
_pdbx_database_status.status_code                     REL 
_pdbx_database_status.entry_id                        1NPF 
_pdbx_database_status.recvd_initial_deposition_date   2003-01-17 
_pdbx_database_status.deposit_site                    RCSB 
_pdbx_database_status.process_site                    RCSB 
_pdbx_database_status.status_code_sf                  REL 
_pdbx_database_status.SG_entry                        . 
_pdbx_database_status.pdb_format_compatible           Y 
_pdbx_database_status.status_code_mr                  ? 
_pdbx_database_status.status_code_cs                  ? 
_pdbx_database_status.methods_development_category    ? 
_pdbx_database_status.status_code_nmr_data            ? 
# 
loop_
_audit_author.name 
_audit_author.pdbx_ordinal 
'Copeland, D.M.'     1 
'West, A.H.'         2 
'Richter-Addo, G.B.' 3 
# 
_citation.id                        primary 
_citation.title                     
'Crystal structures of ferrous horse heart myoglobin complexed with nitric oxide and nitrosoethane.' 
_citation.journal_abbrev            Proteins 
_citation.journal_volume            53 
_citation.page_first                182 
_citation.page_last                 192 
_citation.year                      2003 
_citation.journal_id_ASTM           PSFGEY 
_citation.country                   US 
_citation.journal_id_ISSN           0887-3585 
_citation.journal_id_CSD            0867 
_citation.book_publisher            ? 
_citation.pdbx_database_id_PubMed   14517970 
_citation.pdbx_database_id_DOI      10.1002/prot.10495 
# 
loop_
_citation_author.citation_id 
_citation_author.name 
_citation_author.ordinal 
_citation_author.identifier_ORCID 
primary 'Copeland, D.M.'     1 ? 
primary 'West, A.H.'         2 ? 
primary 'Richter-Addo, G.B.' 3 ? 
# 
_cell.entry_id           1NPF 
_cell.length_a           35.437 
_cell.length_b           28.728 
_cell.length_c           62.976 
_cell.angle_alpha        90.00 
_cell.angle_beta         105.81 
_cell.angle_gamma        90.00 
_cell.Z_PDB              2 
_cell.pdbx_unique_axis   ? 
# 
_symmetry.entry_id                         1NPF 
_symmetry.space_group_name_H-M             'P 1 21 1' 
_symmetry.pdbx_full_space_group_name_H-M   ? 
_symmetry.cell_setting                     ? 
_symmetry.Int_Tables_number                4 
# 
loop_
_entity.id 
_entity.type 
_entity.src_method 
_entity.pdbx_description 
_entity.formula_weight 
_entity.pdbx_number_of_molecules 
_entity.pdbx_ec 
_entity.pdbx_mutation 
_entity.pdbx_fragment 
_entity.details 
1 polymer     nat Myoglobin                         16983.514 1   ? ? ? 'ANIMAL OXYGEN STORAGE' 
2 non-polymer syn 'SULFATE ION'                     96.063    2   ? ? ? ?                       
3 non-polymer syn 'PROTOPORPHYRIN IX CONTAINING FE' 616.487   1   ? ? ? ?                       
4 non-polymer syn 'NITRIC OXIDE'                    30.006    1   ? ? ? ?                       
5 water       nat water                             18.015    118 ? ? ? ?                       
# 
_entity_poly.entity_id                      1 
_entity_poly.type                           'polypeptide(L)' 
_entity_poly.nstd_linkage                   no 
_entity_poly.nstd_monomer                   no 
_entity_poly.pdbx_seq_one_letter_code       
;GLSDGEWQQVLNVWGKVEADIAGHGQEVLIRLFTGHPETLEKFDKFKHLKTEAEMKASEDLKKHGTVVLTALGGILKKKG
HHEAELKPLAQSHATKHKIPIKYLEFISDAIIHVLHSKHPGDFGADAQGAMTKALELFRNDIAAKYKELGFQG
;
_entity_poly.pdbx_seq_one_letter_code_can   
;GLSDGEWQQVLNVWGKVEADIAGHGQEVLIRLFTGHPETLEKFDKFKHLKTEAEMKASEDLKKHGTVVLTALGGILKKKG
HHEAELKPLAQSHATKHKIPIKYLEFISDAIIHVLHSKHPGDFGADAQGAMTKALELFRNDIAAKYKELGFQG
;
_entity_poly.pdbx_strand_id                 A 
_entity_poly.pdbx_target_identifier         ? 
# 
loop_
_entity_poly_seq.entity_id 
_entity_poly_seq.num 
_entity_poly_seq.mon_id 
_entity_poly_seq.hetero 
1 1   GLY n 
1 2   LEU n 
1 3   SER n 
1 4   ASP n 
1 5   GLY n 
1 6   GLU n 
1 7   TRP n 
1 8   GLN n 
1 9   GLN n 
1 10  VAL n 
1 11  LEU n 
1 12  ASN n 
1 13  VAL n 
1 14  TRP n 
1 15  GLY n 
1 16  LYS n 
1 17  VAL n 
1 18  GLU n 
1 19  ALA n 
1 20  ASP n 
1 21  ILE n 
1 22  ALA n 
1 23  GLY n 
1 24  HIS n 
1 25  GLY n 
1 26  GLN n 
1 27  GLU n 
1 28  VAL n 
1 29  LEU n 
1 30  ILE n 
1 31  ARG n 
1 32  LEU n 
1 33  PHE n 
1 34  THR n 
1 35  GLY n 
1 36  HIS n 
1 37  PRO n 
1 38  GLU n 
1 39  THR n 
1 40  LEU n 
1 41  GLU n 
1 42  LYS n 
1 43  PHE n 
1 44  ASP n 
1 45  LYS n 
1 46  PHE n 
1 47  LYS n 
1 48  HIS n 
1 49  LEU n 
1 50  LYS n 
1 51  THR n 
1 52  GLU n 
1 53  ALA n 
1 54  GLU n 
1 55  MET n 
1 56  LYS n 
1 57  ALA n 
1 58  SER n 
1 59  GLU n 
1 60  ASP n 
1 61  LEU n 
1 62  LYS n 
1 63  LYS n 
1 64  HIS n 
1 65  GLY n 
1 66  THR n 
1 67  VAL n 
1 68  VAL n 
1 69  LEU n 
1 70  THR n 
1 71  ALA n 
1 72  LEU n 
1 73  GLY n 
1 74  GLY n 
1 75  ILE n 
1 76  LEU n 
1 77  LYS n 
1 78  LYS n 
1 79  LYS n 
1 80  GLY n 
1 81  HIS n 
1 82  HIS n 
1 83  GLU n 
1 84  ALA n 
1 85  GLU n 
1 86  LEU n 
1 87  LYS n 
1 88  PRO n 
1 89  LEU n 
1 90  ALA n 
1 91  GLN n 
1 92  SER n 
1 93  HIS n 
1 94  ALA n 
1 95  THR n 
1 96  LYS n 
1 97  HIS n 
1 98  LYS n 
1 99  ILE n 
1 100 PRO n 
1 101 ILE n 
1 102 LYS n 
1 103 TYR n 
1 104 LEU n 
1 105 GLU n 
1 106 PHE n 
1 107 ILE n 
1 108 SER n 
1 109 ASP n 
1 110 ALA n 
1 111 ILE n 
1 112 ILE n 
1 113 HIS n 
1 114 VAL n 
1 115 LEU n 
1 116 HIS n 
1 117 SER n 
1 118 LYS n 
1 119 HIS n 
1 120 PRO n 
1 121 GLY n 
1 122 ASP n 
1 123 PHE n 
1 124 GLY n 
1 125 ALA n 
1 126 ASP n 
1 127 ALA n 
1 128 GLN n 
1 129 GLY n 
1 130 ALA n 
1 131 MET n 
1 132 THR n 
1 133 LYS n 
1 134 ALA n 
1 135 LEU n 
1 136 GLU n 
1 137 LEU n 
1 138 PHE n 
1 139 ARG n 
1 140 ASN n 
1 141 ASP n 
1 142 ILE n 
1 143 ALA n 
1 144 ALA n 
1 145 LYS n 
1 146 TYR n 
1 147 LYS n 
1 148 GLU n 
1 149 LEU n 
1 150 GLY n 
1 151 PHE n 
1 152 GLN n 
1 153 GLY n 
# 
_entity_src_nat.entity_id                  1 
_entity_src_nat.pdbx_src_id                1 
_entity_src_nat.pdbx_alt_source_flag       sample 
_entity_src_nat.pdbx_beg_seq_num           ? 
_entity_src_nat.pdbx_end_seq_num           ? 
_entity_src_nat.common_name                horse 
_entity_src_nat.pdbx_organism_scientific   'Equus caballus' 
_entity_src_nat.pdbx_ncbi_taxonomy_id      9796 
_entity_src_nat.genus                      Equus 
_entity_src_nat.species                    ? 
_entity_src_nat.strain                     ? 
_entity_src_nat.tissue                     MUSCLE 
_entity_src_nat.tissue_fraction            ? 
_entity_src_nat.pdbx_secretion             ? 
_entity_src_nat.pdbx_fragment              ? 
_entity_src_nat.pdbx_variant               ? 
_entity_src_nat.pdbx_cell_line             ? 
_entity_src_nat.pdbx_atcc                  ? 
_entity_src_nat.pdbx_cellular_location     ? 
_entity_src_nat.pdbx_organ                 HEART 
_entity_src_nat.pdbx_organelle             ? 
_entity_src_nat.pdbx_cell                  ? 
_entity_src_nat.pdbx_plasmid_name          ? 
_entity_src_nat.pdbx_plasmid_details       ? 
_entity_src_nat.details                    ? 
# 
_struct_ref.id                         1 
_struct_ref.db_name                    UNP 
_struct_ref.db_code                    MYG_HORSE 
_struct_ref.entity_id                  1 
_struct_ref.pdbx_seq_one_letter_code   
;GLSDGEWQQVLNVWGKVEADIAGHGQEVLIRLFTGHPETLEKFDKFKHLKTEAEMKASEDLKKHGTVVLTALGGILKKKG
HHEAELKPLAQSHATKHKIPIKYLEFISDAIIHVLHSKHPGDFGADAQGAMTKALELFRNDIAAKYKELGFQG
;
_struct_ref.pdbx_align_begin           1 
_struct_ref.pdbx_db_accession          P68082 
_struct_ref.pdbx_db_isoform            ? 
# 
_struct_ref_seq.align_id                      1 
_struct_ref_seq.ref_id                        1 
_struct_ref_seq.pdbx_PDB_id_code              1NPF 
_struct_ref_seq.pdbx_strand_id                A 
_struct_ref_seq.seq_align_beg                 1 
_struct_ref_seq.pdbx_seq_align_beg_ins_code   ? 
_struct_ref_seq.seq_align_end                 153 
_struct_ref_seq.pdbx_seq_align_end_ins_code   ? 
_struct_ref_seq.pdbx_db_accession             P68082 
_struct_ref_seq.db_align_beg                  1 
_struct_ref_seq.pdbx_db_align_beg_ins_code    ? 
_struct_ref_seq.db_align_end                  153 
_struct_ref_seq.pdbx_db_align_end_ins_code    ? 
_struct_ref_seq.pdbx_auth_seq_align_beg       1 
_struct_ref_seq.pdbx_auth_seq_align_end       153 
# 
loop_
_chem_comp.id 
_chem_comp.type 
_chem_comp.mon_nstd_flag 
_chem_comp.name 
_chem_comp.pdbx_synonyms 
_chem_comp.formula 
_chem_comp.formula_weight 
ALA 'L-peptide linking' y ALANINE                           ?                   'C3 H7 N O2'       89.093  
ARG 'L-peptide linking' y ARGININE                          ?                   'C6 H15 N4 O2 1'   175.209 
ASN 'L-peptide linking' y ASPARAGINE                        ?                   'C4 H8 N2 O3'      132.118 
ASP 'L-peptide linking' y 'ASPARTIC ACID'                   ?                   'C4 H7 N O4'       133.103 
GLN 'L-peptide linking' y GLUTAMINE                         ?                   'C5 H10 N2 O3'     146.144 
GLU 'L-peptide linking' y 'GLUTAMIC ACID'                   ?                   'C5 H9 N O4'       147.129 
GLY 'peptide linking'   y GLYCINE                           ?                   'C2 H5 N O2'       75.067  
HEM non-polymer         . 'PROTOPORPHYRIN IX CONTAINING FE' HEME                'C34 H32 Fe N4 O4' 616.487 
HIS 'L-peptide linking' y HISTIDINE                         ?                   'C6 H10 N3 O2 1'   156.162 
HOH non-polymer         . WATER                             ?                   'H2 O'             18.015  
ILE 'L-peptide linking' y ISOLEUCINE                        ?                   'C6 H13 N O2'      131.173 
LEU 'L-peptide linking' y LEUCINE                           ?                   'C6 H13 N O2'      131.173 
LYS 'L-peptide linking' y LYSINE                            ?                   'C6 H15 N2 O2 1'   147.195 
MET 'L-peptide linking' y METHIONINE                        ?                   'C5 H11 N O2 S'    149.211 
NO  non-polymer         . 'NITRIC OXIDE'                    'Nitrogen monoxide' 'N O'              30.006  
PHE 'L-peptide linking' y PHENYLALANINE                     ?                   'C9 H11 N O2'      165.189 
PRO 'L-peptide linking' y PROLINE                           ?                   'C5 H9 N O2'       115.130 
SER 'L-peptide linking' y SERINE                            ?                   'C3 H7 N O3'       105.093 
SO4 non-polymer         . 'SULFATE ION'                     ?                   'O4 S -2'          96.063  
THR 'L-peptide linking' y THREONINE                         ?                   'C4 H9 N O3'       119.119 
TRP 'L-peptide linking' y TRYPTOPHAN                        ?                   'C11 H12 N2 O2'    204.225 
TYR 'L-peptide linking' y TYROSINE                          ?                   'C9 H11 N O3'      181.189 
VAL 'L-peptide linking' y VALINE                            ?                   'C5 H11 N O2'      117.146 
# 
_exptl.entry_id          1NPF 
_exptl.method            'X-RAY DIFFRACTION' 
_exptl.crystals_number   1 
# 
_exptl_crystal.id                    1 
_exptl_crystal.density_meas          ? 
_exptl_crystal.density_Matthews      1.63 
_exptl_crystal.density_percent_sol   23.76 
_exptl_crystal.description           ? 
# 
_exptl_crystal_grow.crystal_id      1 
_exptl_crystal_grow.method          'VAPOR DIFFUSION, HANGING DROP' 
_exptl_crystal_grow.temp            ? 
_exptl_crystal_grow.temp_details    ? 
_exptl_crystal_grow.pH              7.4 
_exptl_crystal_grow.pdbx_details    'AMMONIUM SULFATE, pH 7.4, VAPOR DIFFUSION, HANGING DROP, temperature 100K' 
_exptl_crystal_grow.pdbx_pH_range   . 
# 
_diffrn.id                     1 
_diffrn.ambient_temp           100 
_diffrn.ambient_temp_details   ? 
_diffrn.crystal_id             1 
# 
_diffrn_detector.diffrn_id              1 
_diffrn_detector.detector               'IMAGE PLATE' 
_diffrn_detector.type                   'RIGAKU RAXIS IV' 
_diffrn_detector.pdbx_collection_date   2002-11-06 
_diffrn_detector.details                OSMIC 
# 
_diffrn_radiation.diffrn_id                        1 
_diffrn_radiation.wavelength_id                    1 
_diffrn_radiation.pdbx_monochromatic_or_laue_m_l   M 
_diffrn_radiation.monochromator                    ? 
_diffrn_radiation.pdbx_diffrn_protocol             'SINGLE WAVELENGTH' 
_diffrn_radiation.pdbx_scattering_type             x-ray 
# 
_diffrn_radiation_wavelength.id           1 
_diffrn_radiation_wavelength.wavelength   1.5418 
_diffrn_radiation_wavelength.wt           1.0 
# 
_diffrn_source.diffrn_id                   1 
_diffrn_source.source                      'ROTATING ANODE' 
_diffrn_source.type                        'RIGAKU RUH3R' 
_diffrn_source.pdbx_synchrotron_site       ? 
_diffrn_source.pdbx_synchrotron_beamline   ? 
_diffrn_source.pdbx_wavelength             ? 
_diffrn_source.pdbx_wavelength_list        1.5418 
# 
_reflns.entry_id                     1NPF 
_reflns.observed_criterion_sigma_I   0 
_reflns.observed_criterion_sigma_F   ? 
_reflns.d_resolution_low             40 
_reflns.d_resolution_high            1.9 
_reflns.number_obs                   17516 
_reflns.number_all                   ? 
_reflns.percent_possible_obs         93.1 
_reflns.pdbx_Rmerge_I_obs            0.052 
_reflns.pdbx_Rsym_value              ? 
_reflns.pdbx_netI_over_sigmaI        11.30 
_reflns.B_iso_Wilson_estimate        27.0 
_reflns.pdbx_redundancy              1.95 
_reflns.R_free_details               ? 
_reflns.limit_h_max                  ? 
_reflns.limit_h_min                  ? 
_reflns.limit_k_max                  ? 
_reflns.limit_k_min                  ? 
_reflns.limit_l_max                  ? 
_reflns.limit_l_min                  ? 
_reflns.observed_criterion_F_max     ? 
_reflns.observed_criterion_F_min     ? 
_reflns.pdbx_diffrn_id               1 
_reflns.pdbx_ordinal                 1 
# 
_reflns_shell.d_res_high             1.90 
_reflns_shell.d_res_low              1.97 
_reflns_shell.percent_possible_all   91.1 
_reflns_shell.Rmerge_I_obs           0.159 
_reflns_shell.pdbx_Rsym_value        ? 
_reflns_shell.meanI_over_sigI_obs    3.4 
_reflns_shell.pdbx_redundancy        1.97 
_reflns_shell.percent_possible_obs   ? 
_reflns_shell.number_unique_all      ? 
_reflns_shell.pdbx_diffrn_id         ? 
_reflns_shell.pdbx_ordinal           1 
# 
_refine.entry_id                                 1NPF 
_refine.ls_number_reflns_obs                     17516 
_refine.ls_number_reflns_all                     17516 
_refine.pdbx_ls_sigma_I                          ? 
_refine.pdbx_ls_sigma_F                          0 
_refine.pdbx_data_cutoff_high_absF               ? 
_refine.pdbx_data_cutoff_low_absF                ? 
_refine.ls_d_res_low                             40.00 
_refine.ls_d_res_high                            1.90 
_refine.ls_percent_reflns_obs                    93.1 
_refine.ls_R_factor_obs                          0.199 
_refine.ls_R_factor_all                          0.217 
_refine.ls_R_factor_R_work                       0.199 
_refine.ls_R_factor_R_free                       0.247 
_refine.ls_R_factor_R_free_error                 0.006 
_refine.ls_R_factor_R_free_error_details         ? 
_refine.ls_percent_reflns_R_free                 10.0 
_refine.ls_number_reflns_R_free                  ? 
_refine.ls_number_parameters                     ? 
_refine.ls_number_restraints                     ? 
_refine.occupancy_min                            ? 
_refine.occupancy_max                            ? 
_refine.correlation_coeff_Fo_to_Fc               ? 
_refine.correlation_coeff_Fo_to_Fc_free          ? 
_refine.B_iso_mean                               17.5 
_refine.aniso_B[1][1]                            ? 
_refine.aniso_B[2][2]                            ? 
_refine.aniso_B[3][3]                            ? 
_refine.aniso_B[1][2]                            ? 
_refine.aniso_B[1][3]                            ? 
_refine.aniso_B[2][3]                            ? 
_refine.solvent_model_details                    'FLAT MODEL' 
_refine.solvent_model_param_ksol                 ? 
_refine.solvent_model_param_bsol                 ? 
_refine.pdbx_solvent_vdw_probe_radii             ? 
_refine.pdbx_solvent_ion_probe_radii             ? 
_refine.pdbx_solvent_shrinkage_radii             ? 
_refine.pdbx_ls_cross_valid_method               THROUGHOUT 
_refine.details                                  ? 
_refine.pdbx_starting_model                      1DWR 
_refine.pdbx_method_to_determine_struct          'MOLECULAR REPLACEMENT' 
_refine.pdbx_isotropic_thermal_model             OVERALL 
_refine.pdbx_stereochemistry_target_values       ? 
_refine.pdbx_stereochem_target_val_spec_case     ? 
_refine.pdbx_R_Free_selection_details            RANDOM 
_refine.pdbx_overall_ESU_R_Free                  ? 
_refine.overall_SU_B                             ? 
_refine.ls_redundancy_reflns_obs                 ? 
_refine.B_iso_min                                ? 
_refine.B_iso_max                                ? 
_refine.overall_SU_R_Cruickshank_DPI             ? 
_refine.overall_SU_R_free                        ? 
_refine.overall_SU_ML                            ? 
_refine.pdbx_overall_ESU_R                       ? 
_refine.pdbx_data_cutoff_high_rms_absF           ? 
_refine.pdbx_refine_id                           'X-RAY DIFFRACTION' 
_refine.pdbx_diffrn_id                           1 
_refine.pdbx_TLS_residual_ADP_flag               ? 
_refine.pdbx_overall_phase_error                 ? 
_refine.pdbx_overall_SU_R_free_Cruickshank_DPI   ? 
_refine.pdbx_overall_SU_R_Blow_DPI               ? 
_refine.pdbx_overall_SU_R_free_Blow_DPI          ? 
# 
_refine_hist.pdbx_refine_id                   'X-RAY DIFFRACTION' 
_refine_hist.cycle_id                         LAST 
_refine_hist.pdbx_number_atoms_protein        1194 
_refine_hist.pdbx_number_atoms_nucleic_acid   0 
_refine_hist.pdbx_number_atoms_ligand         55 
_refine_hist.number_atoms_solvent             118 
_refine_hist.number_atoms_total               1367 
_refine_hist.d_res_high                       1.90 
_refine_hist.d_res_low                        40.00 
# 
loop_
_refine_ls_restr.type 
_refine_ls_restr.dev_ideal 
_refine_ls_restr.dev_ideal_target 
_refine_ls_restr.weight 
_refine_ls_restr.number 
_refine_ls_restr.pdbx_refine_id 
_refine_ls_restr.pdbx_restraint_function 
c_bond_d           0.024 ? ? ? 'X-RAY DIFFRACTION' ? 
c_angle_deg        1.1   ? ? ? 'X-RAY DIFFRACTION' ? 
c_dihedral_angle_d 64.3  ? ? ? 'X-RAY DIFFRACTION' ? 
c_improper_angle_d 1.56  ? ? ? 'X-RAY DIFFRACTION' ? 
# 
_refine_ls_shell.pdbx_total_number_of_bins_used   ? 
_refine_ls_shell.d_res_high                       1.90 
_refine_ls_shell.d_res_low                        1.97 
_refine_ls_shell.number_reflns_R_work             ? 
_refine_ls_shell.R_factor_R_work                  0.291 
_refine_ls_shell.percent_reflns_obs               91.1 
_refine_ls_shell.R_factor_R_free                  0.366 
_refine_ls_shell.R_factor_R_free_error            0.021 
_refine_ls_shell.percent_reflns_R_free            10.0 
_refine_ls_shell.number_reflns_R_free             ? 
_refine_ls_shell.number_reflns_obs                ? 
_refine_ls_shell.redundancy_reflns_obs            ? 
_refine_ls_shell.number_reflns_all                ? 
_refine_ls_shell.pdbx_refine_id                   'X-RAY DIFFRACTION' 
_refine_ls_shell.R_factor_all                     ? 
# 
_struct.entry_id                  1NPF 
_struct.title                     'MYOGLOBIN (HORSE HEART) WILD-TYPE COMPLEXED WITH NITRIC OXIDE' 
_struct.pdbx_model_details        ? 
_struct.pdbx_CASP_flag            ? 
_struct.pdbx_model_type_details   ? 
# 
_struct_keywords.entry_id        1NPF 
_struct_keywords.pdbx_keywords   'OXYGEN STORAGE/TRANSPORT' 
_struct_keywords.text            
'HEME, OXYGEN STORAGE, NITRIC OXIDE, MYOGLOBIN, NITROSYL, NO, NITROGEN MONOXIDE, OXYGEN STORAGE-TRANSPORT COMPLEX' 
# 
loop_
_struct_asym.id 
_struct_asym.pdbx_blank_PDB_chainid_flag 
_struct_asym.pdbx_modified 
_struct_asym.entity_id 
_struct_asym.details 
A N N 1 ? 
B N N 2 ? 
C N N 2 ? 
D N N 3 ? 
E N N 4 ? 
F N N 5 ? 
# 
_struct_biol.id                    1 
_struct_biol.pdbx_parent_biol_id   ? 
_struct_biol.details               ? 
# 
loop_
_struct_conf.conf_type_id 
_struct_conf.id 
_struct_conf.pdbx_PDB_helix_id 
_struct_conf.beg_label_comp_id 
_struct_conf.beg_label_asym_id 
_struct_conf.beg_label_seq_id 
_struct_conf.pdbx_beg_PDB_ins_code 
_struct_conf.end_label_comp_id 
_struct_conf.end_label_asym_id 
_struct_conf.end_label_seq_id 
_struct_conf.pdbx_end_PDB_ins_code 
_struct_conf.beg_auth_comp_id 
_struct_conf.beg_auth_asym_id 
_struct_conf.beg_auth_seq_id 
_struct_conf.end_auth_comp_id 
_struct_conf.end_auth_asym_id 
_struct_conf.end_auth_seq_id 
_struct_conf.pdbx_PDB_helix_class 
_struct_conf.details 
_struct_conf.pdbx_PDB_helix_length 
HELX_P HELX_P1 1 SER A 3   ? ASP A 20  ? SER A 3   ASP A 20  1 ? 18 
HELX_P HELX_P2 2 ASP A 20  ? HIS A 36  ? ASP A 20  HIS A 36  1 ? 17 
HELX_P HELX_P3 3 HIS A 36  ? GLU A 41  ? HIS A 36  GLU A 41  1 ? 6  
HELX_P HELX_P4 4 THR A 51  ? ALA A 57  ? THR A 51  ALA A 57  1 ? 7  
HELX_P HELX_P5 5 SER A 58  ? LYS A 77  ? SER A 58  LYS A 77  1 ? 20 
HELX_P HELX_P6 6 HIS A 82  ? LYS A 96  ? HIS A 82  LYS A 96  1 ? 15 
HELX_P HELX_P7 7 PRO A 100 ? HIS A 119 ? PRO A 100 HIS A 119 1 ? 20 
HELX_P HELX_P8 8 GLY A 124 ? GLY A 150 ? GLY A 124 GLY A 150 1 ? 27 
# 
_struct_conf_type.id          HELX_P 
_struct_conf_type.criteria    ? 
_struct_conf_type.reference   ? 
# 
loop_
_struct_conn.id 
_struct_conn.conn_type_id 
_struct_conn.pdbx_leaving_atom_flag 
_struct_conn.pdbx_PDB_id 
_struct_conn.ptnr1_label_asym_id 
_struct_conn.ptnr1_label_comp_id 
_struct_conn.ptnr1_label_seq_id 
_struct_conn.ptnr1_label_atom_id 
_struct_conn.pdbx_ptnr1_label_alt_id 
_struct_conn.pdbx_ptnr1_PDB_ins_code 
_struct_conn.pdbx_ptnr1_standard_comp_id 
_struct_conn.ptnr1_symmetry 
_struct_conn.ptnr2_label_asym_id 
_struct_conn.ptnr2_label_comp_id 
_struct_conn.ptnr2_label_seq_id 
_struct_conn.ptnr2_label_atom_id 
_struct_conn.pdbx_ptnr2_label_alt_id 
_struct_conn.pdbx_ptnr2_PDB_ins_code 
_struct_conn.ptnr1_auth_asym_id 
_struct_conn.ptnr1_auth_comp_id 
_struct_conn.ptnr1_auth_seq_id 
_struct_conn.ptnr2_auth_asym_id 
_struct_conn.ptnr2_auth_comp_id 
_struct_conn.ptnr2_auth_seq_id 
_struct_conn.ptnr2_symmetry 
_struct_conn.pdbx_ptnr3_label_atom_id 
_struct_conn.pdbx_ptnr3_label_seq_id 
_struct_conn.pdbx_ptnr3_label_comp_id 
_struct_conn.pdbx_ptnr3_label_asym_id 
_struct_conn.pdbx_ptnr3_label_alt_id 
_struct_conn.pdbx_ptnr3_PDB_ins_code 
_struct_conn.details 
_struct_conn.pdbx_dist_value 
_struct_conn.pdbx_value_order 
_struct_conn.pdbx_role 
metalc1 metalc ? ? A HIS 93 NE2 ? ? ? 1_555 D HEM . FE ? ? A HIS 93  A HEM 154 1_555 ? ? ? ? ? ? ? 2.108 ? ? 
metalc2 metalc ? ? D HEM .  FE  ? ? ? 1_555 E NO  . N  ? ? A HEM 154 A NO  155 1_555 ? ? ? ? ? ? ? 2.028 ? ? 
# 
_struct_conn_type.id          metalc 
_struct_conn_type.criteria    ? 
_struct_conn_type.reference   ? 
# 
loop_
_struct_site.id 
_struct_site.pdbx_evidence_code 
_struct_site.pdbx_auth_asym_id 
_struct_site.pdbx_auth_comp_id 
_struct_site.pdbx_auth_seq_id 
_struct_site.pdbx_auth_ins_code 
_struct_site.pdbx_num_residues 
_struct_site.details 
AC1 Software A SO4 156 ? 7  'BINDING SITE FOR RESIDUE SO4 A 156' 
AC2 Software A SO4 157 ? 4  'BINDING SITE FOR RESIDUE SO4 A 157' 
AC3 Software A HEM 154 ? 20 'BINDING SITE FOR RESIDUE HEM A 154' 
AC4 Software A NO  155 ? 4  'BINDING SITE FOR RESIDUE NO A 155'  
# 
loop_
_struct_site_gen.id 
_struct_site_gen.site_id 
_struct_site_gen.pdbx_num_res 
_struct_site_gen.label_comp_id 
_struct_site_gen.label_asym_id 
_struct_site_gen.label_seq_id 
_struct_site_gen.pdbx_auth_ins_code 
_struct_site_gen.auth_comp_id 
_struct_site_gen.auth_asym_id 
_struct_site_gen.auth_seq_id 
_struct_site_gen.label_atom_id 
_struct_site_gen.label_alt_id 
_struct_site_gen.symmetry 
_struct_site_gen.details 
1  AC1 7  SER A 58  ? SER A 58  . ? 1_555 ? 
2  AC1 7  GLU A 59  ? GLU A 59  . ? 1_555 ? 
3  AC1 7  ASP A 60  ? ASP A 60  . ? 1_555 ? 
4  AC1 7  HOH F .   ? HOH A 202 . ? 1_555 ? 
5  AC1 7  HOH F .   ? HOH A 226 . ? 1_555 ? 
6  AC1 7  HOH F .   ? HOH A 244 . ? 1_555 ? 
7  AC1 7  HOH F .   ? HOH A 263 . ? 1_555 ? 
8  AC2 4  HIS A 81  ? HIS A 81  . ? 1_555 ? 
9  AC2 4  HIS A 82  ? HIS A 82  . ? 1_555 ? 
10 AC2 4  GLU A 83  ? GLU A 83  . ? 1_555 ? 
11 AC2 4  HOH F .   ? HOH A 250 . ? 1_555 ? 
12 AC3 20 THR A 39  ? THR A 39  . ? 1_555 ? 
13 AC3 20 LYS A 42  ? LYS A 42  . ? 1_555 ? 
14 AC3 20 PHE A 43  ? PHE A 43  . ? 1_555 ? 
15 AC3 20 LYS A 45  ? LYS A 45  . ? 1_555 ? 
16 AC3 20 HIS A 64  ? HIS A 64  . ? 1_555 ? 
17 AC3 20 VAL A 68  ? VAL A 68  . ? 1_555 ? 
18 AC3 20 LEU A 89  ? LEU A 89  . ? 1_555 ? 
19 AC3 20 SER A 92  ? SER A 92  . ? 1_555 ? 
20 AC3 20 HIS A 93  ? HIS A 93  . ? 1_555 ? 
21 AC3 20 HIS A 97  ? HIS A 97  . ? 1_555 ? 
22 AC3 20 ILE A 99  ? ILE A 99  . ? 1_555 ? 
23 AC3 20 TYR A 103 ? TYR A 103 . ? 1_555 ? 
24 AC3 20 HIS A 116 ? HIS A 116 . ? 1_565 ? 
25 AC3 20 GLN A 128 ? GLN A 128 . ? 1_565 ? 
26 AC3 20 PHE A 138 ? PHE A 138 . ? 1_555 ? 
27 AC3 20 NO  E .   ? NO  A 155 . ? 1_555 ? 
28 AC3 20 HOH F .   ? HOH A 187 . ? 1_555 ? 
29 AC3 20 HOH F .   ? HOH A 200 . ? 1_555 ? 
30 AC3 20 HOH F .   ? HOH A 206 . ? 1_555 ? 
31 AC3 20 HOH F .   ? HOH A 274 . ? 1_555 ? 
32 AC4 4  PHE A 43  ? PHE A 43  . ? 1_555 ? 
33 AC4 4  HIS A 64  ? HIS A 64  . ? 1_555 ? 
34 AC4 4  VAL A 68  ? VAL A 68  . ? 1_555 ? 
35 AC4 4  HEM D .   ? HEM A 154 . ? 1_555 ? 
# 
_atom_sites.entry_id                    1NPF 
_atom_sites.fract_transf_matrix[1][1]   -0.01446562 
_atom_sites.fract_transf_matrix[1][2]   -0.01956485 
_atom_sites.fract_transf_matrix[1][3]   0.01637469 
_atom_sites.fract_transf_matrix[2][1]   -0.03018152 
_atom_sites.fract_transf_matrix[2][2]   0.01492694 
_atom_sites.fract_transf_matrix[2][3]   -0.00882773 
_atom_sites.fract_transf_matrix[3][1]   -0.00333313 
_atom_sites.fract_transf_matrix[3][2]   -0.01267249 
_atom_sites.fract_transf_matrix[3][3]   -0.01003230 
_atom_sites.fract_transf_vector[1]      0.501670 
_atom_sites.fract_transf_vector[2]      0.746425 
_atom_sites.fract_transf_vector[3]      0.254830 
# 
loop_
_atom_type.symbol 
C  
FE 
N  
O  
S  
# 
loop_
_atom_site.group_PDB 
_atom_site.id 
_atom_site.type_symbol 
_atom_site.label_atom_id 
_atom_site.label_alt_id 
_atom_site.label_comp_id 
_atom_site.label_asym_id 
_atom_site.label_entity_id 
_atom_site.label_seq_id 
_atom_site.pdbx_PDB_ins_code 
_atom_site.Cartn_x 
_atom_site.Cartn_y 
_atom_site.Cartn_z 
_atom_site.occupancy 
_atom_site.B_iso_or_equiv 
_atom_site.pdbx_formal_charge 
_atom_site.auth_seq_id 
_atom_site.auth_comp_id 
_atom_site.auth_asym_id 
_atom_site.auth_atom_id 
_atom_site.pdbx_PDB_model_num 
ATOM   1    N  N   . GLY A 1 1   ? 12.946  14.535  2.502   1.00 23.74 ? 1   GLY A N   1 
ATOM   2    C  CA  . GLY A 1 1   ? 12.436  13.914  1.246   1.00 21.88 ? 1   GLY A CA  1 
ATOM   3    C  C   . GLY A 1 1   ? 13.439  12.964  0.617   1.00 20.26 ? 1   GLY A C   1 
ATOM   4    O  O   . GLY A 1 1   ? 14.493  12.694  1.191   1.00 23.00 ? 1   GLY A O   1 
ATOM   5    N  N   . LEU A 1 2   ? 13.114  12.456  -0.566  1.00 17.95 ? 2   LEU A N   1 
ATOM   6    C  CA  . LEU A 1 2   ? 14.001  11.537  -1.270  1.00 15.95 ? 2   LEU A CA  1 
ATOM   7    C  C   . LEU A 1 2   ? 14.843  12.269  -2.305  1.00 15.59 ? 2   LEU A C   1 
ATOM   8    O  O   . LEU A 1 2   ? 14.435  13.304  -2.834  1.00 14.77 ? 2   LEU A O   1 
ATOM   9    C  CB  . LEU A 1 2   ? 13.193  10.443  -1.975  1.00 15.78 ? 2   LEU A CB  1 
ATOM   10   C  CG  . LEU A 1 2   ? 12.630  9.309   -1.118  1.00 15.58 ? 2   LEU A CG  1 
ATOM   11   C  CD1 . LEU A 1 2   ? 11.603  9.863   -0.144  1.00 12.24 ? 2   LEU A CD1 1 
ATOM   12   C  CD2 . LEU A 1 2   ? 12.012  8.248   -2.025  1.00 11.33 ? 2   LEU A CD2 1 
ATOM   13   N  N   . SER A 1 3   ? 16.021  11.725  -2.588  1.00 14.72 ? 3   SER A N   1 
ATOM   14   C  CA  . SER A 1 3   ? 16.906  12.316  -3.575  1.00 15.25 ? 3   SER A CA  1 
ATOM   15   C  C   . SER A 1 3   ? 16.371  11.903  -4.935  1.00 16.66 ? 3   SER A C   1 
ATOM   16   O  O   . SER A 1 3   ? 15.491  11.040  -5.020  1.00 12.68 ? 3   SER A O   1 
ATOM   17   C  CB  . SER A 1 3   ? 18.331  11.783  -3.403  1.00 14.86 ? 3   SER A CB  1 
ATOM   18   O  OG  . SER A 1 3   ? 18.422  10.429  -3.823  1.00 16.73 ? 3   SER A OG  1 
ATOM   19   N  N   . ASP A 1 4   ? 16.885  12.522  -5.995  1.00 17.62 ? 4   ASP A N   1 
ATOM   20   C  CA  . ASP A 1 4   ? 16.458  12.177  -7.345  1.00 18.43 ? 4   ASP A CA  1 
ATOM   21   C  C   . ASP A 1 4   ? 16.837  10.725  -7.581  1.00 17.45 ? 4   ASP A C   1 
ATOM   22   O  O   . ASP A 1 4   ? 16.082  9.965   -8.184  1.00 17.73 ? 4   ASP A O   1 
ATOM   23   C  CB  . ASP A 1 4   ? 17.158  13.062  -8.380  1.00 21.83 ? 4   ASP A CB  1 
ATOM   24   C  CG  . ASP A 1 4   ? 16.741  14.512  -8.283  1.00 26.09 ? 4   ASP A CG  1 
ATOM   25   O  OD1 . ASP A 1 4   ? 15.523  14.778  -8.321  1.00 27.71 ? 4   ASP A OD1 1 
ATOM   26   O  OD2 . ASP A 1 4   ? 17.628  15.385  -8.170  1.00 29.22 ? 4   ASP A OD2 1 
ATOM   27   N  N   . GLY A 1 5   ? 18.016  10.349  -7.097  1.00 16.41 ? 5   GLY A N   1 
ATOM   28   C  CA  . GLY A 1 5   ? 18.481  8.985   -7.256  1.00 16.54 ? 5   GLY A CA  1 
ATOM   29   C  C   . GLY A 1 5   ? 17.567  7.992   -6.563  1.00 15.59 ? 5   GLY A C   1 
ATOM   30   O  O   . GLY A 1 5   ? 17.330  6.894   -7.071  1.00 13.25 ? 5   GLY A O   1 
ATOM   31   N  N   . GLU A 1 6   ? 17.052  8.374   -5.400  1.00 13.44 ? 6   GLU A N   1 
ATOM   32   C  CA  . GLU A 1 6   ? 16.164  7.498   -4.650  1.00 14.84 ? 6   GLU A CA  1 
ATOM   33   C  C   . GLU A 1 6   ? 14.819  7.380   -5.350  1.00 13.68 ? 6   GLU A C   1 
ATOM   34   O  O   . GLU A 1 6   ? 14.233  6.298   -5.401  1.00 12.21 ? 6   GLU A O   1 
ATOM   35   C  CB  . GLU A 1 6   ? 16.003  8.012   -3.216  1.00 13.16 ? 6   GLU A CB  1 
ATOM   36   C  CG  . GLU A 1 6   ? 17.314  7.955   -2.442  1.00 14.56 ? 6   GLU A CG  1 
ATOM   37   C  CD  . GLU A 1 6   ? 17.227  8.575   -1.063  1.00 15.04 ? 6   GLU A CD  1 
ATOM   38   O  OE1 . GLU A 1 6   ? 16.609  9.649   -0.927  1.00 14.01 ? 6   GLU A OE1 1 
ATOM   39   O  OE2 . GLU A 1 6   ? 17.800  7.996   -0.116  1.00 17.13 ? 6   GLU A OE2 1 
ATOM   40   N  N   . TRP A 1 7   ? 14.335  8.488   -5.902  1.00 13.51 ? 7   TRP A N   1 
ATOM   41   C  CA  . TRP A 1 7   ? 13.071  8.453   -6.629  1.00 12.12 ? 7   TRP A CA  1 
ATOM   42   C  C   . TRP A 1 7   ? 13.223  7.557   -7.853  1.00 13.85 ? 7   TRP A C   1 
ATOM   43   O  O   . TRP A 1 7   ? 12.307  6.812   -8.199  1.00 12.15 ? 7   TRP A O   1 
ATOM   44   C  CB  . TRP A 1 7   ? 12.646  9.865   -7.055  1.00 11.51 ? 7   TRP A CB  1 
ATOM   45   C  CG  . TRP A 1 7   ? 11.920  10.606  -5.967  1.00 12.94 ? 7   TRP A CG  1 
ATOM   46   C  CD1 . TRP A 1 7   ? 12.266  11.810  -5.415  1.00 13.54 ? 7   TRP A CD1 1 
ATOM   47   C  CD2 . TRP A 1 7   ? 10.732  10.177  -5.280  1.00 14.25 ? 7   TRP A CD2 1 
ATOM   48   N  NE1 . TRP A 1 7   ? 11.369  12.154  -4.426  1.00 13.24 ? 7   TRP A NE1 1 
ATOM   49   C  CE2 . TRP A 1 7   ? 10.420  11.170  -4.322  1.00 12.71 ? 7   TRP A CE2 1 
ATOM   50   C  CE3 . TRP A 1 7   ? 9.903   9.050   -5.379  1.00 14.83 ? 7   TRP A CE3 1 
ATOM   51   C  CZ2 . TRP A 1 7   ? 9.314   11.069  -3.469  1.00 15.68 ? 7   TRP A CZ2 1 
ATOM   52   C  CZ3 . TRP A 1 7   ? 8.797   8.949   -4.526  1.00 14.69 ? 7   TRP A CZ3 1 
ATOM   53   C  CH2 . TRP A 1 7   ? 8.517   9.956   -3.585  1.00 14.01 ? 7   TRP A CH2 1 
ATOM   54   N  N   . GLN A 1 8   ? 14.382  7.616   -8.504  1.00 14.34 ? 8   GLN A N   1 
ATOM   55   C  CA  . GLN A 1 8   ? 14.608  6.786   -9.681  1.00 16.85 ? 8   GLN A CA  1 
ATOM   56   C  C   . GLN A 1 8   ? 14.511  5.311   -9.310  1.00 16.94 ? 8   GLN A C   1 
ATOM   57   O  O   . GLN A 1 8   ? 13.947  4.512   -10.062 1.00 16.25 ? 8   GLN A O   1 
ATOM   58   C  CB  . GLN A 1 8   ? 15.973  7.088   -10.309 1.00 19.48 ? 8   GLN A CB  1 
ATOM   59   C  CG  . GLN A 1 8   ? 16.249  6.280   -11.578 1.00 19.42 ? 8   GLN A CG  1 
ATOM   60   C  CD  . GLN A 1 8   ? 17.470  6.772   -12.341 1.00 22.57 ? 8   GLN A CD  1 
ATOM   61   O  OE1 . GLN A 1 8   ? 18.553  6.921   -11.775 1.00 24.52 ? 8   GLN A OE1 1 
ATOM   62   N  NE2 . GLN A 1 8   ? 17.301  7.018   -13.635 1.00 23.39 ? 8   GLN A NE2 1 
ATOM   63   N  N   . GLN A 1 9   ? 15.061  4.955   -8.151  1.00 17.55 ? 9   GLN A N   1 
ATOM   64   C  CA  . GLN A 1 9   ? 15.015  3.576   -7.671  1.00 17.98 ? 9   GLN A CA  1 
ATOM   65   C  C   . GLN A 1 9   ? 13.573  3.175   -7.382  1.00 15.81 ? 9   GLN A C   1 
ATOM   66   O  O   . GLN A 1 9   ? 13.141  2.086   -7.756  1.00 16.10 ? 9   GLN A O   1 
ATOM   67   C  CB  . GLN A 1 9   ? 15.848  3.417   -6.393  1.00 21.36 ? 9   GLN A CB  1 
ATOM   68   C  CG  . GLN A 1 9   ? 17.342  3.262   -6.628  1.00 27.40 ? 9   GLN A CG  1 
ATOM   69   C  CD  . GLN A 1 9   ? 17.692  1.933   -7.272  1.00 29.96 ? 9   GLN A CD  1 
ATOM   70   O  OE1 . GLN A 1 9   ? 17.545  0.870   -6.663  1.00 29.84 ? 9   GLN A OE1 1 
ATOM   71   N  NE2 . GLN A 1 9   ? 18.155  1.985   -8.516  1.00 33.70 ? 9   GLN A NE2 1 
ATOM   72   N  N   . VAL A 1 10  ? 12.840  4.060   -6.714  1.00 13.64 ? 10  VAL A N   1 
ATOM   73   C  CA  . VAL A 1 10  ? 11.448  3.802   -6.369  1.00 11.39 ? 10  VAL A CA  1 
ATOM   74   C  C   . VAL A 1 10  ? 10.633  3.473   -7.615  1.00 12.29 ? 10  VAL A C   1 
ATOM   75   O  O   . VAL A 1 10  ? 9.917   2.469   -7.654  1.00 10.70 ? 10  VAL A O   1 
ATOM   76   C  CB  . VAL A 1 10  ? 10.798  5.024   -5.662  1.00 10.61 ? 10  VAL A CB  1 
ATOM   77   C  CG1 . VAL A 1 10  ? 9.315   4.769   -5.431  1.00 10.76 ? 10  VAL A CG1 1 
ATOM   78   C  CG2 . VAL A 1 10  ? 11.481  5.283   -4.329  1.00 11.12 ? 10  VAL A CG2 1 
ATOM   79   N  N   . LEU A 1 11  ? 10.744  4.313   -8.640  1.00 11.04 ? 11  LEU A N   1 
ATOM   80   C  CA  . LEU A 1 11  ? 9.985   4.079   -9.856  1.00 11.81 ? 11  LEU A CA  1 
ATOM   81   C  C   . LEU A 1 11  ? 10.536  2.917   -10.677 1.00 13.05 ? 11  LEU A C   1 
ATOM   82   O  O   . LEU A 1 11  ? 9.822   2.340   -11.495 1.00 11.88 ? 11  LEU A O   1 
ATOM   83   C  CB  . LEU A 1 11  ? 9.911   5.367   -10.683 1.00 11.47 ? 11  LEU A CB  1 
ATOM   84   C  CG  . LEU A 1 11  ? 9.199   6.499   -9.925  1.00 13.81 ? 11  LEU A CG  1 
ATOM   85   C  CD1 . LEU A 1 11  ? 9.085   7.738   -10.796 1.00 11.50 ? 11  LEU A CD1 1 
ATOM   86   C  CD2 . LEU A 1 11  ? 7.801   6.032   -9.503  1.00 10.95 ? 11  LEU A CD2 1 
ATOM   87   N  N   . ASN A 1 12  ? 11.798  2.561   -10.461 1.00 12.94 ? 12  ASN A N   1 
ATOM   88   C  CA  . ASN A 1 12  ? 12.364  1.435   -11.187 1.00 14.62 ? 12  ASN A CA  1 
ATOM   89   C  C   . ASN A 1 12  ? 11.800  0.169   -10.544 1.00 14.61 ? 12  ASN A C   1 
ATOM   90   O  O   . ASN A 1 12  ? 11.429  -0.781  -11.231 1.00 14.68 ? 12  ASN A O   1 
ATOM   91   C  CB  . ASN A 1 12  ? 13.894  1.439   -11.114 1.00 17.48 ? 12  ASN A CB  1 
ATOM   92   C  CG  . ASN A 1 12  ? 14.512  0.261   -11.855 1.00 21.25 ? 12  ASN A CG  1 
ATOM   93   O  OD1 . ASN A 1 12  ? 14.659  -0.828  -11.304 1.00 24.03 ? 12  ASN A OD1 1 
ATOM   94   N  ND2 . ASN A 1 12  ? 14.856  0.473   -13.118 1.00 23.81 ? 12  ASN A ND2 1 
ATOM   95   N  N   . VAL A 1 13  ? 11.724  0.174   -9.218  1.00 15.02 ? 13  VAL A N   1 
ATOM   96   C  CA  . VAL A 1 13  ? 11.172  -0.955  -8.483  1.00 15.56 ? 13  VAL A CA  1 
ATOM   97   C  C   . VAL A 1 13  ? 9.691   -1.100  -8.825  1.00 15.05 ? 13  VAL A C   1 
ATOM   98   O  O   . VAL A 1 13  ? 9.191   -2.213  -8.990  1.00 15.55 ? 13  VAL A O   1 
ATOM   99   C  CB  . VAL A 1 13  ? 11.303  -0.749  -6.953  1.00 18.18 ? 13  VAL A CB  1 
ATOM   100  C  CG1 . VAL A 1 13  ? 10.441  -1.758  -6.211  1.00 17.32 ? 13  VAL A CG1 1 
ATOM   101  C  CG2 . VAL A 1 13  ? 12.762  -0.889  -6.526  1.00 16.99 ? 13  VAL A CG2 1 
ATOM   102  N  N   . TRP A 1 14  ? 8.996   0.028   -8.949  1.00 12.06 ? 14  TRP A N   1 
ATOM   103  C  CA  . TRP A 1 14  ? 7.564   0.000   -9.244  1.00 12.94 ? 14  TRP A CA  1 
ATOM   104  C  C   . TRP A 1 14  ? 7.290   -0.660  -10.587 1.00 14.72 ? 14  TRP A C   1 
ATOM   105  O  O   . TRP A 1 14  ? 6.194   -1.175  -10.828 1.00 13.22 ? 14  TRP A O   1 
ATOM   106  C  CB  . TRP A 1 14  ? 6.982   1.415   -9.219  1.00 14.15 ? 14  TRP A CB  1 
ATOM   107  C  CG  . TRP A 1 14  ? 5.485   1.428   -9.125  1.00 13.41 ? 14  TRP A CG  1 
ATOM   108  C  CD1 . TRP A 1 14  ? 4.600   1.731   -10.122 1.00 15.14 ? 14  TRP A CD1 1 
ATOM   109  C  CD2 . TRP A 1 14  ? 4.698   1.075   -7.984  1.00 13.41 ? 14  TRP A CD2 1 
ATOM   110  N  NE1 . TRP A 1 14  ? 3.307   1.584   -9.671  1.00 13.15 ? 14  TRP A NE1 1 
ATOM   111  C  CE2 . TRP A 1 14  ? 3.338   1.181   -8.362  1.00 14.13 ? 14  TRP A CE2 1 
ATOM   112  C  CE3 . TRP A 1 14  ? 5.006   0.675   -6.676  1.00 13.04 ? 14  TRP A CE3 1 
ATOM   113  C  CZ2 . TRP A 1 14  ? 2.289   0.904   -7.479  1.00 12.56 ? 14  TRP A CZ2 1 
ATOM   114  C  CZ3 . TRP A 1 14  ? 3.962   0.398   -5.798  1.00 15.35 ? 14  TRP A CZ3 1 
ATOM   115  C  CH2 . TRP A 1 14  ? 2.619   0.514   -6.207  1.00 12.86 ? 14  TRP A CH2 1 
ATOM   116  N  N   . GLY A 1 15  ? 8.297   -0.653  -11.458 1.00 13.95 ? 15  GLY A N   1 
ATOM   117  C  CA  . GLY A 1 15  ? 8.148   -1.276  -12.759 1.00 15.19 ? 15  GLY A CA  1 
ATOM   118  C  C   . GLY A 1 15  ? 7.745   -2.727  -12.588 1.00 15.28 ? 15  GLY A C   1 
ATOM   119  O  O   . GLY A 1 15  ? 7.042   -3.290  -13.429 1.00 17.49 ? 15  GLY A O   1 
ATOM   120  N  N   . LYS A 1 16  ? 8.197   -3.333  -11.492 1.00 14.06 ? 16  LYS A N   1 
ATOM   121  C  CA  . LYS A 1 16  ? 7.882   -4.727  -11.192 1.00 14.83 ? 16  LYS A CA  1 
ATOM   122  C  C   . LYS A 1 16  ? 6.397   -4.881  -10.904 1.00 15.37 ? 16  LYS A C   1 
ATOM   123  O  O   . LYS A 1 16  ? 5.759   -5.839  -11.346 1.00 11.91 ? 16  LYS A O   1 
ATOM   124  C  CB  . LYS A 1 16  ? 8.675   -5.203  -9.972  1.00 15.97 ? 16  LYS A CB  1 
ATOM   125  C  CG  . LYS A 1 16  ? 10.153  -5.410  -10.221 1.00 17.90 ? 16  LYS A CG  1 
ATOM   126  C  CD  . LYS A 1 16  ? 10.867  -5.742  -8.922  1.00 16.75 ? 16  LYS A CD  1 
ATOM   127  C  CE  . LYS A 1 16  ? 12.259  -6.286  -9.173  1.00 18.33 ? 16  LYS A CE  1 
ATOM   128  N  NZ  . LYS A 1 16  ? 13.109  -5.383  -9.991  1.00 19.01 ? 16  LYS A NZ  1 
ATOM   129  N  N   . VAL A 1 17  ? 5.851   -3.930  -10.152 1.00 13.45 ? 17  VAL A N   1 
ATOM   130  C  CA  . VAL A 1 17  ? 4.441   -3.961  -9.796  1.00 15.04 ? 17  VAL A CA  1 
ATOM   131  C  C   . VAL A 1 17  ? 3.531   -3.799  -11.012 1.00 14.35 ? 17  VAL A C   1 
ATOM   132  O  O   . VAL A 1 17  ? 2.517   -4.492  -11.137 1.00 14.80 ? 17  VAL A O   1 
ATOM   133  C  CB  . VAL A 1 17  ? 4.107   -2.845  -8.782  1.00 13.82 ? 17  VAL A CB  1 
ATOM   134  C  CG1 . VAL A 1 17  ? 2.649   -2.944  -8.360  1.00 14.11 ? 17  VAL A CG1 1 
ATOM   135  C  CG2 . VAL A 1 17  ? 5.025   -2.950  -7.571  1.00 15.21 ? 17  VAL A CG2 1 
ATOM   136  N  N   . GLU A 1 18  ? 3.895   -2.886  -11.908 1.00 15.41 ? 18  GLU A N   1 
ATOM   137  C  CA  . GLU A 1 18  ? 3.083   -2.623  -13.090 1.00 16.04 ? 18  GLU A CA  1 
ATOM   138  C  C   . GLU A 1 18  ? 3.040   -3.759  -14.107 1.00 15.39 ? 18  GLU A C   1 
ATOM   139  O  O   . GLU A 1 18  ? 2.193   -3.755  -15.000 1.00 13.92 ? 18  GLU A O   1 
ATOM   140  C  CB  . GLU A 1 18  ? 3.550   -1.339  -13.782 1.00 18.61 ? 18  GLU A CB  1 
ATOM   141  C  CG  . GLU A 1 18  ? 3.574   -0.125  -12.866 1.00 23.02 ? 18  GLU A CG  1 
ATOM   142  C  CD  . GLU A 1 18  ? 3.757   1.180   -13.625 1.00 25.58 ? 18  GLU A CD  1 
ATOM   143  O  OE1 . GLU A 1 18  ? 4.587   1.222   -14.559 1.00 26.59 ? 18  GLU A OE1 1 
ATOM   144  O  OE2 . GLU A 1 18  ? 3.076   2.167   -13.275 1.00 26.32 ? 18  GLU A OE2 1 
ATOM   145  N  N   . ALA A 1 19  ? 3.946   -4.727  -13.985 1.00 14.65 ? 19  ALA A N   1 
ATOM   146  C  CA  . ALA A 1 19  ? 3.949   -5.849  -14.924 1.00 12.86 ? 19  ALA A CA  1 
ATOM   147  C  C   . ALA A 1 19  ? 2.845   -6.835  -14.539 1.00 13.95 ? 19  ALA A C   1 
ATOM   148  O  O   . ALA A 1 19  ? 2.374   -7.610  -15.371 1.00 15.00 ? 19  ALA A O   1 
ATOM   149  C  CB  . ALA A 1 19  ? 5.306   -6.542  -14.925 1.00 14.00 ? 19  ALA A CB  1 
ATOM   150  N  N   . ASP A 1 20  ? 2.445   -6.802  -13.267 1.00 11.94 ? 20  ASP A N   1 
ATOM   151  C  CA  . ASP A 1 20  ? 1.383   -7.665  -12.749 1.00 13.53 ? 20  ASP A CA  1 
ATOM   152  C  C   . ASP A 1 20  ? 0.753   -6.973  -11.548 1.00 14.84 ? 20  ASP A C   1 
ATOM   153  O  O   . ASP A 1 20  ? 0.902   -7.403  -10.400 1.00 13.63 ? 20  ASP A O   1 
ATOM   154  C  CB  . ASP A 1 20  ? 1.938   -9.036  -12.351 1.00 15.68 ? 20  ASP A CB  1 
ATOM   155  C  CG  . ASP A 1 20  ? 0.863   -9.968  -11.813 1.00 17.09 ? 20  ASP A CG  1 
ATOM   156  O  OD1 . ASP A 1 20  ? -0.336  -9.716  -12.066 1.00 20.43 ? 20  ASP A OD1 1 
ATOM   157  O  OD2 . ASP A 1 20  ? 1.219   -10.960 -11.142 1.00 17.82 ? 20  ASP A OD2 1 
ATOM   158  N  N   . ILE A 1 21  ? 0.041   -5.889  -11.836 1.00 14.56 ? 21  ILE A N   1 
ATOM   159  C  CA  . ILE A 1 21  ? -0.607  -5.085  -10.813 1.00 17.79 ? 21  ILE A CA  1 
ATOM   160  C  C   . ILE A 1 21  ? -1.618  -5.884  -9.987  1.00 18.01 ? 21  ILE A C   1 
ATOM   161  O  O   . ILE A 1 21  ? -1.703  -5.722  -8.771  1.00 16.54 ? 21  ILE A O   1 
ATOM   162  C  CB  . ILE A 1 21  ? -1.295  -3.858  -11.465 1.00 17.90 ? 21  ILE A CB  1 
ATOM   163  C  CG1 . ILE A 1 21  ? -1.786  -2.891  -10.387 1.00 22.17 ? 21  ILE A CG1 1 
ATOM   164  C  CG2 . ILE A 1 21  ? -2.451  -4.312  -12.340 1.00 20.38 ? 21  ILE A CG2 1 
ATOM   165  C  CD1 . ILE A 1 21  ? -0.667  -2.231  -9.614  1.00 22.71 ? 21  ILE A CD1 1 
ATOM   166  N  N   . ALA A 1 22  ? -2.370  -6.761  -10.648 1.00 18.76 ? 22  ALA A N   1 
ATOM   167  C  CA  . ALA A 1 22  ? -3.368  -7.580  -9.968  1.00 19.02 ? 22  ALA A CA  1 
ATOM   168  C  C   . ALA A 1 22  ? -2.731  -8.593  -9.020  1.00 17.44 ? 22  ALA A C   1 
ATOM   169  O  O   . ALA A 1 22  ? -3.193  -8.770  -7.897  1.00 16.39 ? 22  ALA A O   1 
ATOM   170  C  CB  . ALA A 1 22  ? -4.235  -8.311  -10.994 1.00 19.49 ? 22  ALA A CB  1 
ATOM   171  N  N   . GLY A 1 23  ? -1.682  -9.263  -9.491  1.00 15.67 ? 23  GLY A N   1 
ATOM   172  C  CA  . GLY A 1 23  ? -1.001  -10.255 -8.680  1.00 14.89 ? 23  GLY A CA  1 
ATOM   173  C  C   . GLY A 1 23  ? -0.362  -9.634  -7.456  1.00 13.48 ? 23  GLY A C   1 
ATOM   174  O  O   . GLY A 1 23  ? -0.488  -10.150 -6.343  1.00 12.08 ? 23  GLY A O   1 
ATOM   175  N  N   . HIS A 1 24  ? 0.330   -8.519  -7.655  1.00 12.86 ? 24  HIS A N   1 
ATOM   176  C  CA  . HIS A 1 24  ? 0.963   -7.835  -6.539  1.00 11.31 ? 24  HIS A CA  1 
ATOM   177  C  C   . HIS A 1 24  ? -0.113  -7.309  -5.588  1.00 11.16 ? 24  HIS A C   1 
ATOM   178  O  O   . HIS A 1 24  ? 0.000   -7.452  -4.371  1.00 9.88  ? 24  HIS A O   1 
ATOM   179  C  CB  . HIS A 1 24  ? 1.839   -6.677  -7.036  1.00 11.88 ? 24  HIS A CB  1 
ATOM   180  C  CG  . HIS A 1 24  ? 3.132   -7.116  -7.649  1.00 13.83 ? 24  HIS A CG  1 
ATOM   181  N  ND1 . HIS A 1 24  ? 3.210   -7.702  -8.896  1.00 13.11 ? 24  HIS A ND1 1 
ATOM   182  C  CD2 . HIS A 1 24  ? 4.402   -7.070  -7.177  1.00 10.73 ? 24  HIS A CD2 1 
ATOM   183  C  CE1 . HIS A 1 24  ? 4.470   -7.998  -9.164  1.00 9.66  ? 24  HIS A CE1 1 
ATOM   184  N  NE2 . HIS A 1 24  ? 5.213   -7.625  -8.136  1.00 11.39 ? 24  HIS A NE2 1 
ATOM   185  N  N   . GLY A 1 25  ? -1.157  -6.705  -6.148  1.00 11.41 ? 25  GLY A N   1 
ATOM   186  C  CA  . GLY A 1 25  ? -2.231  -6.176  -5.325  1.00 11.71 ? 25  GLY A CA  1 
ATOM   187  C  C   . GLY A 1 25  ? -2.873  -7.234  -4.446  1.00 13.17 ? 25  GLY A C   1 
ATOM   188  O  O   . GLY A 1 25  ? -3.103  -7.014  -3.260  1.00 12.00 ? 25  GLY A O   1 
ATOM   189  N  N   . GLN A 1 26  ? -3.164  -8.389  -5.033  1.00 14.00 ? 26  GLN A N   1 
ATOM   190  C  CA  . GLN A 1 26  ? -3.780  -9.489  -4.306  1.00 15.81 ? 26  GLN A CA  1 
ATOM   191  C  C   . GLN A 1 26  ? -2.898  -9.970  -3.153  1.00 14.80 ? 26  GLN A C   1 
ATOM   192  O  O   . GLN A 1 26  ? -3.367  -10.118 -2.025  1.00 13.93 ? 26  GLN A O   1 
ATOM   193  C  CB  . GLN A 1 26  ? -4.054  -10.651 -5.268  1.00 16.70 ? 26  GLN A CB  1 
ATOM   194  C  CG  . GLN A 1 26  ? -4.373  -11.973 -4.583  1.00 21.63 ? 26  GLN A CG  1 
ATOM   195  C  CD  . GLN A 1 26  ? -4.395  -13.140 -5.556  1.00 25.40 ? 26  GLN A CD  1 
ATOM   196  O  OE1 . GLN A 1 26  ? -5.380  -13.366 -6.263  1.00 27.86 ? 26  GLN A OE1 1 
ATOM   197  N  NE2 . GLN A 1 26  ? -3.293  -13.878 -5.610  1.00 28.06 ? 26  GLN A NE2 1 
ATOM   198  N  N   . GLU A 1 27  ? -1.621  -10.211 -3.440  1.00 13.56 ? 27  GLU A N   1 
ATOM   199  C  CA  . GLU A 1 27  ? -0.696  -10.686 -2.416  1.00 14.78 ? 27  GLU A CA  1 
ATOM   200  C  C   . GLU A 1 27  ? -0.503  -9.686  -1.278  1.00 14.15 ? 27  GLU A C   1 
ATOM   201  O  O   . GLU A 1 27  ? -0.371  -10.079 -0.114  1.00 14.73 ? 27  GLU A O   1 
ATOM   202  C  CB  . GLU A 1 27  ? 0.650   -11.042 -3.045  1.00 15.47 ? 27  GLU A CB  1 
ATOM   203  C  CG  . GLU A 1 27  ? 0.587   -12.307 -3.885  1.00 17.60 ? 27  GLU A CG  1 
ATOM   204  C  CD  . GLU A 1 27  ? 1.949   -12.757 -4.374  1.00 19.65 ? 27  GLU A CD  1 
ATOM   205  O  OE1 . GLU A 1 27  ? 2.919   -12.698 -3.586  1.00 17.55 ? 27  GLU A OE1 1 
ATOM   206  O  OE2 . GLU A 1 27  ? 2.043   -13.185 -5.543  1.00 21.77 ? 27  GLU A OE2 1 
ATOM   207  N  N   . VAL A 1 28  ? -0.484  -8.399  -1.603  1.00 10.98 ? 28  VAL A N   1 
ATOM   208  C  CA  . VAL A 1 28  ? -0.333  -7.388  -0.562  1.00 10.82 ? 28  VAL A CA  1 
ATOM   209  C  C   . VAL A 1 28  ? -1.526  -7.492  0.394   1.00 11.86 ? 28  VAL A C   1 
ATOM   210  O  O   . VAL A 1 28  ? -1.349  -7.596  1.610   1.00 13.74 ? 28  VAL A O   1 
ATOM   211  C  CB  . VAL A 1 28  ? -0.258  -5.953  -1.163  1.00 10.91 ? 28  VAL A CB  1 
ATOM   212  C  CG1 . VAL A 1 28  ? -0.420  -4.900  -0.063  1.00 11.22 ? 28  VAL A CG1 1 
ATOM   213  C  CG2 . VAL A 1 28  ? 1.087   -5.751  -1.855  1.00 11.97 ? 28  VAL A CG2 1 
ATOM   214  N  N   . LEU A 1 29  ? -2.742  -7.483  -0.150  1.00 9.87  ? 29  LEU A N   1 
ATOM   215  C  CA  . LEU A 1 29  ? -3.923  -7.571  0.705   1.00 11.10 ? 29  LEU A CA  1 
ATOM   216  C  C   . LEU A 1 29  ? -3.979  -8.879  1.499   1.00 12.02 ? 29  LEU A C   1 
ATOM   217  O  O   . LEU A 1 29  ? -4.347  -8.867  2.669   1.00 13.67 ? 29  LEU A O   1 
ATOM   218  C  CB  . LEU A 1 29  ? -5.204  -7.398  -0.116  1.00 10.50 ? 29  LEU A CB  1 
ATOM   219  C  CG  . LEU A 1 29  ? -5.412  -6.002  -0.717  1.00 11.31 ? 29  LEU A CG  1 
ATOM   220  C  CD1 . LEU A 1 29  ? -6.696  -5.991  -1.540  1.00 9.54  ? 29  LEU A CD1 1 
ATOM   221  C  CD2 . LEU A 1 29  ? -5.479  -4.951  0.390   1.00 11.01 ? 29  LEU A CD2 1 
ATOM   222  N  N   . ILE A 1 30  ? -3.616  -9.999  0.875   1.00 13.26 ? 30  ILE A N   1 
ATOM   223  C  CA  . ILE A 1 30  ? -3.631  -11.281 1.584   1.00 14.15 ? 30  ILE A CA  1 
ATOM   224  C  C   . ILE A 1 30  ? -2.624  -11.260 2.733   1.00 14.55 ? 30  ILE A C   1 
ATOM   225  O  O   . ILE A 1 30  ? -2.899  -11.767 3.822   1.00 14.94 ? 30  ILE A O   1 
ATOM   226  C  CB  . ILE A 1 30  ? -3.327  -12.475 0.626   1.00 13.91 ? 30  ILE A CB  1 
ATOM   227  C  CG1 . ILE A 1 30  ? -4.578  -12.791 -0.209  1.00 15.41 ? 30  ILE A CG1 1 
ATOM   228  C  CG2 . ILE A 1 30  ? -2.897  -13.700 1.425   1.00 16.67 ? 30  ILE A CG2 1 
ATOM   229  C  CD1 . ILE A 1 30  ? -4.391  -13.894 -1.248  1.00 14.86 ? 30  ILE A CD1 1 
ATOM   230  N  N   . ARG A 1 31  ? -1.460  -10.672 2.486   1.00 14.71 ? 31  ARG A N   1 
ATOM   231  C  CA  . ARG A 1 31  ? -0.428  -10.569 3.511   1.00 13.85 ? 31  ARG A CA  1 
ATOM   232  C  C   . ARG A 1 31  ? -0.971  -9.695  4.645   1.00 14.47 ? 31  ARG A C   1 
ATOM   233  O  O   . ARG A 1 31  ? -0.775  -9.993  5.821   1.00 13.42 ? 31  ARG A O   1 
ATOM   234  C  CB  . ARG A 1 31  ? 0.836   -9.945  2.910   1.00 17.77 ? 31  ARG A CB  1 
ATOM   235  C  CG  . ARG A 1 31  ? 1.943   -9.641  3.907   1.00 18.25 ? 31  ARG A CG  1 
ATOM   236  C  CD  . ARG A 1 31  ? 2.537   -10.905 4.504   1.00 19.40 ? 31  ARG A CD  1 
ATOM   237  N  NE  . ARG A 1 31  ? 3.688   -10.590 5.347   1.00 21.91 ? 31  ARG A NE  1 
ATOM   238  C  CZ  . ARG A 1 31  ? 4.467   -11.500 5.923   1.00 22.43 ? 31  ARG A CZ  1 
ATOM   239  N  NH1 . ARG A 1 31  ? 4.221   -12.791 5.751   1.00 22.42 ? 31  ARG A NH1 1 
ATOM   240  N  NH2 . ARG A 1 31  ? 5.492   -11.115 6.668   1.00 24.07 ? 31  ARG A NH2 1 
ATOM   241  N  N   . LEU A 1 32  ? -1.666  -8.620  4.282   1.00 12.73 ? 32  LEU A N   1 
ATOM   242  C  CA  . LEU A 1 32  ? -2.245  -7.707  5.267   1.00 14.35 ? 32  LEU A CA  1 
ATOM   243  C  C   . LEU A 1 32  ? -3.326  -8.385  6.111   1.00 13.84 ? 32  LEU A C   1 
ATOM   244  O  O   . LEU A 1 32  ? -3.324  -8.285  7.341   1.00 13.53 ? 32  LEU A O   1 
ATOM   245  C  CB  . LEU A 1 32  ? -2.857  -6.492  4.562   1.00 13.98 ? 32  LEU A CB  1 
ATOM   246  C  CG  . LEU A 1 32  ? -3.548  -5.453  5.454   1.00 11.32 ? 32  LEU A CG  1 
ATOM   247  C  CD1 . LEU A 1 32  ? -2.511  -4.776  6.340   1.00 10.45 ? 32  LEU A CD1 1 
ATOM   248  C  CD2 . LEU A 1 32  ? -4.266  -4.425  4.589   1.00 13.62 ? 32  LEU A CD2 1 
ATOM   249  N  N   . PHE A 1 33  ? -4.245  -9.076  5.442   1.00 13.88 ? 33  PHE A N   1 
ATOM   250  C  CA  . PHE A 1 33  ? -5.350  -9.744  6.128   1.00 14.89 ? 33  PHE A CA  1 
ATOM   251  C  C   . PHE A 1 33  ? -4.946  -10.947 6.967   1.00 15.97 ? 33  PHE A C   1 
ATOM   252  O  O   . PHE A 1 33  ? -5.475  -11.141 8.061   1.00 13.90 ? 33  PHE A O   1 
ATOM   253  C  CB  . PHE A 1 33  ? -6.423  -10.183 5.125   1.00 13.18 ? 33  PHE A CB  1 
ATOM   254  C  CG  . PHE A 1 33  ? -7.048  -9.052  4.359   1.00 14.44 ? 33  PHE A CG  1 
ATOM   255  C  CD1 . PHE A 1 33  ? -7.121  -7.768  4.908   1.00 13.11 ? 33  PHE A CD1 1 
ATOM   256  C  CD2 . PHE A 1 33  ? -7.598  -9.276  3.099   1.00 13.76 ? 33  PHE A CD2 1 
ATOM   257  C  CE1 . PHE A 1 33  ? -7.735  -6.727  4.213   1.00 12.32 ? 33  PHE A CE1 1 
ATOM   258  C  CE2 . PHE A 1 33  ? -8.216  -8.240  2.394   1.00 14.55 ? 33  PHE A CE2 1 
ATOM   259  C  CZ  . PHE A 1 33  ? -8.286  -6.967  2.949   1.00 13.59 ? 33  PHE A CZ  1 
ATOM   260  N  N   . THR A 1 34  ? -4.031  -11.763 6.457   1.00 16.73 ? 34  THR A N   1 
ATOM   261  C  CA  . THR A 1 34  ? -3.596  -12.937 7.205   1.00 17.03 ? 34  THR A CA  1 
ATOM   262  C  C   . THR A 1 34  ? -2.702  -12.527 8.368   1.00 17.92 ? 34  THR A C   1 
ATOM   263  O  O   . THR A 1 34  ? -2.763  -13.115 9.449   1.00 17.48 ? 34  THR A O   1 
ATOM   264  C  CB  . THR A 1 34  ? -2.846  -13.961 6.295   1.00 16.50 ? 34  THR A CB  1 
ATOM   265  O  OG1 . THR A 1 34  ? -1.690  -13.350 5.709   1.00 16.17 ? 34  THR A OG1 1 
ATOM   266  C  CG2 . THR A 1 34  ? -3.768  -14.464 5.195   1.00 13.60 ? 34  THR A CG2 1 
ATOM   267  N  N   . GLY A 1 35  ? -1.883  -11.501 8.158   1.00 18.52 ? 35  GLY A N   1 
ATOM   268  C  CA  . GLY A 1 35  ? -1.002  -11.054 9.220   1.00 18.64 ? 35  GLY A CA  1 
ATOM   269  C  C   . GLY A 1 35  ? -1.679  -10.204 10.285  1.00 18.94 ? 35  GLY A C   1 
ATOM   270  O  O   . GLY A 1 35  ? -1.249  -10.189 11.444  1.00 18.84 ? 35  GLY A O   1 
ATOM   271  N  N   . HIS A 1 36  ? -2.737  -9.499  9.895   1.00 17.47 ? 36  HIS A N   1 
ATOM   272  C  CA  . HIS A 1 36  ? -3.468  -8.624  10.811  1.00 17.63 ? 36  HIS A CA  1 
ATOM   273  C  C   . HIS A 1 36  ? -4.973  -8.764  10.573  1.00 17.14 ? 36  HIS A C   1 
ATOM   274  O  O   . HIS A 1 36  ? -5.599  -7.897  9.965   1.00 17.57 ? 36  HIS A O   1 
ATOM   275  C  CB  . HIS A 1 36  ? -3.021  -7.176  10.578  1.00 17.25 ? 36  HIS A CB  1 
ATOM   276  C  CG  . HIS A 1 36  ? -1.533  -7.001  10.600  1.00 16.95 ? 36  HIS A CG  1 
ATOM   277  N  ND1 . HIS A 1 36  ? -0.811  -6.895  11.769  1.00 17.33 ? 36  HIS A ND1 1 
ATOM   278  C  CD2 . HIS A 1 36  ? -0.625  -6.975  9.596   1.00 18.13 ? 36  HIS A CD2 1 
ATOM   279  C  CE1 . HIS A 1 36  ? 0.476   -6.812  11.486  1.00 16.76 ? 36  HIS A CE1 1 
ATOM   280  N  NE2 . HIS A 1 36  ? 0.616   -6.859  10.173  1.00 18.48 ? 36  HIS A NE2 1 
ATOM   281  N  N   . PRO A 1 37  ? -5.571  -9.865  11.058  1.00 17.34 ? 37  PRO A N   1 
ATOM   282  C  CA  . PRO A 1 37  ? -6.999  -10.160 10.912  1.00 16.51 ? 37  PRO A CA  1 
ATOM   283  C  C   . PRO A 1 37  ? -7.945  -8.995  11.187  1.00 17.26 ? 37  PRO A C   1 
ATOM   284  O  O   . PRO A 1 37  ? -8.976  -8.861  10.529  1.00 15.26 ? 37  PRO A O   1 
ATOM   285  C  CB  . PRO A 1 37  ? -7.212  -11.315 11.888  1.00 18.31 ? 37  PRO A CB  1 
ATOM   286  C  CG  . PRO A 1 37  ? -5.919  -12.048 11.806  1.00 16.01 ? 37  PRO A CG  1 
ATOM   287  C  CD  . PRO A 1 37  ? -4.905  -10.917 11.849  1.00 16.73 ? 37  PRO A CD  1 
ATOM   288  N  N   . GLU A 1 38  ? -7.605  -8.159  12.161  1.00 17.54 ? 38  GLU A N   1 
ATOM   289  C  CA  . GLU A 1 38  ? -8.464  -7.029  12.492  1.00 16.53 ? 38  GLU A CA  1 
ATOM   290  C  C   . GLU A 1 38  ? -8.702  -6.132  11.281  1.00 18.61 ? 38  GLU A C   1 
ATOM   291  O  O   . GLU A 1 38  ? -9.762  -5.515  11.159  1.00 18.97 ? 38  GLU A O   1 
ATOM   292  C  CB  . GLU A 1 38  ? -7.855  -6.200  13.631  1.00 17.88 ? 38  GLU A CB  1 
ATOM   293  C  CG  . GLU A 1 38  ? -6.594  -5.449  13.248  1.00 18.20 ? 38  GLU A CG  1 
ATOM   294  C  CD  . GLU A 1 38  ? -5.332  -6.211  13.579  1.00 18.56 ? 38  GLU A CD  1 
ATOM   295  O  OE1 . GLU A 1 38  ? -5.271  -7.429  13.300  1.00 20.17 ? 38  GLU A OE1 1 
ATOM   296  O  OE2 . GLU A 1 38  ? -4.397  -5.585  14.111  1.00 16.17 ? 38  GLU A OE2 1 
ATOM   297  N  N   . THR A 1 39  ? -7.719  -6.064  10.383  1.00 17.34 ? 39  THR A N   1 
ATOM   298  C  CA  . THR A 1 39  ? -7.841  -5.220  9.203   1.00 18.06 ? 39  THR A CA  1 
ATOM   299  C  C   . THR A 1 39  ? -8.967  -5.696  8.300   1.00 17.20 ? 39  THR A C   1 
ATOM   300  O  O   . THR A 1 39  ? -9.667  -4.888  7.693   1.00 17.18 ? 39  THR A O   1 
ATOM   301  C  CB  . THR A 1 39  ? -6.514  -5.153  8.394   1.00 16.71 ? 39  THR A CB  1 
ATOM   302  O  OG1 . THR A 1 39  ? -6.145  -6.459  7.936   1.00 15.47 ? 39  THR A OG1 1 
ATOM   303  C  CG2 . THR A 1 39  ? -5.394  -4.589  9.259   1.00 16.81 ? 39  THR A CG2 1 
ATOM   304  N  N   . LEU A 1 40  ? -9.153  -7.011  8.224   1.00 18.26 ? 40  LEU A N   1 
ATOM   305  C  CA  . LEU A 1 40  ? -10.208 -7.573  7.391   1.00 19.66 ? 40  LEU A CA  1 
ATOM   306  C  C   . LEU A 1 40  ? -11.571 -7.027  7.818   1.00 18.91 ? 40  LEU A C   1 
ATOM   307  O  O   . LEU A 1 40  ? -12.448 -6.789  6.984   1.00 18.93 ? 40  LEU A O   1 
ATOM   308  C  CB  . LEU A 1 40  ? -10.220 -9.101  7.501   1.00 20.42 ? 40  LEU A CB  1 
ATOM   309  C  CG  . LEU A 1 40  ? -11.217 -9.816  6.583   1.00 22.08 ? 40  LEU A CG  1 
ATOM   310  C  CD1 . LEU A 1 40  ? -10.715 -9.743  5.142   1.00 19.99 ? 40  LEU A CD1 1 
ATOM   311  C  CD2 . LEU A 1 40  ? -11.387 -11.269 7.022   1.00 21.25 ? 40  LEU A CD2 1 
ATOM   312  N  N   . GLU A 1 41  ? -11.744 -6.816  9.117   1.00 17.87 ? 41  GLU A N   1 
ATOM   313  C  CA  . GLU A 1 41  ? -13.018 -6.323  9.628   1.00 19.45 ? 41  GLU A CA  1 
ATOM   314  C  C   . GLU A 1 41  ? -13.391 -4.923  9.150   1.00 18.74 ? 41  GLU A C   1 
ATOM   315  O  O   . GLU A 1 41  ? -14.552 -4.527  9.248   1.00 19.84 ? 41  GLU A O   1 
ATOM   316  C  CB  . GLU A 1 41  ? -13.030 -6.371  11.159  1.00 21.85 ? 41  GLU A CB  1 
ATOM   317  C  CG  . GLU A 1 41  ? -12.905 -7.778  11.712  1.00 25.10 ? 41  GLU A CG  1 
ATOM   318  C  CD  . GLU A 1 41  ? -13.882 -8.741  11.062  1.00 27.76 ? 41  GLU A CD  1 
ATOM   319  O  OE1 . GLU A 1 41  ? -15.102 -8.508  11.169  1.00 27.87 ? 41  GLU A OE1 1 
ATOM   320  O  OE2 . GLU A 1 41  ? -13.429 -9.729  10.438  1.00 30.12 ? 41  GLU A OE2 1 
ATOM   321  N  N   . LYS A 1 42  ? -12.421 -4.175  8.634   1.00 17.45 ? 42  LYS A N   1 
ATOM   322  C  CA  . LYS A 1 42  ? -12.700 -2.825  8.146   1.00 17.38 ? 42  LYS A CA  1 
ATOM   323  C  C   . LYS A 1 42  ? -13.362 -2.869  6.774   1.00 17.60 ? 42  LYS A C   1 
ATOM   324  O  O   . LYS A 1 42  ? -13.914 -1.865  6.318   1.00 16.08 ? 42  LYS A O   1 
ATOM   325  C  CB  . LYS A 1 42  ? -11.412 -1.997  8.080   1.00 17.99 ? 42  LYS A CB  1 
ATOM   326  C  CG  . LYS A 1 42  ? -10.840 -1.631  9.439   1.00 18.11 ? 42  LYS A CG  1 
ATOM   327  C  CD  . LYS A 1 42  ? -11.723 -0.608  10.154  1.00 18.30 ? 42  LYS A CD  1 
ATOM   328  C  CE  . LYS A 1 42  ? -11.173 -0.265  11.535  1.00 18.71 ? 42  LYS A CE  1 
ATOM   329  N  NZ  . LYS A 1 42  ? -11.925 0.868   12.166  1.00 16.87 ? 42  LYS A NZ  1 
ATOM   330  N  N   . PHE A 1 43  ? -13.298 -4.033  6.123   1.00 18.62 ? 43  PHE A N   1 
ATOM   331  C  CA  . PHE A 1 43  ? -13.901 -4.238  4.802   1.00 19.99 ? 43  PHE A CA  1 
ATOM   332  C  C   . PHE A 1 43  ? -15.135 -5.124  4.918   1.00 22.39 ? 43  PHE A C   1 
ATOM   333  O  O   . PHE A 1 43  ? -15.013 -6.344  5.058   1.00 22.73 ? 43  PHE A O   1 
ATOM   334  C  CB  . PHE A 1 43  ? -12.949 -4.952  3.833   1.00 18.76 ? 43  PHE A CB  1 
ATOM   335  C  CG  . PHE A 1 43  ? -11.689 -4.200  3.510   1.00 16.96 ? 43  PHE A CG  1 
ATOM   336  C  CD1 . PHE A 1 43  ? -10.616 -4.204  4.390   1.00 18.25 ? 43  PHE A CD1 1 
ATOM   337  C  CD2 . PHE A 1 43  ? -11.550 -3.552  2.288   1.00 19.03 ? 43  PHE A CD2 1 
ATOM   338  C  CE1 . PHE A 1 43  ? -9.416  -3.581  4.055   1.00 18.61 ? 43  PHE A CE1 1 
ATOM   339  C  CE2 . PHE A 1 43  ? -10.351 -2.924  1.942   1.00 19.33 ? 43  PHE A CE2 1 
ATOM   340  C  CZ  . PHE A 1 43  ? -9.284  -2.944  2.830   1.00 17.80 ? 43  PHE A CZ  1 
ATOM   341  N  N   . ASP A 1 44  ? -16.320 -4.533  4.846   1.00 24.75 ? 44  ASP A N   1 
ATOM   342  C  CA  . ASP A 1 44  ? -17.533 -5.330  4.928   1.00 27.24 ? 44  ASP A CA  1 
ATOM   343  C  C   . ASP A 1 44  ? -17.670 -6.231  3.704   1.00 26.24 ? 44  ASP A C   1 
ATOM   344  O  O   . ASP A 1 44  ? -18.402 -7.215  3.737   1.00 27.33 ? 44  ASP A O   1 
ATOM   345  C  CB  . ASP A 1 44  ? -18.768 -4.434  5.050   1.00 30.73 ? 44  ASP A CB  1 
ATOM   346  C  CG  . ASP A 1 44  ? -18.952 -3.890  6.452   1.00 34.50 ? 44  ASP A CG  1 
ATOM   347  O  OD1 . ASP A 1 44  ? -18.970 -4.699  7.402   1.00 36.57 ? 44  ASP A OD1 1 
ATOM   348  O  OD2 . ASP A 1 44  ? -19.087 -2.658  6.604   1.00 38.35 ? 44  ASP A OD2 1 
ATOM   349  N  N   . LYS A 1 45  ? -16.965 -5.897  2.625   1.00 25.30 ? 45  LYS A N   1 
ATOM   350  C  CA  . LYS A 1 45  ? -17.038 -6.704  1.412   1.00 24.85 ? 45  LYS A CA  1 
ATOM   351  C  C   . LYS A 1 45  ? -16.018 -7.846  1.378   1.00 23.84 ? 45  LYS A C   1 
ATOM   352  O  O   . LYS A 1 45  ? -15.980 -8.616  0.418   1.00 23.49 ? 45  LYS A O   1 
ATOM   353  C  CB  . LYS A 1 45  ? -16.875 -5.824  0.169   1.00 25.11 ? 45  LYS A CB  1 
ATOM   354  C  CG  . LYS A 1 45  ? -15.489 -5.231  -0.026  1.00 25.95 ? 45  LYS A CG  1 
ATOM   355  C  CD  . LYS A 1 45  ? -15.431 -4.437  -1.328  1.00 26.64 ? 45  LYS A CD  1 
ATOM   356  C  CE  . LYS A 1 45  ? -14.057 -3.822  -1.540  1.00 27.39 ? 45  LYS A CE  1 
ATOM   357  N  NZ  . LYS A 1 45  ? -13.999 -2.975  -2.768  1.00 28.23 ? 45  LYS A NZ  1 
ATOM   358  N  N   . PHE A 1 46  ? -15.187 -7.954  2.414   1.00 21.69 ? 46  PHE A N   1 
ATOM   359  C  CA  . PHE A 1 46  ? -14.206 -9.038  2.482   1.00 21.94 ? 46  PHE A CA  1 
ATOM   360  C  C   . PHE A 1 46  ? -14.303 -9.801  3.802   1.00 21.20 ? 46  PHE A C   1 
ATOM   361  O  O   . PHE A 1 46  ? -13.545 -10.739 4.036   1.00 21.52 ? 46  PHE A O   1 
ATOM   362  C  CB  . PHE A 1 46  ? -12.769 -8.516  2.329   1.00 19.61 ? 46  PHE A CB  1 
ATOM   363  C  CG  . PHE A 1 46  ? -12.474 -7.900  0.987   1.00 18.98 ? 46  PHE A CG  1 
ATOM   364  C  CD1 . PHE A 1 46  ? -12.886 -8.518  -0.189  1.00 18.43 ? 46  PHE A CD1 1 
ATOM   365  C  CD2 . PHE A 1 46  ? -11.755 -6.711  0.903   1.00 17.79 ? 46  PHE A CD2 1 
ATOM   366  C  CE1 . PHE A 1 46  ? -12.585 -7.958  -1.436  1.00 17.05 ? 46  PHE A CE1 1 
ATOM   367  C  CE2 . PHE A 1 46  ? -11.449 -6.144  -0.333  1.00 17.89 ? 46  PHE A CE2 1 
ATOM   368  C  CZ  . PHE A 1 46  ? -11.866 -6.770  -1.508  1.00 18.82 ? 46  PHE A CZ  1 
ATOM   369  N  N   . LYS A 1 47  ? -15.234 -9.407  4.663   1.00 23.24 ? 47  LYS A N   1 
ATOM   370  C  CA  . LYS A 1 47  ? -15.382 -10.073 5.955   1.00 25.27 ? 47  LYS A CA  1 
ATOM   371  C  C   . LYS A 1 47  ? -15.869 -11.512 5.816   1.00 26.16 ? 47  LYS A C   1 
ATOM   372  O  O   . LYS A 1 47  ? -15.711 -12.317 6.735   1.00 26.18 ? 47  LYS A O   1 
ATOM   373  C  CB  . LYS A 1 47  ? -16.332 -9.282  6.859   0.50 24.91 ? 47  LYS A CB  1 
ATOM   374  C  CG  . LYS A 1 47  ? -17.757 -9.192  6.353   0.50 25.55 ? 47  LYS A CG  1 
ATOM   375  C  CD  . LYS A 1 47  ? -18.616 -8.380  7.310   0.50 26.55 ? 47  LYS A CD  1 
ATOM   376  C  CE  . LYS A 1 47  ? -20.066 -8.350  6.860   0.50 27.04 ? 47  LYS A CE  1 
ATOM   377  N  NZ  . LYS A 1 47  ? -20.648 -9.719  6.810   0.50 27.63 ? 47  LYS A NZ  1 
ATOM   378  N  N   . HIS A 1 48  ? -16.451 -11.836 4.664   1.00 27.44 ? 48  HIS A N   1 
ATOM   379  C  CA  . HIS A 1 48  ? -16.953 -13.183 4.406   1.00 29.03 ? 48  HIS A CA  1 
ATOM   380  C  C   . HIS A 1 48  ? -15.797 -14.141 4.140   1.00 29.57 ? 48  HIS A C   1 
ATOM   381  O  O   . HIS A 1 48  ? -15.971 -15.360 4.169   1.00 30.08 ? 48  HIS A O   1 
ATOM   382  C  CB  . HIS A 1 48  ? -17.884 -13.170 3.196   1.00 29.37 ? 48  HIS A CB  1 
ATOM   383  C  CG  . HIS A 1 48  ? -17.199 -12.805 1.916   1.00 30.09 ? 48  HIS A CG  1 
ATOM   384  N  ND1 . HIS A 1 48  ? -16.455 -13.707 1.186   1.00 29.49 ? 48  HIS A ND1 1 
ATOM   385  C  CD2 . HIS A 1 48  ? -17.120 -11.627 1.253   1.00 28.04 ? 48  HIS A CD2 1 
ATOM   386  C  CE1 . HIS A 1 48  ? -15.950 -13.100 0.127   1.00 28.93 ? 48  HIS A CE1 1 
ATOM   387  N  NE2 . HIS A 1 48  ? -16.338 -11.838 0.144   1.00 30.12 ? 48  HIS A NE2 1 
ATOM   388  N  N   . LEU A 1 49  ? -14.620 -13.583 3.871   1.00 28.71 ? 49  LEU A N   1 
ATOM   389  C  CA  . LEU A 1 49  ? -13.438 -14.394 3.606   1.00 28.99 ? 49  LEU A CA  1 
ATOM   390  C  C   . LEU A 1 49  ? -12.936 -15.013 4.905   1.00 29.01 ? 49  LEU A C   1 
ATOM   391  O  O   . LEU A 1 49  ? -12.319 -14.343 5.730   1.00 29.81 ? 49  LEU A O   1 
ATOM   392  C  CB  . LEU A 1 49  ? -12.341 -13.536 2.966   1.00 28.32 ? 49  LEU A CB  1 
ATOM   393  C  CG  . LEU A 1 49  ? -12.683 -12.957 1.587   1.00 29.26 ? 49  LEU A CG  1 
ATOM   394  C  CD1 . LEU A 1 49  ? -11.583 -12.017 1.125   1.00 27.67 ? 49  LEU A CD1 1 
ATOM   395  C  CD2 . LEU A 1 49  ? -12.870 -14.092 0.589   1.00 28.97 ? 49  LEU A CD2 1 
ATOM   396  N  N   . LYS A 1 50  ? -13.208 -16.301 5.080   1.00 30.68 ? 50  LYS A N   1 
ATOM   397  C  CA  . LYS A 1 50  ? -12.796 -17.007 6.288   1.00 31.08 ? 50  LYS A CA  1 
ATOM   398  C  C   . LYS A 1 50  ? -11.381 -17.565 6.194   1.00 29.87 ? 50  LYS A C   1 
ATOM   399  O  O   . LYS A 1 50  ? -10.626 -17.510 7.161   1.00 31.82 ? 50  LYS A O   1 
ATOM   400  C  CB  . LYS A 1 50  ? -13.770 -18.152 6.588   1.00 32.79 ? 50  LYS A CB  1 
ATOM   401  C  CG  . LYS A 1 50  ? -15.232 -17.737 6.674   1.00 33.96 ? 50  LYS A CG  1 
ATOM   402  C  CD  . LYS A 1 50  ? -15.452 -16.634 7.697   1.00 35.71 ? 50  LYS A CD  1 
ATOM   403  C  CE  . LYS A 1 50  ? -16.931 -16.298 7.829   1.00 36.00 ? 50  LYS A CE  1 
ATOM   404  N  NZ  . LYS A 1 50  ? -17.547 -15.932 6.521   1.00 36.48 ? 50  LYS A NZ  1 
ATOM   405  N  N   . THR A 1 51  ? -11.024 -18.101 5.030   1.00 29.13 ? 51  THR A N   1 
ATOM   406  C  CA  . THR A 1 51  ? -9.699  -18.688 4.828   1.00 26.88 ? 51  THR A CA  1 
ATOM   407  C  C   . THR A 1 51  ? -8.898  -17.962 3.757   1.00 26.41 ? 51  THR A C   1 
ATOM   408  O  O   . THR A 1 51  ? -9.436  -17.140 3.016   1.00 24.12 ? 51  THR A O   1 
ATOM   409  C  CB  . THR A 1 51  ? -9.802  -20.164 4.395   1.00 26.49 ? 51  THR A CB  1 
ATOM   410  O  OG1 . THR A 1 51  ? -10.376 -20.238 3.082   1.00 25.66 ? 51  THR A OG1 1 
ATOM   411  C  CG2 . THR A 1 51  ? -10.672 -20.943 5.362   1.00 25.22 ? 51  THR A CG2 1 
ATOM   412  N  N   . GLU A 1 52  ? -7.607  -18.280 3.674   1.00 25.90 ? 52  GLU A N   1 
ATOM   413  C  CA  . GLU A 1 52  ? -6.742  -17.673 2.672   1.00 25.92 ? 52  GLU A CA  1 
ATOM   414  C  C   . GLU A 1 52  ? -7.098  -18.229 1.296   1.00 25.48 ? 52  GLU A C   1 
ATOM   415  O  O   . GLU A 1 52  ? -6.895  -17.568 0.274   1.00 23.87 ? 52  GLU A O   1 
ATOM   416  C  CB  . GLU A 1 52  ? -5.272  -17.969 2.974   1.00 26.98 ? 52  GLU A CB  1 
ATOM   417  C  CG  . GLU A 1 52  ? -4.312  -17.222 2.059   1.00 26.95 ? 52  GLU A CG  1 
ATOM   418  C  CD  . GLU A 1 52  ? -2.855  -17.471 2.394   1.00 28.69 ? 52  GLU A CD  1 
ATOM   419  O  OE1 . GLU A 1 52  ? -2.505  -17.453 3.595   1.00 27.69 ? 52  GLU A OE1 1 
ATOM   420  O  OE2 . GLU A 1 52  ? -2.058  -17.672 1.453   1.00 30.09 ? 52  GLU A OE2 1 
ATOM   421  N  N   . ALA A 1 53  ? -7.620  -19.453 1.274   1.00 24.17 ? 53  ALA A N   1 
ATOM   422  C  CA  . ALA A 1 53  ? -8.013  -20.078 0.017   1.00 23.32 ? 53  ALA A CA  1 
ATOM   423  C  C   . ALA A 1 53  ? -9.114  -19.221 -0.582  1.00 22.82 ? 53  ALA A C   1 
ATOM   424  O  O   . ALA A 1 53  ? -9.094  -18.894 -1.769  1.00 23.17 ? 53  ALA A O   1 
ATOM   425  C  CB  . ALA A 1 53  ? -8.528  -21.502 0.263   1.00 23.47 ? 53  ALA A CB  1 
ATOM   426  N  N   . GLU A 1 54  ? -10.078 -18.855 0.253   1.00 22.44 ? 54  GLU A N   1 
ATOM   427  C  CA  . GLU A 1 54  ? -11.187 -18.035 -0.201  1.00 23.21 ? 54  GLU A CA  1 
ATOM   428  C  C   . GLU A 1 54  ? -10.665 -16.671 -0.650  1.00 22.79 ? 54  GLU A C   1 
ATOM   429  O  O   . GLU A 1 54  ? -11.210 -16.067 -1.576  1.00 23.00 ? 54  GLU A O   1 
ATOM   430  C  CB  . GLU A 1 54  ? -12.217 -17.888 0.921   1.00 24.72 ? 54  GLU A CB  1 
ATOM   431  C  CG  . GLU A 1 54  ? -12.734 -19.233 1.425   1.00 28.31 ? 54  GLU A CG  1 
ATOM   432  C  CD  . GLU A 1 54  ? -13.754 -19.104 2.539   1.00 30.44 ? 54  GLU A CD  1 
ATOM   433  O  OE1 . GLU A 1 54  ? -13.462 -18.415 3.539   1.00 31.18 ? 54  GLU A OE1 1 
ATOM   434  O  OE2 . GLU A 1 54  ? -14.847 -19.702 2.417   1.00 31.99 ? 54  GLU A OE2 1 
ATOM   435  N  N   . MET A 1 55  ? -9.604  -16.199 0.002   1.00 21.30 ? 55  MET A N   1 
ATOM   436  C  CA  . MET A 1 55  ? -8.993  -14.911 -0.337  1.00 18.94 ? 55  MET A CA  1 
ATOM   437  C  C   . MET A 1 55  ? -8.367  -14.960 -1.727  1.00 19.40 ? 55  MET A C   1 
ATOM   438  O  O   . MET A 1 55  ? -8.620  -14.100 -2.575  1.00 17.38 ? 55  MET A O   1 
ATOM   439  C  CB  . MET A 1 55  ? -7.901  -14.557 0.673   1.00 17.31 ? 55  MET A CB  1 
ATOM   440  C  CG  . MET A 1 55  ? -8.399  -14.199 2.063   1.00 17.03 ? 55  MET A CG  1 
ATOM   441  S  SD  . MET A 1 55  ? -7.023  -13.685 3.122   1.00 16.39 ? 55  MET A SD  1 
ATOM   442  C  CE  . MET A 1 55  ? -7.785  -13.799 4.757   1.00 16.75 ? 55  MET A CE  1 
ATOM   443  N  N   . LYS A 1 56  ? -7.537  -15.976 -1.939  1.00 19.30 ? 56  LYS A N   1 
ATOM   444  C  CA  . LYS A 1 56  ? -6.851  -16.174 -3.208  1.00 21.42 ? 56  LYS A CA  1 
ATOM   445  C  C   . LYS A 1 56  ? -7.841  -16.426 -4.345  1.00 20.01 ? 56  LYS A C   1 
ATOM   446  O  O   . LYS A 1 56  ? -7.554  -16.127 -5.507  1.00 20.10 ? 56  LYS A O   1 
ATOM   447  C  CB  . LYS A 1 56  ? -5.877  -17.351 -3.080  1.00 24.25 ? 56  LYS A CB  1 
ATOM   448  C  CG  . LYS A 1 56  ? -5.185  -17.768 -4.370  1.00 27.37 ? 56  LYS A CG  1 
ATOM   449  C  CD  . LYS A 1 56  ? -4.170  -16.744 -4.859  1.00 31.42 ? 56  LYS A CD  1 
ATOM   450  C  CE  . LYS A 1 56  ? -3.487  -17.242 -6.134  1.00 33.51 ? 56  LYS A CE  1 
ATOM   451  N  NZ  . LYS A 1 56  ? -2.498  -16.275 -6.696  1.00 34.73 ? 56  LYS A NZ  1 
ATOM   452  N  N   . ALA A 1 57  ? -9.007  -16.971 -4.010  1.00 18.97 ? 57  ALA A N   1 
ATOM   453  C  CA  . ALA A 1 57  ? -10.019 -17.271 -5.015  1.00 19.36 ? 57  ALA A CA  1 
ATOM   454  C  C   . ALA A 1 57  ? -11.020 -16.138 -5.211  1.00 19.20 ? 57  ALA A C   1 
ATOM   455  O  O   . ALA A 1 57  ? -11.927 -16.248 -6.036  1.00 18.12 ? 57  ALA A O   1 
ATOM   456  C  CB  . ALA A 1 57  ? -10.755 -18.560 -4.653  1.00 21.48 ? 57  ALA A CB  1 
ATOM   457  N  N   . SER A 1 58  ? -10.866 -15.055 -4.456  1.00 17.96 ? 58  SER A N   1 
ATOM   458  C  CA  . SER A 1 58  ? -11.775 -13.914 -4.579  1.00 17.32 ? 58  SER A CA  1 
ATOM   459  C  C   . SER A 1 58  ? -11.343 -12.960 -5.691  1.00 17.59 ? 58  SER A C   1 
ATOM   460  O  O   . SER A 1 58  ? -10.299 -12.317 -5.593  1.00 17.64 ? 58  SER A O   1 
ATOM   461  C  CB  . SER A 1 58  ? -11.849 -13.142 -3.262  1.00 17.16 ? 58  SER A CB  1 
ATOM   462  O  OG  . SER A 1 58  ? -12.615 -11.958 -3.423  1.00 17.19 ? 58  SER A OG  1 
ATOM   463  N  N   . GLU A 1 59  ? -12.151 -12.864 -6.744  1.00 16.79 ? 59  GLU A N   1 
ATOM   464  C  CA  . GLU A 1 59  ? -11.833 -11.982 -7.860  1.00 16.39 ? 59  GLU A CA  1 
ATOM   465  C  C   . GLU A 1 59  ? -12.031 -10.519 -7.473  1.00 15.86 ? 59  GLU A C   1 
ATOM   466  O  O   . GLU A 1 59  ? -11.390 -9.632  -8.030  1.00 14.71 ? 59  GLU A O   1 
ATOM   467  C  CB  . GLU A 1 59  ? -12.705 -12.316 -9.072  1.00 20.17 ? 59  GLU A CB  1 
ATOM   468  C  CG  . GLU A 1 59  ? -12.432 -13.691 -9.685  1.00 21.17 ? 59  GLU A CG  1 
ATOM   469  C  CD  . GLU A 1 59  ? -10.983 -13.876 -10.101 1.00 21.68 ? 59  GLU A CD  1 
ATOM   470  O  OE1 . GLU A 1 59  ? -10.401 -12.942 -10.684 1.00 24.86 ? 59  GLU A OE1 1 
ATOM   471  O  OE2 . GLU A 1 59  ? -10.424 -14.967 -9.860  1.00 28.55 ? 59  GLU A OE2 1 
ATOM   472  N  N   . ASP A 1 60  ? -12.916 -10.271 -6.515  1.00 15.20 ? 60  ASP A N   1 
ATOM   473  C  CA  . ASP A 1 60  ? -13.169 -8.906  -6.078  1.00 14.80 ? 60  ASP A CA  1 
ATOM   474  C  C   . ASP A 1 60  ? -11.984 -8.406  -5.259  1.00 15.88 ? 60  ASP A C   1 
ATOM   475  O  O   . ASP A 1 60  ? -11.649 -7.217  -5.301  1.00 14.44 ? 60  ASP A O   1 
ATOM   476  C  CB  . ASP A 1 60  ? -14.455 -8.840  -5.253  1.00 16.57 ? 60  ASP A CB  1 
ATOM   477  C  CG  . ASP A 1 60  ? -14.956 -7.425  -5.083  1.00 18.96 ? 60  ASP A CG  1 
ATOM   478  O  OD1 . ASP A 1 60  ? -15.218 -6.763  -6.110  1.00 21.39 ? 60  ASP A OD1 1 
ATOM   479  O  OD2 . ASP A 1 60  ? -15.084 -6.975  -3.927  1.00 20.39 ? 60  ASP A OD2 1 
ATOM   480  N  N   . LEU A 1 61  ? -11.347 -9.313  -4.517  1.00 14.21 ? 61  LEU A N   1 
ATOM   481  C  CA  . LEU A 1 61  ? -10.185 -8.941  -3.715  1.00 14.84 ? 61  LEU A CA  1 
ATOM   482  C  C   . LEU A 1 61  ? -9.064  -8.538  -4.669  1.00 14.46 ? 61  LEU A C   1 
ATOM   483  O  O   . LEU A 1 61  ? -8.356  -7.557  -4.433  1.00 13.83 ? 61  LEU A O   1 
ATOM   484  C  CB  . LEU A 1 61  ? -9.739  -10.111 -2.825  1.00 16.01 ? 61  LEU A CB  1 
ATOM   485  C  CG  . LEU A 1 61  ? -8.522  -9.845  -1.924  1.00 17.29 ? 61  LEU A CG  1 
ATOM   486  C  CD1 . LEU A 1 61  ? -8.524  -10.791 -0.734  1.00 21.16 ? 61  LEU A CD1 1 
ATOM   487  C  CD2 . LEU A 1 61  ? -7.250  -10.001 -2.726  1.00 19.67 ? 61  LEU A CD2 1 
ATOM   488  N  N   . LYS A 1 62  ? -8.904  -9.297  -5.749  1.00 14.80 ? 62  LYS A N   1 
ATOM   489  C  CA  . LYS A 1 62  ? -7.880  -8.990  -6.739  1.00 14.59 ? 62  LYS A CA  1 
ATOM   490  C  C   . LYS A 1 62  ? -8.215  -7.652  -7.390  1.00 13.44 ? 62  LYS A C   1 
ATOM   491  O  O   . LYS A 1 62  ? -7.327  -6.852  -7.691  1.00 13.97 ? 62  LYS A O   1 
ATOM   492  C  CB  . LYS A 1 62  ? -7.819  -10.079 -7.814  1.00 17.39 ? 62  LYS A CB  1 
ATOM   493  C  CG  . LYS A 1 62  ? -7.010  -9.674  -9.033  1.00 21.23 ? 62  LYS A CG  1 
ATOM   494  C  CD  . LYS A 1 62  ? -7.027  -10.739 -10.120 1.00 23.87 ? 62  LYS A CD  1 
ATOM   495  C  CE  . LYS A 1 62  ? -6.293  -11.994 -9.690  1.00 23.62 ? 62  LYS A CE  1 
ATOM   496  N  NZ  . LYS A 1 62  ? -6.252  -12.987 -10.805 1.00 24.49 ? 62  LYS A NZ  1 
ATOM   497  N  N   . LYS A 1 63  ? -9.505  -7.421  -7.603  1.00 11.34 ? 63  LYS A N   1 
ATOM   498  C  CA  . LYS A 1 63  ? -9.975  -6.188  -8.211  1.00 12.21 ? 63  LYS A CA  1 
ATOM   499  C  C   . LYS A 1 63  ? -9.616  -4.997  -7.325  1.00 11.99 ? 63  LYS A C   1 
ATOM   500  O  O   . LYS A 1 63  ? -9.115  -3.983  -7.810  1.00 10.18 ? 63  LYS A O   1 
ATOM   501  C  CB  . LYS A 1 63  ? -11.491 -6.244  -8.407  1.00 13.12 ? 63  LYS A CB  1 
ATOM   502  C  CG  . LYS A 1 63  ? -12.105 -4.993  -9.043  1.00 15.59 ? 63  LYS A CG  1 
ATOM   503  C  CD  . LYS A 1 63  ? -13.635 -5.119  -9.060  1.00 14.69 ? 63  LYS A CD  1 
ATOM   504  C  CE  . LYS A 1 63  ? -14.312 -4.018  -9.858  1.00 15.69 ? 63  LYS A CE  1 
ATOM   505  N  NZ  . LYS A 1 63  ? -15.793 -4.222  -9.876  1.00 20.04 ? 63  LYS A NZ  1 
ATOM   506  N  N   . HIS A 1 64  ? -9.868  -5.120  -6.027  1.00 12.50 ? 64  HIS A N   1 
ATOM   507  C  CA  . HIS A 1 64  ? -9.556  -4.019  -5.124  1.00 12.67 ? 64  HIS A CA  1 
ATOM   508  C  C   . HIS A 1 64  ? -8.051  -3.806  -5.021  1.00 11.94 ? 64  HIS A C   1 
ATOM   509  O  O   . HIS A 1 64  ? -7.580  -2.673  -4.884  1.00 10.81 ? 64  HIS A O   1 
ATOM   510  C  CB  . HIS A 1 64  ? -10.126 -4.259  -3.729  1.00 11.39 ? 64  HIS A CB  1 
ATOM   511  C  CG  . HIS A 1 64  ? -10.054 -3.047  -2.851  1.00 11.07 ? 64  HIS A CG  1 
ATOM   512  N  ND1 . HIS A 1 64  ? -10.862 -1.946  -3.041  1.00 9.82  ? 64  HIS A ND1 1 
ATOM   513  C  CD2 . HIS A 1 64  ? -9.215  -2.729  -1.836  1.00 13.69 ? 64  HIS A CD2 1 
ATOM   514  C  CE1 . HIS A 1 64  ? -10.522 -1.001  -2.183  1.00 13.66 ? 64  HIS A CE1 1 
ATOM   515  N  NE2 . HIS A 1 64  ? -9.524  -1.450  -1.441  1.00 9.54  ? 64  HIS A NE2 1 
ATOM   516  N  N   . GLY A 1 65  ? -7.300  -4.903  -5.072  1.00 11.46 ? 65  GLY A N   1 
ATOM   517  C  CA  . GLY A 1 65  ? -5.855  -4.813  -5.009  1.00 11.38 ? 65  GLY A CA  1 
ATOM   518  C  C   . GLY A 1 65  ? -5.347  -3.939  -6.142  1.00 11.42 ? 65  GLY A C   1 
ATOM   519  O  O   . GLY A 1 65  ? -4.406  -3.162  -5.972  1.00 9.89  ? 65  GLY A O   1 
ATOM   520  N  N   . THR A 1 66  ? -5.972  -4.063  -7.308  1.00 10.73 ? 66  THR A N   1 
ATOM   521  C  CA  . THR A 1 66  ? -5.585  -3.252  -8.456  1.00 12.40 ? 66  THR A CA  1 
ATOM   522  C  C   . THR A 1 66  ? -5.924  -1.779  -8.213  1.00 12.62 ? 66  THR A C   1 
ATOM   523  O  O   . THR A 1 66  ? -5.148  -0.887  -8.559  1.00 11.87 ? 66  THR A O   1 
ATOM   524  C  CB  . THR A 1 66  ? -6.304  -3.711  -9.735  1.00 15.08 ? 66  THR A CB  1 
ATOM   525  O  OG1 . THR A 1 66  ? -5.857  -5.025  -10.088 1.00 15.35 ? 66  THR A OG1 1 
ATOM   526  C  CG2 . THR A 1 66  ? -6.016  -2.750  -10.880 1.00 16.62 ? 66  THR A CG2 1 
ATOM   527  N  N   . VAL A 1 67  ? -7.094  -1.526  -7.637  1.00 11.98 ? 67  VAL A N   1 
ATOM   528  C  CA  . VAL A 1 67  ? -7.511  -0.156  -7.353  1.00 11.10 ? 67  VAL A CA  1 
ATOM   529  C  C   . VAL A 1 67  ? -6.517  0.485   -6.388  1.00 13.04 ? 67  VAL A C   1 
ATOM   530  O  O   . VAL A 1 67  ? -6.064  1.615   -6.590  1.00 14.05 ? 67  VAL A O   1 
ATOM   531  C  CB  . VAL A 1 67  ? -8.927  -0.127  -6.725  1.00 11.13 ? 67  VAL A CB  1 
ATOM   532  C  CG1 . VAL A 1 67  ? -9.239  1.268   -6.179  1.00 9.98  ? 67  VAL A CG1 1 
ATOM   533  C  CG2 . VAL A 1 67  ? -9.961  -0.520  -7.774  1.00 10.37 ? 67  VAL A CG2 1 
ATOM   534  N  N   . VAL A 1 68  ? -6.172  -0.261  -5.344  1.00 12.39 ? 68  VAL A N   1 
ATOM   535  C  CA  . VAL A 1 68  ? -5.245  0.212   -4.323  1.00 11.59 ? 68  VAL A CA  1 
ATOM   536  C  C   . VAL A 1 68  ? -3.845  0.522   -4.853  1.00 11.85 ? 68  VAL A C   1 
ATOM   537  O  O   . VAL A 1 68  ? -3.315  1.608   -4.606  1.00 10.76 ? 68  VAL A O   1 
ATOM   538  C  CB  . VAL A 1 68  ? -5.154  -0.812  -3.168  1.00 11.37 ? 68  VAL A CB  1 
ATOM   539  C  CG1 . VAL A 1 68  ? -4.107  -0.386  -2.153  1.00 13.73 ? 68  VAL A CG1 1 
ATOM   540  C  CG2 . VAL A 1 68  ? -6.511  -0.945  -2.504  1.00 11.04 ? 68  VAL A CG2 1 
ATOM   541  N  N   . LEU A 1 69  ? -3.247  -0.417  -5.582  1.00 11.03 ? 69  LEU A N   1 
ATOM   542  C  CA  . LEU A 1 69  ? -1.907  -0.197  -6.114  1.00 10.98 ? 69  LEU A CA  1 
ATOM   543  C  C   . LEU A 1 69  ? -1.863  0.820   -7.245  1.00 9.46  ? 69  LEU A C   1 
ATOM   544  O  O   . LEU A 1 69  ? -0.839  1.462   -7.455  1.00 8.30  ? 69  LEU A O   1 
ATOM   545  C  CB  . LEU A 1 69  ? -1.276  -1.515  -6.569  1.00 9.76  ? 69  LEU A CB  1 
ATOM   546  C  CG  . LEU A 1 69  ? -0.930  -2.498  -5.440  1.00 14.00 ? 69  LEU A CG  1 
ATOM   547  C  CD1 . LEU A 1 69  ? -0.051  -3.604  -5.985  1.00 11.56 ? 69  LEU A CD1 1 
ATOM   548  C  CD2 . LEU A 1 69  ? -0.206  -1.780  -4.314  1.00 13.33 ? 69  LEU A CD2 1 
ATOM   549  N  N   . THR A 1 70  ? -2.960  0.969   -7.984  1.00 9.42  ? 70  THR A N   1 
ATOM   550  C  CA  . THR A 1 70  ? -2.985  1.960   -9.056  1.00 9.82  ? 70  THR A CA  1 
ATOM   551  C  C   . THR A 1 70  ? -2.968  3.353   -8.427  1.00 8.75  ? 70  THR A C   1 
ATOM   552  O  O   . THR A 1 70  ? -2.331  4.272   -8.937  1.00 8.95  ? 70  THR A O   1 
ATOM   553  C  CB  . THR A 1 70  ? -4.248  1.819   -9.930  1.00 11.89 ? 70  THR A CB  1 
ATOM   554  O  OG1 . THR A 1 70  ? -4.170  0.601   -10.684 1.00 10.97 ? 70  THR A OG1 1 
ATOM   555  C  CG2 . THR A 1 70  ? -4.366  2.998   -10.890 1.00 13.34 ? 70  THR A CG2 1 
ATOM   556  N  N   . ALA A 1 71  ? -3.677  3.499   -7.312  1.00 8.57  ? 71  ALA A N   1 
ATOM   557  C  CA  . ALA A 1 71  ? -3.735  4.770   -6.600  1.00 10.84 ? 71  ALA A CA  1 
ATOM   558  C  C   . ALA A 1 71  ? -2.351  5.108   -6.031  1.00 11.22 ? 71  ALA A C   1 
ATOM   559  O  O   . ALA A 1 71  ? -1.861  6.228   -6.197  1.00 12.35 ? 71  ALA A O   1 
ATOM   560  C  CB  . ALA A 1 71  ? -4.765  4.697   -5.472  1.00 10.47 ? 71  ALA A CB  1 
ATOM   561  N  N   . LEU A 1 72  ? -1.725  4.136   -5.371  1.00 10.20 ? 72  LEU A N   1 
ATOM   562  C  CA  . LEU A 1 72  ? -0.401  4.335   -4.781  1.00 10.07 ? 72  LEU A CA  1 
ATOM   563  C  C   . LEU A 1 72  ? 0.638   4.658   -5.856  1.00 9.90  ? 72  LEU A C   1 
ATOM   564  O  O   . LEU A 1 72  ? 1.511   5.505   -5.655  1.00 12.17 ? 72  LEU A O   1 
ATOM   565  C  CB  . LEU A 1 72  ? 0.034   3.084   -4.000  1.00 8.67  ? 72  LEU A CB  1 
ATOM   566  C  CG  . LEU A 1 72  ? 1.409   3.154   -3.322  1.00 9.45  ? 72  LEU A CG  1 
ATOM   567  C  CD1 . LEU A 1 72  ? 1.405   4.300   -2.310  1.00 10.37 ? 72  LEU A CD1 1 
ATOM   568  C  CD2 . LEU A 1 72  ? 1.737   1.836   -2.621  1.00 8.79  ? 72  LEU A CD2 1 
ATOM   569  N  N   . GLY A 1 73  ? 0.544   3.975   -6.993  1.00 10.73 ? 73  GLY A N   1 
ATOM   570  C  CA  . GLY A 1 73  ? 1.483   4.217   -8.076  1.00 11.40 ? 73  GLY A CA  1 
ATOM   571  C  C   . GLY A 1 73  ? 1.367   5.635   -8.609  1.00 11.48 ? 73  GLY A C   1 
ATOM   572  O  O   . GLY A 1 73  ? 2.375   6.282   -8.899  1.00 11.36 ? 73  GLY A O   1 
ATOM   573  N  N   . GLY A 1 74  ? 0.137   6.125   -8.740  1.00 13.01 ? 74  GLY A N   1 
ATOM   574  C  CA  . GLY A 1 74  ? -0.061  7.475   -9.234  1.00 13.02 ? 74  GLY A CA  1 
ATOM   575  C  C   . GLY A 1 74  ? 0.600   8.470   -8.299  1.00 13.76 ? 74  GLY A C   1 
ATOM   576  O  O   . GLY A 1 74  ? 1.200   9.455   -8.733  1.00 13.89 ? 74  GLY A O   1 
ATOM   577  N  N   . ILE A 1 75  ? 0.486   8.195   -7.002  1.00 13.36 ? 75  ILE A N   1 
ATOM   578  C  CA  . ILE A 1 75  ? 1.059   9.035   -5.959  1.00 12.91 ? 75  ILE A CA  1 
ATOM   579  C  C   . ILE A 1 75  ? 2.589   9.011   -6.034  1.00 12.63 ? 75  ILE A C   1 
ATOM   580  O  O   . ILE A 1 75  ? 3.243   10.056  -5.987  1.00 11.68 ? 75  ILE A O   1 
ATOM   581  C  CB  . ILE A 1 75  ? 0.578   8.550   -4.566  1.00 10.97 ? 75  ILE A CB  1 
ATOM   582  C  CG1 . ILE A 1 75  ? -0.929  8.799   -4.424  1.00 13.53 ? 75  ILE A CG1 1 
ATOM   583  C  CG2 . ILE A 1 75  ? 1.332   9.259   -3.450  1.00 11.09 ? 75  ILE A CG2 1 
ATOM   584  C  CD1 . ILE A 1 75  ? -1.511  8.292   -3.120  1.00 10.82 ? 75  ILE A CD1 1 
ATOM   585  N  N   . LEU A 1 76  ? 3.153   7.814   -6.169  1.00 14.34 ? 76  LEU A N   1 
ATOM   586  C  CA  . LEU A 1 76  ? 4.603   7.651   -6.246  1.00 14.14 ? 76  LEU A CA  1 
ATOM   587  C  C   . LEU A 1 76  ? 5.224   8.364   -7.441  1.00 14.06 ? 76  LEU A C   1 
ATOM   588  O  O   . LEU A 1 76  ? 6.328   8.904   -7.348  1.00 12.18 ? 76  LEU A O   1 
ATOM   589  C  CB  . LEU A 1 76  ? 4.964   6.162   -6.296  1.00 14.66 ? 76  LEU A CB  1 
ATOM   590  C  CG  . LEU A 1 76  ? 4.637   5.371   -5.027  1.00 15.25 ? 76  LEU A CG  1 
ATOM   591  C  CD1 . LEU A 1 76  ? 4.854   3.883   -5.272  1.00 16.60 ? 76  LEU A CD1 1 
ATOM   592  C  CD2 . LEU A 1 76  ? 5.507   5.866   -3.878  1.00 16.57 ? 76  LEU A CD2 1 
ATOM   593  N  N   . LYS A 1 77  ? 4.517   8.362   -8.565  1.00 12.48 ? 77  LYS A N   1 
ATOM   594  C  CA  . LYS A 1 77  ? 5.022   9.015   -9.763  1.00 13.74 ? 77  LYS A CA  1 
ATOM   595  C  C   . LYS A 1 77  ? 5.063   10.538  -9.606  1.00 13.46 ? 77  LYS A C   1 
ATOM   596  O  O   . LYS A 1 77  ? 5.681   11.229  -10.409 1.00 14.02 ? 77  LYS A O   1 
ATOM   597  C  CB  . LYS A 1 77  ? 4.174   8.623   -10.977 1.00 14.65 ? 77  LYS A CB  1 
ATOM   598  C  CG  . LYS A 1 77  ? 4.284   7.149   -11.363 1.00 16.89 ? 77  LYS A CG  1 
ATOM   599  C  CD  . LYS A 1 77  ? 3.318   6.803   -12.482 1.00 19.36 ? 77  LYS A CD  1 
ATOM   600  C  CE  . LYS A 1 77  ? 3.236   5.299   -12.722 1.00 23.76 ? 77  LYS A CE  1 
ATOM   601  N  NZ  . LYS A 1 77  ? 4.533   4.721   -13.148 1.00 24.81 ? 77  LYS A NZ  1 
ATOM   602  N  N   . LYS A 1 78  ? 4.409   11.059  -8.569  1.00 14.19 ? 78  LYS A N   1 
ATOM   603  C  CA  . LYS A 1 78  ? 4.418   12.504  -8.324  1.00 13.64 ? 78  LYS A CA  1 
ATOM   604  C  C   . LYS A 1 78  ? 5.680   12.892  -7.559  1.00 14.07 ? 78  LYS A C   1 
ATOM   605  O  O   . LYS A 1 78  ? 5.959   14.078  -7.345  1.00 13.86 ? 78  LYS A O   1 
ATOM   606  C  CB  . LYS A 1 78  ? 3.184   12.936  -7.523  1.00 16.07 ? 78  LYS A CB  1 
ATOM   607  C  CG  . LYS A 1 78  ? 1.857   12.788  -8.269  1.00 19.63 ? 78  LYS A CG  1 
ATOM   608  C  CD  . LYS A 1 78  ? 1.880   13.502  -9.620  1.00 23.45 ? 78  LYS A CD  1 
ATOM   609  C  CE  . LYS A 1 78  ? 2.029   15.011  -9.487  1.00 25.78 ? 78  LYS A CE  1 
ATOM   610  N  NZ  . LYS A 1 78  ? 0.819   15.651  -8.890  1.00 28.36 ? 78  LYS A NZ  1 
ATOM   611  N  N   . LYS A 1 79  ? 6.431   11.879  -7.140  1.00 11.62 ? 79  LYS A N   1 
ATOM   612  C  CA  . LYS A 1 79  ? 7.677   12.084  -6.411  1.00 12.27 ? 79  LYS A CA  1 
ATOM   613  C  C   . LYS A 1 79  ? 7.589   13.131  -5.301  1.00 13.31 ? 79  LYS A C   1 
ATOM   614  O  O   . LYS A 1 79  ? 8.385   14.071  -5.258  1.00 12.37 ? 79  LYS A O   1 
ATOM   615  C  CB  . LYS A 1 79  ? 8.794   12.470  -7.385  1.00 11.37 ? 79  LYS A CB  1 
ATOM   616  C  CG  . LYS A 1 79  ? 9.048   11.441  -8.481  1.00 11.15 ? 79  LYS A CG  1 
ATOM   617  C  CD  . LYS A 1 79  ? 10.368  11.697  -9.212  1.00 14.48 ? 79  LYS A CD  1 
ATOM   618  C  CE  . LYS A 1 79  ? 10.400  13.054  -9.903  1.00 16.39 ? 79  LYS A CE  1 
ATOM   619  N  NZ  . LYS A 1 79  ? 11.673  13.244  -10.675 1.00 15.99 ? 79  LYS A NZ  1 
ATOM   620  N  N   . GLY A 1 80  ? 6.625   12.965  -4.402  1.00 15.67 ? 80  GLY A N   1 
ATOM   621  C  CA  . GLY A 1 80  ? 6.493   13.900  -3.296  1.00 16.99 ? 80  GLY A CA  1 
ATOM   622  C  C   . GLY A 1 80  ? 5.478   15.012  -3.478  1.00 17.27 ? 80  GLY A C   1 
ATOM   623  O  O   . GLY A 1 80  ? 4.872   15.453  -2.505  1.00 19.16 ? 80  GLY A O   1 
ATOM   624  N  N   . HIS A 1 81  ? 5.289   15.473  -4.710  1.00 15.25 ? 81  HIS A N   1 
ATOM   625  C  CA  . HIS A 1 81  ? 4.332   16.542  -4.976  1.00 16.86 ? 81  HIS A CA  1 
ATOM   626  C  C   . HIS A 1 81  ? 2.956   15.917  -5.185  1.00 15.86 ? 81  HIS A C   1 
ATOM   627  O  O   . HIS A 1 81  ? 2.352   16.048  -6.249  1.00 14.55 ? 81  HIS A O   1 
ATOM   628  C  CB  . HIS A 1 81  ? 4.765   17.319  -6.218  1.00 20.52 ? 81  HIS A CB  1 
ATOM   629  C  CG  . HIS A 1 81  ? 6.158   17.857  -6.127  1.00 25.62 ? 81  HIS A CG  1 
ATOM   630  N  ND1 . HIS A 1 81  ? 7.267   17.041  -6.032  1.00 28.80 ? 81  HIS A ND1 1 
ATOM   631  C  CD2 . HIS A 1 81  ? 6.624   19.128  -6.094  1.00 28.34 ? 81  HIS A CD2 1 
ATOM   632  C  CE1 . HIS A 1 81  ? 8.353   17.787  -5.945  1.00 27.70 ? 81  HIS A CE1 1 
ATOM   633  N  NE2 . HIS A 1 81  ? 7.991   19.056  -5.981  1.00 29.54 ? 81  HIS A NE2 1 
ATOM   634  N  N   . HIS A 1 82  ? 2.467   15.257  -4.138  1.00 14.72 ? 82  HIS A N   1 
ATOM   635  C  CA  . HIS A 1 82  ? 1.196   14.537  -4.177  1.00 13.69 ? 82  HIS A CA  1 
ATOM   636  C  C   . HIS A 1 82  ? 0.060   15.092  -3.314  1.00 12.96 ? 82  HIS A C   1 
ATOM   637  O  O   . HIS A 1 82  ? -0.884  14.370  -2.998  1.00 12.08 ? 82  HIS A O   1 
ATOM   638  C  CB  . HIS A 1 82  ? 1.467   13.083  -3.781  1.00 13.06 ? 82  HIS A CB  1 
ATOM   639  C  CG  . HIS A 1 82  ? 2.192   12.950  -2.476  1.00 14.02 ? 82  HIS A CG  1 
ATOM   640  N  ND1 . HIS A 1 82  ? 3.170   12.003  -2.259  1.00 13.65 ? 82  HIS A ND1 1 
ATOM   641  C  CD2 . HIS A 1 82  ? 2.084   13.650  -1.321  1.00 15.28 ? 82  HIS A CD2 1 
ATOM   642  C  CE1 . HIS A 1 82  ? 3.635   12.126  -1.028  1.00 15.17 ? 82  HIS A CE1 1 
ATOM   643  N  NE2 . HIS A 1 82  ? 2.994   13.118  -0.437  1.00 13.96 ? 82  HIS A NE2 1 
ATOM   644  N  N   . GLU A 1 83  ? 0.132   16.362  -2.934  1.00 12.71 ? 83  GLU A N   1 
ATOM   645  C  CA  . GLU A 1 83  ? -0.923  16.947  -2.105  1.00 14.95 ? 83  GLU A CA  1 
ATOM   646  C  C   . GLU A 1 83  ? -2.339  16.679  -2.633  1.00 14.66 ? 83  GLU A C   1 
ATOM   647  O  O   . GLU A 1 83  ? -3.207  16.217  -1.890  1.00 14.41 ? 83  GLU A O   1 
ATOM   648  C  CB  . GLU A 1 83  ? -0.698  18.459  -1.968  1.00 15.98 ? 83  GLU A CB  1 
ATOM   649  C  CG  . GLU A 1 83  ? -1.824  19.225  -1.270  1.00 18.56 ? 83  GLU A CG  1 
ATOM   650  C  CD  . GLU A 1 83  ? -2.088  18.757  0.151   1.00 22.65 ? 83  GLU A CD  1 
ATOM   651  O  OE1 . GLU A 1 83  ? -1.128  18.347  0.841   1.00 24.97 ? 83  GLU A OE1 1 
ATOM   652  O  OE2 . GLU A 1 83  ? -3.258  18.815  0.587   1.00 21.33 ? 83  GLU A OE2 1 
ATOM   653  N  N   . ALA A 1 84  ? -2.574  16.959  -3.912  1.00 14.61 ? 84  ALA A N   1 
ATOM   654  C  CA  . ALA A 1 84  ? -3.896  16.753  -4.499  1.00 15.53 ? 84  ALA A CA  1 
ATOM   655  C  C   . ALA A 1 84  ? -4.314  15.283  -4.539  1.00 16.14 ? 84  ALA A C   1 
ATOM   656  O  O   . ALA A 1 84  ? -5.484  14.953  -4.312  1.00 15.38 ? 84  ALA A O   1 
ATOM   657  C  CB  . ALA A 1 84  ? -3.942  17.348  -5.904  1.00 17.52 ? 84  ALA A CB  1 
ATOM   658  N  N   . GLU A 1 85  ? -3.361  14.399  -4.816  1.00 15.76 ? 85  GLU A N   1 
ATOM   659  C  CA  . GLU A 1 85  ? -3.655  12.970  -4.889  1.00 16.67 ? 85  GLU A CA  1 
ATOM   660  C  C   . GLU A 1 85  ? -3.826  12.323  -3.520  1.00 17.00 ? 85  GLU A C   1 
ATOM   661  O  O   . GLU A 1 85  ? -4.646  11.425  -3.342  1.00 16.22 ? 85  GLU A O   1 
ATOM   662  C  CB  . GLU A 1 85  ? -2.537  12.215  -5.616  1.00 17.77 ? 85  GLU A CB  1 
ATOM   663  C  CG  . GLU A 1 85  ? -2.395  12.495  -7.096  1.00 18.57 ? 85  GLU A CG  1 
ATOM   664  C  CD  . GLU A 1 85  ? -1.710  13.812  -7.380  1.00 18.51 ? 85  GLU A CD  1 
ATOM   665  O  OE1 . GLU A 1 85  ? -1.191  14.438  -6.431  1.00 15.30 ? 85  GLU A OE1 1 
ATOM   666  O  OE2 . GLU A 1 85  ? -1.683  14.213  -8.558  1.00 21.22 ? 85  GLU A OE2 1 
ATOM   667  N  N   . LEU A 1 86  ? -3.043  12.785  -2.554  1.00 15.81 ? 86  LEU A N   1 
ATOM   668  C  CA  . LEU A 1 86  ? -3.066  12.211  -1.221  1.00 19.08 ? 86  LEU A CA  1 
ATOM   669  C  C   . LEU A 1 86  ? -4.182  12.702  -0.299  1.00 19.66 ? 86  LEU A C   1 
ATOM   670  O  O   . LEU A 1 86  ? -4.746  11.913  0.456   1.00 19.14 ? 86  LEU A O   1 
ATOM   671  C  CB  . LEU A 1 86  ? -1.691  12.423  -0.569  1.00 20.29 ? 86  LEU A CB  1 
ATOM   672  C  CG  . LEU A 1 86  ? -1.346  11.680  0.721   1.00 22.22 ? 86  LEU A CG  1 
ATOM   673  C  CD1 . LEU A 1 86  ? 0.135   11.364  0.731   1.00 24.52 ? 86  LEU A CD1 1 
ATOM   674  C  CD2 . LEU A 1 86  ? -1.739  12.513  1.932   1.00 23.68 ? 86  LEU A CD2 1 
ATOM   675  N  N   . LYS A 1 87  ? -4.518  13.987  -0.371  1.00 19.74 ? 87  LYS A N   1 
ATOM   676  C  CA  . LYS A 1 87  ? -5.555  14.541  0.504   1.00 20.54 ? 87  LYS A CA  1 
ATOM   677  C  C   . LYS A 1 87  ? -6.887  13.773  0.507   1.00 19.61 ? 87  LYS A C   1 
ATOM   678  O  O   . LYS A 1 87  ? -7.394  13.406  1.571   1.00 20.66 ? 87  LYS A O   1 
ATOM   679  C  CB  . LYS A 1 87  ? -5.816  16.013  0.161   1.00 21.79 ? 87  LYS A CB  1 
ATOM   680  C  CG  . LYS A 1 87  ? -6.794  16.686  1.122   1.00 22.97 ? 87  LYS A CG  1 
ATOM   681  C  CD  . LYS A 1 87  ? -7.114  18.113  0.708   1.00 24.68 ? 87  LYS A CD  1 
ATOM   682  C  CE  . LYS A 1 87  ? -8.139  18.730  1.651   1.00 25.81 ? 87  LYS A CE  1 
ATOM   683  N  NZ  . LYS A 1 87  ? -8.498  20.127  1.276   1.00 26.50 ? 87  LYS A NZ  1 
ATOM   684  N  N   . PRO A 1 88  ? -7.476  13.525  -0.675  1.00 18.64 ? 88  PRO A N   1 
ATOM   685  C  CA  . PRO A 1 88  ? -8.749  12.795  -0.718  1.00 17.31 ? 88  PRO A CA  1 
ATOM   686  C  C   . PRO A 1 88  ? -8.684  11.394  -0.107  1.00 16.54 ? 88  PRO A C   1 
ATOM   687  O  O   . PRO A 1 88  ? -9.638  10.944  0.523   1.00 15.79 ? 88  PRO A O   1 
ATOM   688  C  CB  . PRO A 1 88  ? -9.085  12.774  -2.212  1.00 19.27 ? 88  PRO A CB  1 
ATOM   689  C  CG  . PRO A 1 88  ? -7.731  12.826  -2.866  1.00 17.02 ? 88  PRO A CG  1 
ATOM   690  C  CD  . PRO A 1 88  ? -7.015  13.851  -2.037  1.00 19.19 ? 88  PRO A CD  1 
ATOM   691  N  N   . LEU A 1 89  ? -7.562  10.706  -0.297  1.00 16.79 ? 89  LEU A N   1 
ATOM   692  C  CA  . LEU A 1 89  ? -7.405  9.365   0.261   1.00 16.04 ? 89  LEU A CA  1 
ATOM   693  C  C   . LEU A 1 89  ? -7.313  9.422   1.781   1.00 14.63 ? 89  LEU A C   1 
ATOM   694  O  O   . LEU A 1 89  ? -7.933  8.622   2.479   1.00 14.44 ? 89  LEU A O   1 
ATOM   695  C  CB  . LEU A 1 89  ? -6.158  8.695   -0.307  1.00 18.81 ? 89  LEU A CB  1 
ATOM   696  C  CG  . LEU A 1 89  ? -6.291  8.175   -1.738  1.00 20.06 ? 89  LEU A CG  1 
ATOM   697  C  CD1 . LEU A 1 89  ? -5.028  7.422   -2.106  1.00 23.97 ? 89  LEU A CD1 1 
ATOM   698  C  CD2 . LEU A 1 89  ? -7.511  7.254   -1.847  1.00 21.38 ? 89  LEU A CD2 1 
ATOM   699  N  N   . ALA A 1 90  ? -6.528  10.364  2.292   1.00 13.32 ? 90  ALA A N   1 
ATOM   700  C  CA  . ALA A 1 90  ? -6.391  10.518  3.734   1.00 14.01 ? 90  ALA A CA  1 
ATOM   701  C  C   . ALA A 1 90  ? -7.766  10.793  4.335   1.00 13.79 ? 90  ALA A C   1 
ATOM   702  O  O   . ALA A 1 90  ? -8.128  10.242  5.374   1.00 12.72 ? 90  ALA A O   1 
ATOM   703  C  CB  . ALA A 1 90  ? -5.431  11.671  4.055   1.00 14.42 ? 90  ALA A CB  1 
ATOM   704  N  N   . GLN A 1 91  ? -8.546  11.635  3.667   1.00 14.41 ? 91  GLN A N   1 
ATOM   705  C  CA  . GLN A 1 91  ? -9.869  11.974  4.172   1.00 15.21 ? 91  GLN A CA  1 
ATOM   706  C  C   . GLN A 1 91  ? -10.856 10.811  4.150   1.00 13.79 ? 91  GLN A C   1 
ATOM   707  O  O   . GLN A 1 91  ? -11.582 10.593  5.123   1.00 11.37 ? 91  GLN A O   1 
ATOM   708  C  CB  . GLN A 1 91  ? -10.447 13.166  3.401   1.00 16.29 ? 91  GLN A CB  1 
ATOM   709  C  CG  . GLN A 1 91  ? -9.706  14.466  3.658   1.00 23.51 ? 91  GLN A CG  1 
ATOM   710  C  CD  . GLN A 1 91  ? -10.425 15.671  3.080   1.00 25.72 ? 91  GLN A CD  1 
ATOM   711  O  OE1 . GLN A 1 91  ? -10.677 15.744  1.874   1.00 28.27 ? 91  GLN A OE1 1 
ATOM   712  N  NE2 . GLN A 1 91  ? -10.757 16.626  3.939   1.00 27.90 ? 91  GLN A NE2 1 
ATOM   713  N  N   . SER A 1 92  ? -10.882 10.056  3.053   1.00 11.74 ? 92  SER A N   1 
ATOM   714  C  CA  . SER A 1 92  ? -11.812 8.936   2.950   1.00 12.46 ? 92  SER A CA  1 
ATOM   715  C  C   . SER A 1 92  ? -11.475 7.822   3.937   1.00 13.54 ? 92  SER A C   1 
ATOM   716  O  O   . SER A 1 92  ? -12.368 7.219   4.533   1.00 15.05 ? 92  SER A O   1 
ATOM   717  C  CB  . SER A 1 92  ? -11.815 8.371   1.527   1.00 9.67  ? 92  SER A CB  1 
ATOM   718  O  OG  . SER A 1 92  ? -10.550 7.839   1.192   1.00 6.26  ? 92  SER A OG  1 
ATOM   719  N  N   . HIS A 1 93  ? -10.186 7.559   4.124   1.00 14.69 ? 93  HIS A N   1 
ATOM   720  C  CA  . HIS A 1 93  ? -9.775  6.499   5.031   1.00 13.28 ? 93  HIS A CA  1 
ATOM   721  C  C   . HIS A 1 93  ? -9.900  6.835   6.505   1.00 13.35 ? 93  HIS A C   1 
ATOM   722  O  O   . HIS A 1 93  ? -10.084 5.947   7.333   1.00 14.50 ? 93  HIS A O   1 
ATOM   723  C  CB  . HIS A 1 93  ? -8.357  6.050   4.689   1.00 13.45 ? 93  HIS A CB  1 
ATOM   724  C  CG  . HIS A 1 93  ? -8.284  5.280   3.409   1.00 14.55 ? 93  HIS A CG  1 
ATOM   725  N  ND1 . HIS A 1 93  ? -8.693  5.809   2.203   1.00 13.89 ? 93  HIS A ND1 1 
ATOM   726  C  CD2 . HIS A 1 93  ? -7.920  4.000   3.156   1.00 13.38 ? 93  HIS A CD2 1 
ATOM   727  C  CE1 . HIS A 1 93  ? -8.586  4.889   1.263   1.00 12.93 ? 93  HIS A CE1 1 
ATOM   728  N  NE2 . HIS A 1 93  ? -8.120  3.783   1.815   1.00 12.95 ? 93  HIS A NE2 1 
ATOM   729  N  N   . ALA A 1 94  ? -9.812  8.118   6.836   1.00 13.81 ? 94  ALA A N   1 
ATOM   730  C  CA  . ALA A 1 94  ? -9.958  8.532   8.220   1.00 14.78 ? 94  ALA A CA  1 
ATOM   731  C  C   . ALA A 1 94  ? -11.437 8.739   8.560   1.00 16.16 ? 94  ALA A C   1 
ATOM   732  O  O   . ALA A 1 94  ? -11.925 8.231   9.569   1.00 18.44 ? 94  ALA A O   1 
ATOM   733  C  CB  . ALA A 1 94  ? -9.184  9.822   8.469   1.00 13.67 ? 94  ALA A CB  1 
ATOM   734  N  N   . THR A 1 95  ? -12.152 9.459   7.699   1.00 17.19 ? 95  THR A N   1 
ATOM   735  C  CA  . THR A 1 95  ? -13.557 9.774   7.952   1.00 19.00 ? 95  THR A CA  1 
ATOM   736  C  C   . THR A 1 95  ? -14.594 8.729   7.557   1.00 18.69 ? 95  THR A C   1 
ATOM   737  O  O   . THR A 1 95  ? -15.591 8.543   8.258   1.00 19.06 ? 95  THR A O   1 
ATOM   738  C  CB  . THR A 1 95  ? -13.941 11.112  7.272   1.00 21.00 ? 95  THR A CB  1 
ATOM   739  O  OG1 . THR A 1 95  ? -13.001 12.127  7.649   1.00 20.91 ? 95  THR A OG1 1 
ATOM   740  C  CG2 . THR A 1 95  ? -15.326 11.554  7.706   1.00 23.12 ? 95  THR A CG2 1 
ATOM   741  N  N   . LYS A 1 96  ? -14.378 8.046   6.444   1.00 18.30 ? 96  LYS A N   1 
ATOM   742  C  CA  . LYS A 1 96  ? -15.350 7.056   6.002   1.00 19.37 ? 96  LYS A CA  1 
ATOM   743  C  C   . LYS A 1 96  ? -14.992 5.636   6.397   1.00 18.06 ? 96  LYS A C   1 
ATOM   744  O  O   . LYS A 1 96  ? -15.810 4.923   6.979   1.00 19.17 ? 96  LYS A O   1 
ATOM   745  C  CB  . LYS A 1 96  ? -15.524 7.130   4.483   1.00 20.81 ? 96  LYS A CB  1 
ATOM   746  C  CG  . LYS A 1 96  ? -16.706 6.334   3.956   1.00 24.42 ? 96  LYS A CG  1 
ATOM   747  C  CD  . LYS A 1 96  ? -16.835 6.484   2.449   1.00 27.06 ? 96  LYS A CD  1 
ATOM   748  C  CE  . LYS A 1 96  ? -18.151 5.911   1.945   1.00 29.16 ? 96  LYS A CE  1 
ATOM   749  N  NZ  . LYS A 1 96  ? -18.315 4.473   2.299   1.00 30.94 ? 96  LYS A NZ  1 
ATOM   750  N  N   . HIS A 1 97  ? -13.763 5.229   6.098   1.00 15.26 ? 97  HIS A N   1 
ATOM   751  C  CA  . HIS A 1 97  ? -13.337 3.871   6.391   1.00 13.54 ? 97  HIS A CA  1 
ATOM   752  C  C   . HIS A 1 97  ? -12.821 3.651   7.802   1.00 13.95 ? 97  HIS A C   1 
ATOM   753  O  O   . HIS A 1 97  ? -12.729 2.512   8.254   1.00 13.76 ? 97  HIS A O   1 
ATOM   754  C  CB  . HIS A 1 97  ? -12.292 3.441   5.364   1.00 14.03 ? 97  HIS A CB  1 
ATOM   755  C  CG  . HIS A 1 97  ? -12.662 3.796   3.960   1.00 13.54 ? 97  HIS A CG  1 
ATOM   756  N  ND1 . HIS A 1 97  ? -13.928 3.593   3.454   1.00 13.80 ? 97  HIS A ND1 1 
ATOM   757  C  CD2 . HIS A 1 97  ? -11.939 4.347   2.957   1.00 13.41 ? 97  HIS A CD2 1 
ATOM   758  C  CE1 . HIS A 1 97  ? -13.969 4.005   2.198   1.00 14.62 ? 97  HIS A CE1 1 
ATOM   759  N  NE2 . HIS A 1 97  ? -12.774 4.465   1.873   1.00 13.35 ? 97  HIS A NE2 1 
ATOM   760  N  N   . LYS A 1 98  ? -12.480 4.734   8.494   1.00 14.57 ? 98  LYS A N   1 
ATOM   761  C  CA  . LYS A 1 98  ? -11.987 4.640   9.867   1.00 15.37 ? 98  LYS A CA  1 
ATOM   762  C  C   . LYS A 1 98  ? -10.742 3.758   9.959   1.00 15.98 ? 98  LYS A C   1 
ATOM   763  O  O   . LYS A 1 98  ? -10.679 2.830   10.772  1.00 14.22 ? 98  LYS A O   1 
ATOM   764  C  CB  . LYS A 1 98  ? -13.077 4.066   10.779  1.00 19.27 ? 98  LYS A CB  1 
ATOM   765  C  CG  . LYS A 1 98  ? -14.470 4.649   10.570  1.00 22.84 ? 98  LYS A CG  1 
ATOM   766  C  CD  . LYS A 1 98  ? -14.523 6.140   10.842  1.00 27.68 ? 98  LYS A CD  1 
ATOM   767  C  CE  . LYS A 1 98  ? -15.961 6.646   10.786  1.00 29.53 ? 98  LYS A CE  1 
ATOM   768  N  NZ  . LYS A 1 98  ? -16.056 8.099   11.102  1.00 32.63 ? 98  LYS A NZ  1 
ATOM   769  N  N   . ILE A 1 99  ? -9.742  4.068   9.143   1.00 15.74 ? 99  ILE A N   1 
ATOM   770  C  CA  . ILE A 1 99  ? -8.513  3.292   9.126   1.00 14.93 ? 99  ILE A CA  1 
ATOM   771  C  C   . ILE A 1 99  ? -7.381  3.932   9.927   1.00 15.00 ? 99  ILE A C   1 
ATOM   772  O  O   . ILE A 1 99  ? -6.829  4.957   9.523   1.00 17.16 ? 99  ILE A O   1 
ATOM   773  C  CB  . ILE A 1 99  ? -8.032  3.088   7.680   1.00 14.10 ? 99  ILE A CB  1 
ATOM   774  C  CG1 . ILE A 1 99  ? -9.184  2.554   6.822   1.00 13.27 ? 99  ILE A CG1 1 
ATOM   775  C  CG2 . ILE A 1 99  ? -6.835  2.156   7.662   1.00 13.11 ? 99  ILE A CG2 1 
ATOM   776  C  CD1 . ILE A 1 99  ? -9.879  1.322   7.388   1.00 11.44 ? 99  ILE A CD1 1 
ATOM   777  N  N   . PRO A 1 100 ? -7.019  3.333   11.077  1.00 15.37 ? 100 PRO A N   1 
ATOM   778  C  CA  . PRO A 1 100 ? -5.941  3.858   11.924  1.00 15.62 ? 100 PRO A CA  1 
ATOM   779  C  C   . PRO A 1 100 ? -4.640  3.930   11.119  1.00 16.35 ? 100 PRO A C   1 
ATOM   780  O  O   . PRO A 1 100 ? -4.412  3.108   10.230  1.00 16.26 ? 100 PRO A O   1 
ATOM   781  C  CB  . PRO A 1 100 ? -5.848  2.825   13.053  1.00 16.01 ? 100 PRO A CB  1 
ATOM   782  C  CG  . PRO A 1 100 ? -7.223  2.235   13.105  1.00 15.62 ? 100 PRO A CG  1 
ATOM   783  C  CD  . PRO A 1 100 ? -7.579  2.098   11.651  1.00 14.54 ? 100 PRO A CD  1 
ATOM   784  N  N   . ILE A 1 101 ? -3.786  4.899   11.427  1.00 16.75 ? 101 ILE A N   1 
ATOM   785  C  CA  . ILE A 1 101 ? -2.526  5.035   10.704  1.00 16.86 ? 101 ILE A CA  1 
ATOM   786  C  C   . ILE A 1 101 ? -1.690  3.756   10.862  1.00 16.23 ? 101 ILE A C   1 
ATOM   787  O  O   . ILE A 1 101 ? -0.854  3.438   10.016  1.00 14.34 ? 101 ILE A O   1 
ATOM   788  C  CB  . ILE A 1 101 ? -1.718  6.262   11.214  1.00 19.00 ? 101 ILE A CB  1 
ATOM   789  C  CG1 . ILE A 1 101 ? -0.571  6.584   10.254  1.00 20.49 ? 101 ILE A CG1 1 
ATOM   790  C  CG2 . ILE A 1 101 ? -1.159  5.985   12.592  1.00 21.36 ? 101 ILE A CG2 1 
ATOM   791  C  CD1 . ILE A 1 101 ? -1.018  7.256   8.966   1.00 21.79 ? 101 ILE A CD1 1 
ATOM   792  N  N   . LYS A 1 102 ? -1.930  3.020   11.943  1.00 16.23 ? 102 LYS A N   1 
ATOM   793  C  CA  . LYS A 1 102 ? -1.206  1.775   12.198  1.00 17.51 ? 102 LYS A CA  1 
ATOM   794  C  C   . LYS A 1 102 ? -1.432  0.774   11.061  1.00 16.11 ? 102 LYS A C   1 
ATOM   795  O  O   . LYS A 1 102 ? -0.534  0.019   10.703  1.00 16.60 ? 102 LYS A O   1 
ATOM   796  C  CB  . LYS A 1 102 ? -1.676  1.147   13.516  1.00 19.35 ? 102 LYS A CB  1 
ATOM   797  C  CG  . LYS A 1 102 ? -0.856  -0.059  13.974  1.00 23.41 ? 102 LYS A CG  1 
ATOM   798  C  CD  . LYS A 1 102 ? 0.553   0.358   14.362  1.00 26.51 ? 102 LYS A CD  1 
ATOM   799  C  CE  . LYS A 1 102 ? 1.316   -0.773  15.027  1.00 28.02 ? 102 LYS A CE  1 
ATOM   800  N  NZ  . LYS A 1 102 ? 2.667   -0.320  15.463  1.00 28.46 ? 102 LYS A NZ  1 
ATOM   801  N  N   . TYR A 1 103 ? -2.638  0.766   10.502  1.00 15.21 ? 103 TYR A N   1 
ATOM   802  C  CA  . TYR A 1 103 ? -2.948  -0.156  9.412   1.00 13.63 ? 103 TYR A CA  1 
ATOM   803  C  C   . TYR A 1 103 ? -2.203  0.229   8.142   1.00 14.83 ? 103 TYR A C   1 
ATOM   804  O  O   . TYR A 1 103 ? -1.950  -0.616  7.286   1.00 13.29 ? 103 TYR A O   1 
ATOM   805  C  CB  . TYR A 1 103 ? -4.456  -0.182  9.138   1.00 14.42 ? 103 TYR A CB  1 
ATOM   806  C  CG  . TYR A 1 103 ? -5.285  -0.852  10.219  1.00 13.20 ? 103 TYR A CG  1 
ATOM   807  C  CD1 . TYR A 1 103 ? -4.720  -1.228  11.440  1.00 14.42 ? 103 TYR A CD1 1 
ATOM   808  C  CD2 . TYR A 1 103 ? -6.649  -1.069  10.033  1.00 13.43 ? 103 TYR A CD2 1 
ATOM   809  C  CE1 . TYR A 1 103 ? -5.499  -1.800  12.452  1.00 14.59 ? 103 TYR A CE1 1 
ATOM   810  C  CE2 . TYR A 1 103 ? -7.437  -1.640  11.032  1.00 15.99 ? 103 TYR A CE2 1 
ATOM   811  C  CZ  . TYR A 1 103 ? -6.857  -2.002  12.238  1.00 15.55 ? 103 TYR A CZ  1 
ATOM   812  O  OH  . TYR A 1 103 ? -7.644  -2.560  13.223  1.00 16.01 ? 103 TYR A OH  1 
ATOM   813  N  N   . LEU A 1 104 ? -1.864  1.510   8.013   1.00 14.37 ? 104 LEU A N   1 
ATOM   814  C  CA  . LEU A 1 104 ? -1.124  1.966   6.844   1.00 14.09 ? 104 LEU A CA  1 
ATOM   815  C  C   . LEU A 1 104 ? 0.320   1.512   7.031   1.00 13.86 ? 104 LEU A C   1 
ATOM   816  O  O   . LEU A 1 104 ? 1.044   1.266   6.063   1.00 14.81 ? 104 LEU A O   1 
ATOM   817  C  CB  . LEU A 1 104 ? -1.217  3.491   6.719   1.00 15.17 ? 104 LEU A CB  1 
ATOM   818  C  CG  . LEU A 1 104 ? -2.657  4.026   6.670   1.00 16.84 ? 104 LEU A CG  1 
ATOM   819  C  CD1 . LEU A 1 104 ? -2.637  5.542   6.555   1.00 20.53 ? 104 LEU A CD1 1 
ATOM   820  C  CD2 . LEU A 1 104 ? -3.399  3.422   5.496   1.00 17.61 ? 104 LEU A CD2 1 
ATOM   821  N  N   . GLU A 1 105 ? 0.741   1.400   8.287   1.00 13.16 ? 105 GLU A N   1 
ATOM   822  C  CA  . GLU A 1 105 ? 2.084   0.924   8.591   1.00 12.28 ? 105 GLU A CA  1 
ATOM   823  C  C   . GLU A 1 105 ? 2.115   -0.543  8.158   1.00 12.14 ? 105 GLU A C   1 
ATOM   824  O  O   . GLU A 1 105 ? 3.029   -0.977  7.455   1.00 11.63 ? 105 GLU A O   1 
ATOM   825  C  CB  . GLU A 1 105 ? 2.365   1.003   10.093  1.00 12.28 ? 105 GLU A CB  1 
ATOM   826  C  CG  . GLU A 1 105 ? 3.789   0.623   10.459  1.00 15.21 ? 105 GLU A CG  1 
ATOM   827  C  CD  . GLU A 1 105 ? 3.983   0.429   11.950  1.00 17.21 ? 105 GLU A CD  1 
ATOM   828  O  OE1 . GLU A 1 105 ? 3.156   0.937   12.732  1.00 21.74 ? 105 GLU A OE1 1 
ATOM   829  O  OE2 . GLU A 1 105 ? 4.971   -0.223  12.340  1.00 20.08 ? 105 GLU A OE2 1 
ATOM   830  N  N   . PHE A 1 106 ? 1.099   -1.296  8.579   1.00 12.57 ? 106 PHE A N   1 
ATOM   831  C  CA  . PHE A 1 106 ? 0.997   -2.711  8.223   1.00 13.74 ? 106 PHE A CA  1 
ATOM   832  C  C   . PHE A 1 106 ? 1.082   -2.936  6.704   1.00 13.43 ? 106 PHE A C   1 
ATOM   833  O  O   . PHE A 1 106 ? 1.874   -3.751  6.234   1.00 12.27 ? 106 PHE A O   1 
ATOM   834  C  CB  . PHE A 1 106 ? -0.327  -3.324  8.707   1.00 13.53 ? 106 PHE A CB  1 
ATOM   835  C  CG  . PHE A 1 106 ? -0.503  -3.363  10.213  1.00 16.12 ? 106 PHE A CG  1 
ATOM   836  C  CD1 . PHE A 1 106 ? 0.589   -3.474  11.069  1.00 18.31 ? 106 PHE A CD1 1 
ATOM   837  C  CD2 . PHE A 1 106 ? -1.785  -3.361  10.765  1.00 17.45 ? 106 PHE A CD2 1 
ATOM   838  C  CE1 . PHE A 1 106 ? 0.405   -3.585  12.457  1.00 19.18 ? 106 PHE A CE1 1 
ATOM   839  C  CE2 . PHE A 1 106 ? -1.982  -3.472  12.148  1.00 17.16 ? 106 PHE A CE2 1 
ATOM   840  C  CZ  . PHE A 1 106 ? -0.886  -3.584  12.994  1.00 19.58 ? 106 PHE A CZ  1 
ATOM   841  N  N   . ILE A 1 107 ? 0.249   -2.237  5.938   1.00 12.23 ? 107 ILE A N   1 
ATOM   842  C  CA  . ILE A 1 107 ? 0.250   -2.429  4.488   1.00 10.51 ? 107 ILE A CA  1 
ATOM   843  C  C   . ILE A 1 107 ? 1.562   -1.982  3.850   1.00 10.46 ? 107 ILE A C   1 
ATOM   844  O  O   . ILE A 1 107 ? 1.955   -2.494  2.798   1.00 12.05 ? 107 ILE A O   1 
ATOM   845  C  CB  . ILE A 1 107 ? -0.960  -1.708  3.819   1.00 11.51 ? 107 ILE A CB  1 
ATOM   846  C  CG1 . ILE A 1 107 ? -1.216  -2.305  2.434   1.00 11.12 ? 107 ILE A CG1 1 
ATOM   847  C  CG2 . ILE A 1 107 ? -0.694  -0.208  3.698   1.00 8.42  ? 107 ILE A CG2 1 
ATOM   848  C  CD1 . ILE A 1 107 ? -2.539  -1.903  1.842   1.00 10.20 ? 107 ILE A CD1 1 
ATOM   849  N  N   . SER A 1 108 ? 2.242   -1.033  4.484   1.00 10.94 ? 108 SER A N   1 
ATOM   850  C  CA  . SER A 1 108 ? 3.530   -0.564  3.982   1.00 11.71 ? 108 SER A CA  1 
ATOM   851  C  C   . SER A 1 108 ? 4.531   -1.712  4.097   1.00 12.44 ? 108 SER A C   1 
ATOM   852  O  O   . SER A 1 108 ? 5.251   -2.013  3.149   1.00 11.53 ? 108 SER A O   1 
ATOM   853  C  CB  . SER A 1 108 ? 4.039   0.632   4.801   1.00 14.61 ? 108 SER A CB  1 
ATOM   854  O  OG  . SER A 1 108 ? 3.313   1.813   4.510   1.00 12.22 ? 108 SER A OG  1 
ATOM   855  N  N   . ASP A 1 109 ? 4.573   -2.345  5.268   1.00 14.38 ? 109 ASP A N   1 
ATOM   856  C  CA  . ASP A 1 109 ? 5.479   -3.467  5.486   1.00 13.85 ? 109 ASP A CA  1 
ATOM   857  C  C   . ASP A 1 109 ? 5.097   -4.610  4.554   1.00 13.89 ? 109 ASP A C   1 
ATOM   858  O  O   . ASP A 1 109 ? 5.963   -5.318  4.040   1.00 13.07 ? 109 ASP A O   1 
ATOM   859  C  CB  . ASP A 1 109 ? 5.416   -3.957  6.937   1.00 17.01 ? 109 ASP A CB  1 
ATOM   860  C  CG  . ASP A 1 109 ? 6.017   -2.969  7.916   1.00 18.95 ? 109 ASP A CG  1 
ATOM   861  O  OD1 . ASP A 1 109 ? 6.888   -2.180  7.503   1.00 20.55 ? 109 ASP A OD1 1 
ATOM   862  O  OD2 . ASP A 1 109 ? 5.632   -2.998  9.107   1.00 23.99 ? 109 ASP A OD2 1 
ATOM   863  N  N   . ALA A 1 110 ? 3.797   -4.791  4.340   1.00 12.14 ? 110 ALA A N   1 
ATOM   864  C  CA  . ALA A 1 110 ? 3.326   -5.854  3.461   1.00 13.51 ? 110 ALA A CA  1 
ATOM   865  C  C   . ALA A 1 110 ? 3.867   -5.671  2.038   1.00 13.68 ? 110 ALA A C   1 
ATOM   866  O  O   . ALA A 1 110 ? 4.295   -6.631  1.400   1.00 15.16 ? 110 ALA A O   1 
ATOM   867  C  CB  . ALA A 1 110 ? 1.794   -5.893  3.460   1.00 13.00 ? 110 ALA A CB  1 
ATOM   868  N  N   . ILE A 1 111 ? 3.862   -4.439  1.543   1.00 12.82 ? 111 ILE A N   1 
ATOM   869  C  CA  . ILE A 1 111 ? 4.380   -4.164  0.202   1.00 12.04 ? 111 ILE A CA  1 
ATOM   870  C  C   . ILE A 1 111 ? 5.851   -4.581  0.106   1.00 13.65 ? 111 ILE A C   1 
ATOM   871  O  O   . ILE A 1 111 ? 6.267   -5.203  -0.873  1.00 13.64 ? 111 ILE A O   1 
ATOM   872  C  CB  . ILE A 1 111 ? 4.233   -2.664  -0.145  1.00 10.93 ? 111 ILE A CB  1 
ATOM   873  C  CG1 . ILE A 1 111 ? 2.751   -2.342  -0.375  1.00 10.97 ? 111 ILE A CG1 1 
ATOM   874  C  CG2 . ILE A 1 111 ? 5.068   -2.315  -1.374  1.00 12.60 ? 111 ILE A CG2 1 
ATOM   875  C  CD1 . ILE A 1 111 ? 2.455   -0.863  -0.605  1.00 12.24 ? 111 ILE A CD1 1 
ATOM   876  N  N   . ILE A 1 112 ? 6.632   -4.240  1.128   1.00 12.13 ? 112 ILE A N   1 
ATOM   877  C  CA  . ILE A 1 112 ? 8.045   -4.602  1.165   1.00 12.42 ? 112 ILE A CA  1 
ATOM   878  C  C   . ILE A 1 112 ? 8.190   -6.123  1.145   1.00 12.83 ? 112 ILE A C   1 
ATOM   879  O  O   . ILE A 1 112 ? 9.006   -6.670  0.409   1.00 11.41 ? 112 ILE A O   1 
ATOM   880  C  CB  . ILE A 1 112 ? 8.725   -4.050  2.435   1.00 12.67 ? 112 ILE A CB  1 
ATOM   881  C  CG1 . ILE A 1 112 ? 8.768   -2.521  2.377   1.00 15.58 ? 112 ILE A CG1 1 
ATOM   882  C  CG2 . ILE A 1 112 ? 10.132  -4.634  2.582   1.00 14.14 ? 112 ILE A CG2 1 
ATOM   883  C  CD1 . ILE A 1 112 ? 9.541   -1.960  1.190   1.00 12.69 ? 112 ILE A CD1 1 
ATOM   884  N  N   . HIS A 1 113 ? 7.392   -6.805  1.964   1.00 10.73 ? 113 HIS A N   1 
ATOM   885  C  CA  . HIS A 1 113 ? 7.434   -8.262  2.027   1.00 11.10 ? 113 HIS A CA  1 
ATOM   886  C  C   . HIS A 1 113 ? 7.113   -8.924  0.684   1.00 10.81 ? 113 HIS A C   1 
ATOM   887  O  O   . HIS A 1 113 ? 7.816   -9.833  0.243   1.00 10.45 ? 113 HIS A O   1 
ATOM   888  C  CB  . HIS A 1 113 ? 6.445   -8.774  3.073   1.00 12.74 ? 113 HIS A CB  1 
ATOM   889  C  CG  . HIS A 1 113 ? 6.299   -10.264 3.073   1.00 17.56 ? 113 HIS A CG  1 
ATOM   890  N  ND1 . HIS A 1 113 ? 7.268   -11.108 3.570   1.00 18.55 ? 113 HIS A ND1 1 
ATOM   891  C  CD2 . HIS A 1 113 ? 5.325   -11.062 2.572   1.00 17.37 ? 113 HIS A CD2 1 
ATOM   892  C  CE1 . HIS A 1 113 ? 6.901   -12.361 3.371   1.00 20.00 ? 113 HIS A CE1 1 
ATOM   893  N  NE2 . HIS A 1 113 ? 5.727   -12.360 2.767   1.00 20.63 ? 113 HIS A NE2 1 
ATOM   894  N  N   . VAL A 1 114 ? 6.033   -8.476  0.050   1.00 9.55  ? 114 VAL A N   1 
ATOM   895  C  CA  . VAL A 1 114 ? 5.610   -9.025  -1.236  1.00 11.21 ? 114 VAL A CA  1 
ATOM   896  C  C   . VAL A 1 114 ? 6.648   -8.808  -2.349  1.00 10.86 ? 114 VAL A C   1 
ATOM   897  O  O   . VAL A 1 114 ? 6.832   -9.664  -3.218  1.00 10.46 ? 114 VAL A O   1 
ATOM   898  C  CB  . VAL A 1 114 ? 4.259   -8.416  -1.660  1.00 11.02 ? 114 VAL A CB  1 
ATOM   899  C  CG1 . VAL A 1 114 ? 3.925   -8.822  -3.090  1.00 12.64 ? 114 VAL A CG1 1 
ATOM   900  C  CG2 . VAL A 1 114 ? 3.172   -8.877  -0.707  1.00 13.91 ? 114 VAL A CG2 1 
ATOM   901  N  N   . LEU A 1 115 ? 7.326   -7.667  -2.331  1.00 10.87 ? 115 LEU A N   1 
ATOM   902  C  CA  . LEU A 1 115 ? 8.339   -7.406  -3.344  1.00 10.86 ? 115 LEU A CA  1 
ATOM   903  C  C   . LEU A 1 115 ? 9.472   -8.423  -3.188  1.00 11.89 ? 115 LEU A C   1 
ATOM   904  O  O   . LEU A 1 115 ? 9.966   -8.969  -4.167  1.00 8.63  ? 115 LEU A O   1 
ATOM   905  C  CB  . LEU A 1 115 ? 8.870   -5.972  -3.217  1.00 11.10 ? 115 LEU A CB  1 
ATOM   906  C  CG  . LEU A 1 115 ? 7.917   -4.898  -3.767  1.00 10.68 ? 115 LEU A CG  1 
ATOM   907  C  CD1 . LEU A 1 115 ? 8.355   -3.503  -3.324  1.00 12.27 ? 115 LEU A CD1 1 
ATOM   908  C  CD2 . LEU A 1 115 ? 7.889   -4.999  -5.285  1.00 12.13 ? 115 LEU A CD2 1 
ATOM   909  N  N   . HIS A 1 116 ? 9.879   -8.683  -1.948  1.00 12.74 ? 116 HIS A N   1 
ATOM   910  C  CA  . HIS A 1 116 ? 10.936  -9.661  -1.707  1.00 12.98 ? 116 HIS A CA  1 
ATOM   911  C  C   . HIS A 1 116 ? 10.450  -11.070 -2.054  1.00 12.60 ? 116 HIS A C   1 
ATOM   912  O  O   . HIS A 1 116 ? 11.188  -11.870 -2.627  1.00 10.58 ? 116 HIS A O   1 
ATOM   913  C  CB  . HIS A 1 116 ? 11.383  -9.626  -0.239  1.00 11.55 ? 116 HIS A CB  1 
ATOM   914  C  CG  . HIS A 1 116 ? 12.448  -8.614  0.049   1.00 11.46 ? 116 HIS A CG  1 
ATOM   915  N  ND1 . HIS A 1 116 ? 13.665  -8.612  -0.596  1.00 9.29  ? 116 HIS A ND1 1 
ATOM   916  C  CD2 . HIS A 1 116 ? 12.486  -7.582  0.927   1.00 10.55 ? 116 HIS A CD2 1 
ATOM   917  C  CE1 . HIS A 1 116 ? 14.408  -7.624  -0.131  1.00 9.67  ? 116 HIS A CE1 1 
ATOM   918  N  NE2 . HIS A 1 116 ? 13.716  -6.983  0.795   1.00 11.23 ? 116 HIS A NE2 1 
ATOM   919  N  N   . SER A 1 117 ? 9.198   -11.363 -1.714  1.00 13.52 ? 117 SER A N   1 
ATOM   920  C  CA  . SER A 1 117 ? 8.633   -12.683 -1.976  1.00 13.95 ? 117 SER A CA  1 
ATOM   921  C  C   . SER A 1 117 ? 8.490   -13.002 -3.460  1.00 13.80 ? 117 SER A C   1 
ATOM   922  O  O   . SER A 1 117 ? 8.766   -14.124 -3.888  1.00 10.70 ? 117 SER A O   1 
ATOM   923  C  CB  . SER A 1 117 ? 7.270   -12.816 -1.296  1.00 14.40 ? 117 SER A CB  1 
ATOM   924  O  OG  . SER A 1 117 ? 6.739   -14.113 -1.489  1.00 15.41 ? 117 SER A OG  1 
ATOM   925  N  N   . LYS A 1 118 ? 8.051   -12.021 -4.244  1.00 13.78 ? 118 LYS A N   1 
ATOM   926  C  CA  . LYS A 1 118 ? 7.875   -12.228 -5.681  1.00 12.04 ? 118 LYS A CA  1 
ATOM   927  C  C   . LYS A 1 118 ? 9.153   -12.008 -6.482  1.00 11.52 ? 118 LYS A C   1 
ATOM   928  O  O   . LYS A 1 118 ? 9.276   -12.501 -7.600  1.00 9.37  ? 118 LYS A O   1 
ATOM   929  C  CB  . LYS A 1 118 ? 6.777   -11.302 -6.224  1.00 11.05 ? 118 LYS A CB  1 
ATOM   930  C  CG  . LYS A 1 118 ? 5.405   -11.554 -5.615  1.00 11.92 ? 118 LYS A CG  1 
ATOM   931  C  CD  . LYS A 1 118 ? 4.317   -10.705 -6.256  1.00 13.03 ? 118 LYS A CD  1 
ATOM   932  C  CE  . LYS A 1 118 ? 3.999   -11.163 -7.676  1.00 13.51 ? 118 LYS A CE  1 
ATOM   933  N  NZ  . LYS A 1 118 ? 3.448   -12.552 -7.724  1.00 15.87 ? 118 LYS A NZ  1 
ATOM   934  N  N   . HIS A 1 119 ? 10.104  -11.279 -5.908  1.00 11.14 ? 119 HIS A N   1 
ATOM   935  C  CA  . HIS A 1 119 ? 11.352  -10.988 -6.612  1.00 12.78 ? 119 HIS A CA  1 
ATOM   936  C  C   . HIS A 1 119 ? 12.579  -11.250 -5.745  1.00 12.60 ? 119 HIS A C   1 
ATOM   937  O  O   . HIS A 1 119 ? 13.422  -10.372 -5.581  1.00 13.18 ? 119 HIS A O   1 
ATOM   938  C  CB  . HIS A 1 119 ? 11.343  -9.527  -7.053  1.00 13.27 ? 119 HIS A CB  1 
ATOM   939  C  CG  . HIS A 1 119 ? 10.083  -9.122  -7.751  1.00 13.68 ? 119 HIS A CG  1 
ATOM   940  N  ND1 . HIS A 1 119 ? 9.844   -9.402  -9.079  1.00 15.44 ? 119 HIS A ND1 1 
ATOM   941  C  CD2 . HIS A 1 119 ? 8.965   -8.515  -7.287  1.00 13.90 ? 119 HIS A CD2 1 
ATOM   942  C  CE1 . HIS A 1 119 ? 8.632   -8.987  -9.403  1.00 13.86 ? 119 HIS A CE1 1 
ATOM   943  N  NE2 . HIS A 1 119 ? 8.078   -8.444  -8.334  1.00 12.66 ? 119 HIS A NE2 1 
ATOM   944  N  N   . PRO A 1 120 ? 12.699  -12.467 -5.192  1.00 13.33 ? 120 PRO A N   1 
ATOM   945  C  CA  . PRO A 1 120 ? 13.841  -12.813 -4.339  1.00 12.05 ? 120 PRO A CA  1 
ATOM   946  C  C   . PRO A 1 120 ? 15.182  -12.574 -5.023  1.00 12.88 ? 120 PRO A C   1 
ATOM   947  O  O   . PRO A 1 120 ? 15.420  -13.058 -6.130  1.00 11.97 ? 120 PRO A O   1 
ATOM   948  C  CB  . PRO A 1 120 ? 13.597  -14.284 -4.014  1.00 13.08 ? 120 PRO A CB  1 
ATOM   949  C  CG  . PRO A 1 120 ? 12.875  -14.789 -5.260  1.00 13.47 ? 120 PRO A CG  1 
ATOM   950  C  CD  . PRO A 1 120 ? 11.892  -13.663 -5.504  1.00 12.89 ? 120 PRO A CD  1 
ATOM   951  N  N   . GLY A 1 121 ? 16.047  -11.812 -4.362  1.00 13.50 ? 121 GLY A N   1 
ATOM   952  C  CA  . GLY A 1 121 ? 17.353  -11.525 -4.924  1.00 13.27 ? 121 GLY A CA  1 
ATOM   953  C  C   . GLY A 1 121 ? 17.334  -10.470 -6.014  1.00 15.51 ? 121 GLY A C   1 
ATOM   954  O  O   . GLY A 1 121 ? 18.374  -10.172 -6.605  1.00 15.44 ? 121 GLY A O   1 
ATOM   955  N  N   . ASP A 1 122 ? 16.163  -9.897  -6.279  1.00 14.94 ? 122 ASP A N   1 
ATOM   956  C  CA  . ASP A 1 122 ? 16.039  -8.878  -7.310  1.00 15.52 ? 122 ASP A CA  1 
ATOM   957  C  C   . ASP A 1 122 ? 15.497  -7.561  -6.749  1.00 15.75 ? 122 ASP A C   1 
ATOM   958  O  O   . ASP A 1 122 ? 15.080  -6.684  -7.500  1.00 18.01 ? 122 ASP A O   1 
ATOM   959  C  CB  . ASP A 1 122 ? 15.130  -9.385  -8.435  1.00 19.33 ? 122 ASP A CB  1 
ATOM   960  C  CG  . ASP A 1 122 ? 15.203  -8.522  -9.678  1.00 23.78 ? 122 ASP A CG  1 
ATOM   961  O  OD1 . ASP A 1 122 ? 16.325  -8.116  -10.048 1.00 27.76 ? 122 ASP A OD1 1 
ATOM   962  O  OD2 . ASP A 1 122 ? 14.147  -8.262  -10.294 1.00 23.87 ? 122 ASP A OD2 1 
ATOM   963  N  N   . PHE A 1 123 ? 15.508  -7.436  -5.424  1.00 14.27 ? 123 PHE A N   1 
ATOM   964  C  CA  . PHE A 1 123 ? 15.034  -6.231  -4.737  1.00 13.41 ? 123 PHE A CA  1 
ATOM   965  C  C   . PHE A 1 123 ? 16.169  -5.884  -3.777  1.00 14.72 ? 123 PHE A C   1 
ATOM   966  O  O   . PHE A 1 123 ? 16.143  -6.255  -2.602  1.00 13.95 ? 123 PHE A O   1 
ATOM   967  C  CB  . PHE A 1 123 ? 13.730  -6.551  -3.984  1.00 13.59 ? 123 PHE A CB  1 
ATOM   968  C  CG  . PHE A 1 123 ? 13.110  -5.373  -3.276  1.00 14.91 ? 123 PHE A CG  1 
ATOM   969  C  CD1 . PHE A 1 123 ? 13.150  -4.099  -3.834  1.00 13.98 ? 123 PHE A CD1 1 
ATOM   970  C  CD2 . PHE A 1 123 ? 12.432  -5.555  -2.071  1.00 13.58 ? 123 PHE A CD2 1 
ATOM   971  C  CE1 . PHE A 1 123 ? 12.523  -3.026  -3.207  1.00 13.66 ? 123 PHE A CE1 1 
ATOM   972  C  CE2 . PHE A 1 123 ? 11.799  -4.485  -1.434  1.00 14.23 ? 123 PHE A CE2 1 
ATOM   973  C  CZ  . PHE A 1 123 ? 11.845  -3.220  -2.003  1.00 13.62 ? 123 PHE A CZ  1 
ATOM   974  N  N   . GLY A 1 124 ? 17.164  -5.176  -4.311  1.00 12.86 ? 124 GLY A N   1 
ATOM   975  C  CA  . GLY A 1 124 ? 18.356  -4.813  -3.560  1.00 14.78 ? 124 GLY A CA  1 
ATOM   976  C  C   . GLY A 1 124 ? 18.232  -3.924  -2.340  1.00 14.43 ? 124 GLY A C   1 
ATOM   977  O  O   . GLY A 1 124 ? 17.206  -3.289  -2.119  1.00 14.63 ? 124 GLY A O   1 
ATOM   978  N  N   . ALA A 1 125 ? 19.301  -3.892  -1.548  1.00 13.23 ? 125 ALA A N   1 
ATOM   979  C  CA  . ALA A 1 125 ? 19.351  -3.082  -0.337  1.00 12.90 ? 125 ALA A CA  1 
ATOM   980  C  C   . ALA A 1 125 ? 19.018  -1.632  -0.669  1.00 12.75 ? 125 ALA A C   1 
ATOM   981  O  O   . ALA A 1 125 ? 18.218  -0.995  0.022   1.00 13.50 ? 125 ALA A O   1 
ATOM   982  C  CB  . ALA A 1 125 ? 20.743  -3.172  0.297   1.00 11.65 ? 125 ALA A CB  1 
ATOM   983  N  N   . ASP A 1 126 ? 19.628  -1.120  -1.734  1.00 13.36 ? 126 ASP A N   1 
ATOM   984  C  CA  . ASP A 1 126 ? 19.397  0.257   -2.166  1.00 14.39 ? 126 ASP A CA  1 
ATOM   985  C  C   . ASP A 1 126 ? 17.921  0.464   -2.517  1.00 12.07 ? 126 ASP A C   1 
ATOM   986  O  O   . ASP A 1 126 ? 17.309  1.448   -2.095  1.00 13.51 ? 126 ASP A O   1 
ATOM   987  C  CB  . ASP A 1 126 ? 20.296  0.587   -3.367  1.00 16.99 ? 126 ASP A CB  1 
ATOM   988  C  CG  . ASP A 1 126 ? 20.042  -0.322  -4.559  1.00 20.97 ? 126 ASP A CG  1 
ATOM   989  O  OD1 . ASP A 1 126 ? 19.685  -1.498  -4.355  1.00 24.49 ? 126 ASP A OD1 1 
ATOM   990  O  OD2 . ASP A 1 126 ? 20.214  0.140   -5.705  1.00 27.06 ? 126 ASP A OD2 1 
ATOM   991  N  N   . ALA A 1 127 ? 17.355  -0.480  -3.265  1.00 11.59 ? 127 ALA A N   1 
ATOM   992  C  CA  . ALA A 1 127 ? 15.949  -0.423  -3.669  1.00 11.46 ? 127 ALA A CA  1 
ATOM   993  C  C   . ALA A 1 127 ? 14.995  -0.487  -2.474  1.00 12.36 ? 127 ALA A C   1 
ATOM   994  O  O   . ALA A 1 127 ? 14.006  0.248   -2.422  1.00 11.30 ? 127 ALA A O   1 
ATOM   995  C  CB  . ALA A 1 127 ? 15.642  -1.557  -4.643  1.00 12.91 ? 127 ALA A CB  1 
ATOM   996  N  N   . GLN A 1 128 ? 15.268  -1.372  -1.519  1.00 11.33 ? 128 GLN A N   1 
ATOM   997  C  CA  . GLN A 1 128 ? 14.402  -1.462  -0.347  1.00 11.22 ? 128 GLN A CA  1 
ATOM   998  C  C   . GLN A 1 128 ? 14.465  -0.142  0.417   1.00 11.31 ? 128 GLN A C   1 
ATOM   999  O  O   . GLN A 1 128 ? 13.448  0.346   0.909   1.00 10.00 ? 128 GLN A O   1 
ATOM   1000 C  CB  . GLN A 1 128 ? 14.827  -2.613  0.578   1.00 10.36 ? 128 GLN A CB  1 
ATOM   1001 C  CG  . GLN A 1 128 ? 14.038  -2.645  1.885   1.00 10.85 ? 128 GLN A CG  1 
ATOM   1002 C  CD  . GLN A 1 128 ? 14.378  -3.830  2.779   1.00 11.54 ? 128 GLN A CD  1 
ATOM   1003 O  OE1 . GLN A 1 128 ? 14.068  -3.825  3.975   1.00 15.94 ? 128 GLN A OE1 1 
ATOM   1004 N  NE2 . GLN A 1 128 ? 14.998  -4.852  2.207   1.00 10.59 ? 128 GLN A NE2 1 
ATOM   1005 N  N   . GLY A 1 129 ? 15.662  0.427   0.509   1.00 11.10 ? 129 GLY A N   1 
ATOM   1006 C  CA  . GLY A 1 129 ? 15.835  1.693   1.201   1.00 11.46 ? 129 GLY A CA  1 
ATOM   1007 C  C   . GLY A 1 129 ? 15.043  2.817   0.553   1.00 11.37 ? 129 GLY A C   1 
ATOM   1008 O  O   . GLY A 1 129 ? 14.380  3.599   1.236   1.00 10.00 ? 129 GLY A O   1 
ATOM   1009 N  N   . ALA A 1 130 ? 15.094  2.898   -0.771  1.00 12.30 ? 130 ALA A N   1 
ATOM   1010 C  CA  . ALA A 1 130 ? 14.369  3.948   -1.486  1.00 12.00 ? 130 ALA A CA  1 
ATOM   1011 C  C   . ALA A 1 130 ? 12.859  3.781   -1.340  1.00 13.15 ? 130 ALA A C   1 
ATOM   1012 O  O   . ALA A 1 130 ? 12.142  4.732   -1.011  1.00 14.89 ? 130 ALA A O   1 
ATOM   1013 C  CB  . ALA A 1 130 ? 14.754  3.931   -2.960  1.00 12.18 ? 130 ALA A CB  1 
ATOM   1014 N  N   . MET A 1 131 ? 12.379  2.568   -1.592  1.00 12.50 ? 131 MET A N   1 
ATOM   1015 C  CA  . MET A 1 131 ? 10.954  2.264   -1.496  1.00 13.15 ? 131 MET A CA  1 
ATOM   1016 C  C   . MET A 1 131 ? 10.433  2.506   -0.079  1.00 13.51 ? 131 MET A C   1 
ATOM   1017 O  O   . MET A 1 131 ? 9.318   3.003   0.115   1.00 10.98 ? 131 MET A O   1 
ATOM   1018 C  CB  . MET A 1 131 ? 10.706  0.808   -1.906  1.00 13.46 ? 131 MET A CB  1 
ATOM   1019 C  CG  . MET A 1 131 ? 9.230   0.413   -1.949  1.00 16.35 ? 131 MET A CG  1 
ATOM   1020 S  SD  . MET A 1 131 ? 8.238   1.490   -3.028  1.00 18.06 ? 131 MET A SD  1 
ATOM   1021 C  CE  . MET A 1 131 ? 8.731   0.927   -4.618  1.00 17.62 ? 131 MET A CE  1 
ATOM   1022 N  N   . THR A 1 132 ? 11.238  2.147   0.914   1.00 12.15 ? 132 THR A N   1 
ATOM   1023 C  CA  . THR A 1 132 ? 10.841  2.348   2.303   1.00 13.22 ? 132 THR A CA  1 
ATOM   1024 C  C   . THR A 1 132 ? 10.657  3.835   2.586   1.00 13.08 ? 132 THR A C   1 
ATOM   1025 O  O   . THR A 1 132 ? 9.691   4.232   3.237   1.00 13.64 ? 132 THR A O   1 
ATOM   1026 C  CB  . THR A 1 132 ? 11.890  1.784   3.270   1.00 14.08 ? 132 THR A CB  1 
ATOM   1027 O  OG1 . THR A 1 132 ? 12.025  0.380   3.047   1.00 11.62 ? 132 THR A OG1 1 
ATOM   1028 C  CG2 . THR A 1 132 ? 11.468  2.021   4.716   1.00 11.63 ? 132 THR A CG2 1 
ATOM   1029 N  N   . LYS A 1 133 ? 11.581  4.661   2.101   1.00 12.87 ? 133 LYS A N   1 
ATOM   1030 C  CA  . LYS A 1 133 ? 11.468  6.103   2.315   1.00 13.24 ? 133 LYS A CA  1 
ATOM   1031 C  C   . LYS A 1 133 ? 10.224  6.668   1.642   1.00 13.42 ? 133 LYS A C   1 
ATOM   1032 O  O   . LYS A 1 133 ? 9.577   7.568   2.177   1.00 12.76 ? 133 LYS A O   1 
ATOM   1033 C  CB  . LYS A 1 133 ? 12.693  6.841   1.772   1.00 15.70 ? 133 LYS A CB  1 
ATOM   1034 C  CG  . LYS A 1 133 ? 13.917  6.771   2.661   1.00 18.61 ? 133 LYS A CG  1 
ATOM   1035 C  CD  . LYS A 1 133 ? 15.036  7.667   2.137   1.00 18.53 ? 133 LYS A CD  1 
ATOM   1036 C  CE  . LYS A 1 133 ? 14.676  9.141   2.263   1.00 21.39 ? 133 LYS A CE  1 
ATOM   1037 N  NZ  . LYS A 1 133 ? 15.760  10.040  1.765   1.00 26.56 ? 133 LYS A NZ  1 
ATOM   1038 N  N   . ALA A 1 134 ? 9.896   6.149   0.462   1.00 12.74 ? 134 ALA A N   1 
ATOM   1039 C  CA  . ALA A 1 134 ? 8.731   6.640   -0.267  1.00 11.69 ? 134 ALA A CA  1 
ATOM   1040 C  C   . ALA A 1 134 ? 7.455   6.290   0.481   1.00 12.00 ? 134 ALA A C   1 
ATOM   1041 O  O   . ALA A 1 134 ? 6.534   7.107   0.577   1.00 13.53 ? 134 ALA A O   1 
ATOM   1042 C  CB  . ALA A 1 134 ? 8.700   6.047   -1.683  1.00 11.08 ? 134 ALA A CB  1 
ATOM   1043 N  N   . LEU A 1 135 ? 7.408   5.076   1.020   1.00 9.69  ? 135 LEU A N   1 
ATOM   1044 C  CA  . LEU A 1 135 ? 6.246   4.607   1.764   1.00 11.16 ? 135 LEU A CA  1 
ATOM   1045 C  C   . LEU A 1 135 ? 6.094   5.351   3.085   1.00 11.17 ? 135 LEU A C   1 
ATOM   1046 O  O   . LEU A 1 135 ? 4.976   5.566   3.556   1.00 13.40 ? 135 LEU A O   1 
ATOM   1047 C  CB  . LEU A 1 135 ? 6.352   3.093   2.009   1.00 8.83  ? 135 LEU A CB  1 
ATOM   1048 C  CG  . LEU A 1 135 ? 6.228   2.218   0.754   1.00 10.54 ? 135 LEU A CG  1 
ATOM   1049 C  CD1 . LEU A 1 135 ? 6.463   0.755   1.103   1.00 10.65 ? 135 LEU A CD1 1 
ATOM   1050 C  CD2 . LEU A 1 135 ? 4.845   2.398   0.135   1.00 10.82 ? 135 LEU A CD2 1 
ATOM   1051 N  N   . GLU A 1 136 ? 7.213   5.749   3.680   1.00 12.03 ? 136 GLU A N   1 
ATOM   1052 C  CA  . GLU A 1 136 ? 7.175   6.488   4.938   1.00 12.26 ? 136 GLU A CA  1 
ATOM   1053 C  C   . GLU A 1 136 ? 6.690   7.914   4.678   1.00 11.81 ? 136 GLU A C   1 
ATOM   1054 O  O   . GLU A 1 136 ? 5.949   8.480   5.479   1.00 12.90 ? 136 GLU A O   1 
ATOM   1055 C  CB  . GLU A 1 136 ? 8.563   6.525   5.584   1.00 12.21 ? 136 GLU A CB  1 
ATOM   1056 C  CG  . GLU A 1 136 ? 9.120   5.152   5.934   1.00 13.71 ? 136 GLU A CG  1 
ATOM   1057 C  CD  . GLU A 1 136 ? 10.496  5.233   6.572   1.00 15.16 ? 136 GLU A CD  1 
ATOM   1058 O  OE1 . GLU A 1 136 ? 11.371  5.912   6.002   1.00 14.84 ? 136 GLU A OE1 1 
ATOM   1059 O  OE2 . GLU A 1 136 ? 10.705  4.615   7.637   1.00 17.12 ? 136 GLU A OE2 1 
ATOM   1060 N  N   . LEU A 1 137 ? 7.121   8.497   3.564   1.00 11.05 ? 137 LEU A N   1 
ATOM   1061 C  CA  . LEU A 1 137 ? 6.700   9.851   3.202   1.00 11.47 ? 137 LEU A CA  1 
ATOM   1062 C  C   . LEU A 1 137 ? 5.185   9.847   3.018   1.00 11.49 ? 137 LEU A C   1 
ATOM   1063 O  O   . LEU A 1 137 ? 4.482   10.727  3.512   1.00 10.84 ? 137 LEU A O   1 
ATOM   1064 C  CB  . LEU A 1 137 ? 7.385   10.292  1.901   1.00 11.13 ? 137 LEU A CB  1 
ATOM   1065 C  CG  . LEU A 1 137 ? 7.016   11.685  1.381   1.00 12.53 ? 137 LEU A CG  1 
ATOM   1066 C  CD1 . LEU A 1 137 ? 7.296   12.725  2.468   1.00 12.66 ? 137 LEU A CD1 1 
ATOM   1067 C  CD2 . LEU A 1 137 ? 7.817   12.004  0.116   1.00 11.77 ? 137 LEU A CD2 1 
ATOM   1068 N  N   . PHE A 1 138 ? 4.706   8.843   2.295   1.00 11.83 ? 138 PHE A N   1 
ATOM   1069 C  CA  . PHE A 1 138 ? 3.286   8.645   2.027   1.00 14.02 ? 138 PHE A CA  1 
ATOM   1070 C  C   . PHE A 1 138 ? 2.548   8.568   3.365   1.00 14.76 ? 138 PHE A C   1 
ATOM   1071 O  O   . PHE A 1 138 ? 1.612   9.327   3.620   1.00 15.57 ? 138 PHE A O   1 
ATOM   1072 C  CB  . PHE A 1 138 ? 3.124   7.339   1.245   1.00 13.05 ? 138 PHE A CB  1 
ATOM   1073 C  CG  . PHE A 1 138 ? 1.702   6.868   1.100   1.00 13.18 ? 138 PHE A CG  1 
ATOM   1074 C  CD1 . PHE A 1 138 ? 0.793   7.570   0.318   1.00 15.51 ? 138 PHE A CD1 1 
ATOM   1075 C  CD2 . PHE A 1 138 ? 1.293   5.682   1.701   1.00 16.68 ? 138 PHE A CD2 1 
ATOM   1076 C  CE1 . PHE A 1 138 ? -0.500  7.095   0.131   1.00 17.25 ? 138 PHE A CE1 1 
ATOM   1077 C  CE2 . PHE A 1 138 ? -0.002  5.198   1.520   1.00 17.87 ? 138 PHE A CE2 1 
ATOM   1078 C  CZ  . PHE A 1 138 ? -0.899  5.910   0.730   1.00 17.12 ? 138 PHE A CZ  1 
ATOM   1079 N  N   . ARG A 1 139 ? 3.002   7.658   4.219   1.00 13.15 ? 139 ARG A N   1 
ATOM   1080 C  CA  . ARG A 1 139 ? 2.416   7.447   5.540   1.00 14.26 ? 139 ARG A CA  1 
ATOM   1081 C  C   . ARG A 1 139 ? 2.483   8.712   6.396   1.00 14.85 ? 139 ARG A C   1 
ATOM   1082 O  O   . ARG A 1 139 ? 1.537   9.050   7.107   1.00 14.83 ? 139 ARG A O   1 
ATOM   1083 C  CB  . ARG A 1 139 ? 3.155   6.298   6.243   1.00 15.38 ? 139 ARG A CB  1 
ATOM   1084 C  CG  . ARG A 1 139 ? 2.448   5.744   7.460   1.00 19.47 ? 139 ARG A CG  1 
ATOM   1085 C  CD  . ARG A 1 139 ? 2.872   4.303   7.766   1.00 18.55 ? 139 ARG A CD  1 
ATOM   1086 N  NE  . ARG A 1 139 ? 4.216   4.184   8.327   1.00 17.57 ? 139 ARG A NE  1 
ATOM   1087 C  CZ  . ARG A 1 139 ? 5.263   3.673   7.680   1.00 19.45 ? 139 ARG A CZ  1 
ATOM   1088 N  NH1 . ARG A 1 139 ? 5.135   3.230   6.436   1.00 20.14 ? 139 ARG A NH1 1 
ATOM   1089 N  NH2 . ARG A 1 139 ? 6.440   3.585   8.287   1.00 18.77 ? 139 ARG A NH2 1 
ATOM   1090 N  N   . ASN A 1 140 ? 3.601   9.419   6.321   1.00 12.96 ? 140 ASN A N   1 
ATOM   1091 C  CA  . ASN A 1 140 ? 3.755   10.624  7.116   1.00 14.09 ? 140 ASN A CA  1 
ATOM   1092 C  C   . ASN A 1 140 ? 2.836   11.748  6.642   1.00 13.75 ? 140 ASN A C   1 
ATOM   1093 O  O   . ASN A 1 140 ? 2.272   12.482  7.453   1.00 13.33 ? 140 ASN A O   1 
ATOM   1094 C  CB  . ASN A 1 140 ? 5.201   11.096  7.090   1.00 14.48 ? 140 ASN A CB  1 
ATOM   1095 C  CG  . ASN A 1 140 ? 5.497   12.088  8.190   1.00 17.41 ? 140 ASN A CG  1 
ATOM   1096 O  OD1 . ASN A 1 140 ? 5.335   11.778  9.377   1.00 19.43 ? 140 ASN A OD1 1 
ATOM   1097 N  ND2 . ASN A 1 140 ? 5.927   13.284  7.812   1.00 17.07 ? 140 ASN A ND2 1 
ATOM   1098 N  N   . ASP A 1 141 ? 2.670   11.888  5.331   1.00 13.27 ? 141 ASP A N   1 
ATOM   1099 C  CA  . ASP A 1 141 ? 1.803   12.951  4.837   1.00 12.88 ? 141 ASP A CA  1 
ATOM   1100 C  C   . ASP A 1 141 ? 0.344   12.651  5.155   1.00 14.78 ? 141 ASP A C   1 
ATOM   1101 O  O   . ASP A 1 141 ? -0.452  13.567  5.370   1.00 12.45 ? 141 ASP A O   1 
ATOM   1102 C  CB  . ASP A 1 141 ? 2.013   13.164  3.337   1.00 11.58 ? 141 ASP A CB  1 
ATOM   1103 C  CG  . ASP A 1 141 ? 3.298   13.924  3.038   1.00 15.64 ? 141 ASP A CG  1 
ATOM   1104 O  OD1 . ASP A 1 141 ? 3.945   14.382  4.002   1.00 12.73 ? 141 ASP A OD1 1 
ATOM   1105 O  OD2 . ASP A 1 141 ? 3.661   14.075  1.853   1.00 13.16 ? 141 ASP A OD2 1 
ATOM   1106 N  N   . ILE A 1 142 ? -0.008  11.369  5.196   1.00 13.61 ? 142 ILE A N   1 
ATOM   1107 C  CA  . ILE A 1 142 ? -1.377  10.983  5.529   1.00 15.04 ? 142 ILE A CA  1 
ATOM   1108 C  C   . ILE A 1 142 ? -1.585  11.266  7.015   1.00 14.64 ? 142 ILE A C   1 
ATOM   1109 O  O   . ILE A 1 142 ? -2.626  11.785  7.421   1.00 13.55 ? 142 ILE A O   1 
ATOM   1110 C  CB  . ILE A 1 142 ? -1.625  9.479   5.262   1.00 14.59 ? 142 ILE A CB  1 
ATOM   1111 C  CG1 . ILE A 1 142 ? -1.751  9.226   3.760   1.00 14.84 ? 142 ILE A CG1 1 
ATOM   1112 C  CG2 . ILE A 1 142 ? -2.874  9.011   6.000   1.00 16.51 ? 142 ILE A CG2 1 
ATOM   1113 C  CD1 . ILE A 1 142 ? -1.886  7.764   3.399   1.00 18.88 ? 142 ILE A CD1 1 
ATOM   1114 N  N   . ALA A 1 143 ? -0.584  10.924  7.820   1.00 14.21 ? 143 ALA A N   1 
ATOM   1115 C  CA  . ALA A 1 143 ? -0.655  11.136  9.264   1.00 14.52 ? 143 ALA A CA  1 
ATOM   1116 C  C   . ALA A 1 143 ? -0.917  12.603  9.585   1.00 14.58 ? 143 ALA A C   1 
ATOM   1117 O  O   . ALA A 1 143 ? -1.613  12.925  10.548  1.00 13.02 ? 143 ALA A O   1 
ATOM   1118 C  CB  . ALA A 1 143 ? 0.646   10.683  9.923   1.00 14.06 ? 143 ALA A CB  1 
ATOM   1119 N  N   . ALA A 1 144 ? -0.347  13.495  8.782   1.00 15.34 ? 144 ALA A N   1 
ATOM   1120 C  CA  . ALA A 1 144 ? -0.538  14.924  8.990   1.00 15.78 ? 144 ALA A CA  1 
ATOM   1121 C  C   . ALA A 1 144 ? -2.014  15.274  8.787   1.00 17.10 ? 144 ALA A C   1 
ATOM   1122 O  O   . ALA A 1 144 ? -2.598  16.035  9.560   1.00 17.96 ? 144 ALA A O   1 
ATOM   1123 C  CB  . ALA A 1 144 ? 0.336   15.715  8.020   1.00 16.26 ? 144 ALA A CB  1 
ATOM   1124 N  N   . LYS A 1 145 ? -2.610  14.711  7.741   1.00 16.33 ? 145 LYS A N   1 
ATOM   1125 C  CA  . LYS A 1 145 ? -4.016  14.959  7.439   1.00 14.83 ? 145 LYS A CA  1 
ATOM   1126 C  C   . LYS A 1 145 ? -4.899  14.357  8.528   1.00 15.47 ? 145 LYS A C   1 
ATOM   1127 O  O   . LYS A 1 145 ? -5.959  14.895  8.853   1.00 13.06 ? 145 LYS A O   1 
ATOM   1128 C  CB  . LYS A 1 145 ? -4.377  14.348  6.085   1.00 17.38 ? 145 LYS A CB  1 
ATOM   1129 C  CG  . LYS A 1 145 ? -3.551  14.879  4.929   1.00 18.30 ? 145 LYS A CG  1 
ATOM   1130 C  CD  . LYS A 1 145 ? -3.796  16.364  4.708   1.00 22.63 ? 145 LYS A CD  1 
ATOM   1131 C  CE  . LYS A 1 145 ? -3.032  16.871  3.492   1.00 24.54 ? 145 LYS A CE  1 
ATOM   1132 N  NZ  . LYS A 1 145 ? -3.268  18.318  3.240   1.00 28.65 ? 145 LYS A NZ  1 
ATOM   1133 N  N   . TYR A 1 146 ? -4.452  13.237  9.090   1.00 13.72 ? 146 TYR A N   1 
ATOM   1134 C  CA  . TYR A 1 146 ? -5.188  12.567  10.156  1.00 13.79 ? 146 TYR A CA  1 
ATOM   1135 C  C   . TYR A 1 146 ? -5.225  13.451  11.398  1.00 14.02 ? 146 TYR A C   1 
ATOM   1136 O  O   . TYR A 1 146 ? -6.258  13.555  12.067  1.00 14.89 ? 146 TYR A O   1 
ATOM   1137 C  CB  . TYR A 1 146 ? -4.517  11.233  10.493  1.00 15.38 ? 146 TYR A CB  1 
ATOM   1138 C  CG  . TYR A 1 146 ? -5.026  10.047  9.702   1.00 15.01 ? 146 TYR A CG  1 
ATOM   1139 C  CD1 . TYR A 1 146 ? -5.376  10.171  8.355   1.00 15.22 ? 146 TYR A CD1 1 
ATOM   1140 C  CD2 . TYR A 1 146 ? -5.124  8.789   10.295  1.00 14.94 ? 146 TYR A CD2 1 
ATOM   1141 C  CE1 . TYR A 1 146 ? -5.813  9.066   7.619   1.00 16.00 ? 146 TYR A CE1 1 
ATOM   1142 C  CE2 . TYR A 1 146 ? -5.557  7.678   9.569   1.00 17.28 ? 146 TYR A CE2 1 
ATOM   1143 C  CZ  . TYR A 1 146 ? -5.901  7.823   8.233   1.00 16.94 ? 146 TYR A CZ  1 
ATOM   1144 O  OH  . TYR A 1 146 ? -6.344  6.727   7.525   1.00 14.23 ? 146 TYR A OH  1 
ATOM   1145 N  N   . LYS A 1 147 ? -4.099  14.086  11.714  1.00 12.87 ? 147 LYS A N   1 
ATOM   1146 C  CA  . LYS A 1 147 ? -4.044  14.952  12.888  1.00 13.58 ? 147 LYS A CA  1 
ATOM   1147 C  C   . LYS A 1 147 ? -4.949  16.156  12.688  1.00 14.59 ? 147 LYS A C   1 
ATOM   1148 O  O   . LYS A 1 147 ? -5.571  16.648  13.632  1.00 15.57 ? 147 LYS A O   1 
ATOM   1149 C  CB  . LYS A 1 147 ? -2.624  15.443  13.150  1.00 13.84 ? 147 LYS A CB  1 
ATOM   1150 C  CG  . LYS A 1 147 ? -2.544  16.338  14.377  1.00 15.91 ? 147 LYS A CG  1 
ATOM   1151 C  CD  . LYS A 1 147 ? -1.175  16.947  14.549  1.00 18.94 ? 147 LYS A CD  1 
ATOM   1152 C  CE  . LYS A 1 147 ? -1.137  17.816  15.794  1.00 18.29 ? 147 LYS A CE  1 
ATOM   1153 N  NZ  . LYS A 1 147 ? 0.005   18.761  15.770  1.00 22.91 ? 147 LYS A NZ  1 
ATOM   1154 N  N   . GLU A 1 148 ? -4.993  16.636  11.450  1.00 15.18 ? 148 GLU A N   1 
ATOM   1155 C  CA  . GLU A 1 148 ? -5.824  17.770  11.086  1.00 17.92 ? 148 GLU A CA  1 
ATOM   1156 C  C   . GLU A 1 148 ? -7.267  17.413  11.449  1.00 18.94 ? 148 GLU A C   1 
ATOM   1157 O  O   . GLU A 1 148 ? -7.990  18.210  12.051  1.00 17.35 ? 148 GLU A O   1 
ATOM   1158 C  CB  . GLU A 1 148 ? -5.703  18.014  9.581   1.00 19.78 ? 148 GLU A CB  1 
ATOM   1159 C  CG  . GLU A 1 148 ? -6.321  19.293  9.072   1.00 25.06 ? 148 GLU A CG  1 
ATOM   1160 C  CD  . GLU A 1 148 ? -6.339  19.352  7.553   1.00 26.79 ? 148 GLU A CD  1 
ATOM   1161 O  OE1 . GLU A 1 148 ? -5.299  19.049  6.931   1.00 28.41 ? 148 GLU A OE1 1 
ATOM   1162 O  OE2 . GLU A 1 148 ? -7.391  19.702  6.980   1.00 30.14 ? 148 GLU A OE2 1 
ATOM   1163 N  N   . LEU A 1 149 ? -7.664  16.194  11.091  1.00 16.51 ? 149 LEU A N   1 
ATOM   1164 C  CA  . LEU A 1 149 ? -9.011  15.692  11.355  1.00 17.13 ? 149 LEU A CA  1 
ATOM   1165 C  C   . LEU A 1 149 ? -9.189  15.210  12.788  1.00 17.60 ? 149 LEU A C   1 
ATOM   1166 O  O   . LEU A 1 149 ? -10.310 14.953  13.225  1.00 17.05 ? 149 LEU A O   1 
ATOM   1167 C  CB  . LEU A 1 149 ? -9.327  14.531  10.409  1.00 18.00 ? 149 LEU A CB  1 
ATOM   1168 C  CG  . LEU A 1 149 ? -9.214  14.822  8.913   1.00 18.01 ? 149 LEU A CG  1 
ATOM   1169 C  CD1 . LEU A 1 149 ? -9.238  13.516  8.137   1.00 20.13 ? 149 LEU A CD1 1 
ATOM   1170 C  CD2 . LEU A 1 149 ? -10.349 15.741  8.484   1.00 19.98 ? 149 LEU A CD2 1 
ATOM   1171 N  N   . GLY A 1 150 ? -8.084  15.076  13.515  1.00 17.71 ? 150 GLY A N   1 
ATOM   1172 C  CA  . GLY A 1 150 ? -8.162  14.603  14.883  1.00 19.01 ? 150 GLY A CA  1 
ATOM   1173 C  C   . GLY A 1 150 ? -8.560  13.138  14.921  1.00 21.43 ? 150 GLY A C   1 
ATOM   1174 O  O   . GLY A 1 150 ? -9.102  12.652  15.914  1.00 20.54 ? 150 GLY A O   1 
ATOM   1175 N  N   . PHE A 1 151 ? -8.292  12.429  13.832  1.00 20.92 ? 151 PHE A N   1 
ATOM   1176 C  CA  . PHE A 1 151 ? -8.638  11.016  13.760  1.00 24.54 ? 151 PHE A CA  1 
ATOM   1177 C  C   . PHE A 1 151 ? -7.561  10.128  14.362  1.00 25.84 ? 151 PHE A C   1 
ATOM   1178 O  O   . PHE A 1 151 ? -6.374  10.292  14.079  1.00 25.18 ? 151 PHE A O   1 
ATOM   1179 C  CB  . PHE A 1 151 ? -8.876  10.586  12.314  1.00 22.54 ? 151 PHE A CB  1 
ATOM   1180 C  CG  . PHE A 1 151 ? -9.162  9.119   12.169  1.00 22.79 ? 151 PHE A CG  1 
ATOM   1181 C  CD1 . PHE A 1 151 ? -10.342 8.575   12.665  1.00 23.10 ? 151 PHE A CD1 1 
ATOM   1182 C  CD2 . PHE A 1 151 ? -8.236  8.273   11.569  1.00 23.39 ? 151 PHE A CD2 1 
ATOM   1183 C  CE1 . PHE A 1 151 ? -10.595 7.207   12.569  1.00 24.06 ? 151 PHE A CE1 1 
ATOM   1184 C  CE2 . PHE A 1 151 ? -8.479  6.906   11.470  1.00 24.29 ? 151 PHE A CE2 1 
ATOM   1185 C  CZ  . PHE A 1 151 ? -9.665  6.373   11.975  1.00 21.56 ? 151 PHE A CZ  1 
ATOM   1186 N  N   . GLN A 1 152 ? -7.991  9.175   15.181  1.00 28.42 ? 152 GLN A N   1 
ATOM   1187 C  CA  . GLN A 1 152 ? -7.080  8.245   15.830  1.00 30.81 ? 152 GLN A CA  1 
ATOM   1188 C  C   . GLN A 1 152 ? -7.406  6.801   15.448  1.00 32.13 ? 152 GLN A C   1 
ATOM   1189 O  O   . GLN A 1 152 ? -7.025  6.333   14.374  1.00 32.24 ? 152 GLN A O   1 
ATOM   1190 C  CB  . GLN A 1 152 ? -7.160  8.410   17.349  1.00 32.10 ? 152 GLN A CB  1 
ATOM   1191 C  CG  . GLN A 1 152 ? -6.532  9.692   17.869  1.00 36.01 ? 152 GLN A CG  1 
ATOM   1192 C  CD  . GLN A 1 152 ? -5.050  9.767   17.563  1.00 37.98 ? 152 GLN A CD  1 
ATOM   1193 O  OE1 . GLN A 1 152 ? -4.302  8.830   17.843  1.00 39.42 ? 152 GLN A OE1 1 
ATOM   1194 N  NE2 . GLN A 1 152 ? -4.614  10.884  16.990  1.00 40.24 ? 152 GLN A NE2 1 
HETATM 1195 S  S   . SO4 B 2 .   ? -15.741 -12.999 -5.817  1.00 28.52 ? 156 SO4 A S   1 
HETATM 1196 O  O1  . SO4 B 2 .   ? -16.422 -13.715 -4.720  1.00 29.87 ? 156 SO4 A O1  1 
HETATM 1197 O  O2  . SO4 B 2 .   ? -16.747 -12.599 -6.820  1.00 30.94 ? 156 SO4 A O2  1 
HETATM 1198 O  O3  . SO4 B 2 .   ? -15.084 -11.799 -5.282  1.00 27.77 ? 156 SO4 A O3  1 
HETATM 1199 O  O4  . SO4 B 2 .   ? -14.743 -13.880 -6.448  1.00 26.71 ? 156 SO4 A O4  1 
HETATM 1200 S  S   . SO4 C 2 .   ? 2.370   19.586  -3.665  1.00 40.52 ? 157 SO4 A S   1 
HETATM 1201 O  O1  . SO4 C 2 .   ? 2.539   18.582  -2.596  1.00 39.96 ? 157 SO4 A O1  1 
HETATM 1202 O  O2  . SO4 C 2 .   ? 1.621   18.990  -4.787  1.00 38.45 ? 157 SO4 A O2  1 
HETATM 1203 O  O3  . SO4 C 2 .   ? 1.632   20.748  -3.132  1.00 39.51 ? 157 SO4 A O3  1 
HETATM 1204 O  O4  . SO4 C 2 .   ? 3.697   20.027  -4.144  1.00 41.08 ? 157 SO4 A O4  1 
HETATM 1205 C  CHA . HEM D 3 .   ? -10.972 2.148   -0.329  1.00 10.11 ? 154 HEM A CHA 1 
HETATM 1206 C  CHB . HEM D 3 .   ? -6.517  3.161   -1.640  1.00 12.03 ? 154 HEM A CHB 1 
HETATM 1207 C  CHC . HEM D 3 .   ? -4.939  1.364   2.482   1.00 12.08 ? 154 HEM A CHC 1 
HETATM 1208 C  CHD . HEM D 3 .   ? -9.357  0.244   3.750   1.00 13.36 ? 154 HEM A CHD 1 
HETATM 1209 C  C1A . HEM D 3 .   ? -9.920  2.611   -1.120  1.00 13.20 ? 154 HEM A C1A 1 
HETATM 1210 C  C2A . HEM D 3 .   ? -9.980  3.237   -2.421  1.00 12.52 ? 154 HEM A C2A 1 
HETATM 1211 C  C3A . HEM D 3 .   ? -8.702  3.493   -2.824  1.00 13.42 ? 154 HEM A C3A 1 
HETATM 1212 C  C4A . HEM D 3 .   ? -7.888  3.033   -1.708  1.00 13.52 ? 154 HEM A C4A 1 
HETATM 1213 C  CMA . HEM D 3 .   ? -8.154  4.204   -4.037  1.00 13.76 ? 154 HEM A CMA 1 
HETATM 1214 C  CAA . HEM D 3 .   ? -11.400 3.557   -3.151  1.00 9.61  ? 154 HEM A CAA 1 
HETATM 1215 C  CBA . HEM D 3 .   ? -11.607 5.177   -3.054  1.00 12.89 ? 154 HEM A CBA 1 
HETATM 1216 C  CGA . HEM D 3 .   ? -11.869 5.773   -1.466  1.00 15.67 ? 154 HEM A CGA 1 
HETATM 1217 O  O1A . HEM D 3 .   ? -12.781 4.948   -0.903  1.00 11.43 ? 154 HEM A O1A 1 
HETATM 1218 O  O2A . HEM D 3 .   ? -11.004 6.482   -1.071  1.00 16.67 ? 154 HEM A O2A 1 
HETATM 1219 C  C1B . HEM D 3 .   ? -5.672  2.800   -0.600  1.00 13.71 ? 154 HEM A C1B 1 
HETATM 1220 C  C2B . HEM D 3 .   ? -4.235  2.981   -0.660  1.00 12.92 ? 154 HEM A C2B 1 
HETATM 1221 C  C3B . HEM D 3 .   ? -3.773  2.483   0.520   1.00 13.87 ? 154 HEM A C3B 1 
HETATM 1222 C  C4B . HEM D 3 .   ? -4.950  2.014   1.252   1.00 14.20 ? 154 HEM A C4B 1 
HETATM 1223 C  CMB . HEM D 3 .   ? -3.472  3.585   -1.825  1.00 13.83 ? 154 HEM A CMB 1 
HETATM 1224 C  CAB . HEM D 3 .   ? -2.343  2.402   1.014   1.00 13.27 ? 154 HEM A CAB 1 
HETATM 1225 C  CBB . HEM D 3 .   ? -1.190  1.780   0.182   1.00 17.40 ? 154 HEM A CBB 1 
HETATM 1226 C  C1C . HEM D 3 .   ? -5.969  0.850   3.220   1.00 10.30 ? 154 HEM A C1C 1 
HETATM 1227 C  C2C . HEM D 3 .   ? -5.854  0.138   4.482   1.00 11.20 ? 154 HEM A C2C 1 
HETATM 1228 C  C3C . HEM D 3 .   ? -7.115  -0.186  4.832   1.00 13.09 ? 154 HEM A C3C 1 
HETATM 1229 C  C4C . HEM D 3 .   ? -7.975  0.339   3.795   1.00 11.48 ? 154 HEM A C4C 1 
HETATM 1230 C  CMC . HEM D 3 .   ? -4.538  -0.122  5.193   1.00 10.11 ? 154 HEM A CMC 1 
HETATM 1231 C  CAC . HEM D 3 .   ? -7.673  -0.904  6.072   1.00 13.63 ? 154 HEM A CAC 1 
HETATM 1232 C  CBC . HEM D 3 .   ? -7.299  -2.075  6.541   1.00 16.65 ? 154 HEM A CBC 1 
HETATM 1233 C  C1D . HEM D 3 .   ? -10.272 0.667   2.786   1.00 13.75 ? 154 HEM A C1D 1 
HETATM 1234 C  C2D . HEM D 3 .   ? -11.712 0.437   2.810   1.00 13.90 ? 154 HEM A C2D 1 
HETATM 1235 C  C3D . HEM D 3 .   ? -12.155 0.945   1.632   1.00 13.29 ? 154 HEM A C3D 1 
HETATM 1236 C  C4D . HEM D 3 .   ? -10.995 1.517   0.925   1.00 12.97 ? 154 HEM A C4D 1 
HETATM 1237 C  CMD . HEM D 3 .   ? -12.465 -0.277  3.890   1.00 12.20 ? 154 HEM A CMD 1 
HETATM 1238 C  CAD . HEM D 3 .   ? -13.549 0.899   1.060   1.00 15.72 ? 154 HEM A CAD 1 
HETATM 1239 C  CBD . HEM D 3 .   ? -13.738 -0.458  0.253   1.00 19.44 ? 154 HEM A CBD 1 
HETATM 1240 C  CGD . HEM D 3 .   ? -15.041 -0.692  -0.237  1.00 23.56 ? 154 HEM A CGD 1 
HETATM 1241 O  O1D . HEM D 3 .   ? -15.248 -0.758  -1.486  1.00 23.57 ? 154 HEM A O1D 1 
HETATM 1242 O  O2D . HEM D 3 .   ? -15.996 -0.953  0.538   1.00 27.23 ? 154 HEM A O2D 1 
HETATM 1243 N  NA  . HEM D 3 .   ? -8.626  2.500   -0.678  1.00 12.05 ? 154 HEM A NA  1 
HETATM 1244 N  NB  . HEM D 3 .   ? -6.139  2.228   0.568   1.00 13.32 ? 154 HEM A NB  1 
HETATM 1245 N  NC  . HEM D 3 .   ? -7.298  0.958   2.783   1.00 12.92 ? 154 HEM A NC  1 
HETATM 1246 N  ND  . HEM D 3 .   ? -9.859  1.315   1.635   1.00 13.65 ? 154 HEM A ND  1 
HETATM 1247 FE FE  . HEM D 3 .   ? -8.016  1.803   1.101   1.00 15.18 ? 154 HEM A FE  1 
HETATM 1248 N  N   . NO  E 4 .   ? -7.639  -0.067  0.410   1.00 15.84 ? 155 NO  A N   1 
HETATM 1249 O  O   . NO  E 4 .   ? -7.114  -1.064  0.593   1.00 18.96 ? 155 NO  A O   1 
HETATM 1250 O  O   . HOH F 5 .   ? 18.121  -2.169  2.537   1.00 13.40 ? 158 HOH A O   1 
HETATM 1251 O  O   . HOH F 5 .   ? -3.246  6.749   -9.872  1.00 13.79 ? 159 HOH A O   1 
HETATM 1252 O  O   . HOH F 5 .   ? 5.055   10.797  -4.031  1.00 15.60 ? 160 HOH A O   1 
HETATM 1253 O  O   . HOH F 5 .   ? -6.967  3.393   -8.363  1.00 13.09 ? 161 HOH A O   1 
HETATM 1254 O  O   . HOH F 5 .   ? -3.544  -9.129  14.422  1.00 16.92 ? 162 HOH A O   1 
HETATM 1255 O  O   . HOH F 5 .   ? 17.243  5.242   0.354   1.00 11.38 ? 163 HOH A O   1 
HETATM 1256 O  O   . HOH F 5 .   ? 0.137   16.099  4.494   1.00 16.23 ? 164 HOH A O   1 
HETATM 1257 O  O   . HOH F 5 .   ? 15.422  -9.681  -2.654  1.00 22.99 ? 165 HOH A O   1 
HETATM 1258 O  O   . HOH F 5 .   ? 20.491  11.644  -6.229  1.00 20.78 ? 166 HOH A O   1 
HETATM 1259 O  O   . HOH F 5 .   ? 6.037   -2.681  -15.902 1.00 13.45 ? 167 HOH A O   1 
HETATM 1260 O  O   . HOH F 5 .   ? 17.886  -6.238  -0.358  1.00 20.81 ? 168 HOH A O   1 
HETATM 1261 O  O   . HOH F 5 .   ? -7.329  16.908  -4.182  1.00 11.82 ? 169 HOH A O   1 
HETATM 1262 O  O   . HOH F 5 .   ? 6.468   -8.422  -12.074 1.00 17.06 ? 170 HOH A O   1 
HETATM 1263 O  O   . HOH F 5 .   ? 7.987   -6.241  5.740   1.00 17.90 ? 171 HOH A O   1 
HETATM 1264 O  O   . HOH F 5 .   ? 18.528  3.615   -1.370  1.00 21.48 ? 172 HOH A O   1 
HETATM 1265 O  O   . HOH F 5 .   ? 13.900  -13.395 -8.513  1.00 21.35 ? 173 HOH A O   1 
HETATM 1266 O  O   . HOH F 5 .   ? -1.983  -8.406  -13.647 1.00 24.54 ? 174 HOH A O   1 
HETATM 1267 O  O   . HOH F 5 .   ? 8.582   1.875   7.679   1.00 23.30 ? 175 HOH A O   1 
HETATM 1268 O  O   . HOH F 5 .   ? 13.827  4.956   6.028   1.00 24.67 ? 176 HOH A O   1 
HETATM 1269 O  O   . HOH F 5 .   ? 10.791  9.393   3.782   1.00 18.74 ? 177 HOH A O   1 
HETATM 1270 O  O   . HOH F 5 .   ? 0.615   -12.589 0.166   1.00 18.38 ? 178 HOH A O   1 
HETATM 1271 O  O   . HOH F 5 .   ? 3.242   -12.732 -0.599  1.00 27.29 ? 179 HOH A O   1 
HETATM 1272 O  O   . HOH F 5 .   ? 15.045  3.601   3.964   1.00 18.20 ? 180 HOH A O   1 
HETATM 1273 O  O   . HOH F 5 .   ? -10.290 -3.271  12.522  1.00 20.92 ? 181 HOH A O   1 
HETATM 1274 O  O   . HOH F 5 .   ? -15.635 -8.020  -8.510  1.00 19.93 ? 182 HOH A O   1 
HETATM 1275 O  O   . HOH F 5 .   ? -10.847 -10.886 10.966  1.00 16.81 ? 183 HOH A O   1 
HETATM 1276 O  O   . HOH F 5 .   ? 18.425  14.962  -5.180  1.00 23.46 ? 184 HOH A O   1 
HETATM 1277 O  O   . HOH F 5 .   ? 12.247  -1.537  5.222   1.00 15.56 ? 185 HOH A O   1 
HETATM 1278 O  O   . HOH F 5 .   ? -3.530  -13.091 -10.199 1.00 21.89 ? 186 HOH A O   1 
HETATM 1279 O  O   . HOH F 5 .   ? -13.381 0.433   -3.398  1.00 23.81 ? 187 HOH A O   1 
HETATM 1280 O  O   . HOH F 5 .   ? 7.460   1.947   5.182   1.00 19.84 ? 188 HOH A O   1 
HETATM 1281 O  O   . HOH F 5 .   ? 7.335   3.226   -12.619 1.00 24.17 ? 189 HOH A O   1 
HETATM 1282 O  O   . HOH F 5 .   ? 5.395   0.415   15.011  1.00 21.27 ? 190 HOH A O   1 
HETATM 1283 O  O   . HOH F 5 .   ? 11.394  -1.868  -13.963 1.00 29.28 ? 191 HOH A O   1 
HETATM 1284 O  O   . HOH F 5 .   ? 2.992   14.057  10.199  1.00 29.17 ? 192 HOH A O   1 
HETATM 1285 O  O   . HOH F 5 .   ? 2.627   16.494  5.488   1.00 27.55 ? 193 HOH A O   1 
HETATM 1286 O  O   . HOH F 5 .   ? 0.319   15.897  1.178   1.00 23.15 ? 194 HOH A O   1 
HETATM 1287 O  O   . HOH F 5 .   ? -0.365  -5.222  -14.652 1.00 16.97 ? 195 HOH A O   1 
HETATM 1288 O  O   . HOH F 5 .   ? 10.465  15.448  -6.380  1.00 22.47 ? 196 HOH A O   1 
HETATM 1289 O  O   . HOH F 5 .   ? 0.977   2.321   -11.817 1.00 25.91 ? 197 HOH A O   1 
HETATM 1290 O  O   . HOH F 5 .   ? -3.314  11.804  14.450  1.00 39.51 ? 198 HOH A O   1 
HETATM 1291 O  O   . HOH F 5 .   ? 5.411   9.264   -1.119  1.00 20.23 ? 199 HOH A O   1 
HETATM 1292 O  O   . HOH F 5 .   ? -17.003 0.999   2.207   1.00 31.05 ? 200 HOH A O   1 
HETATM 1293 O  O   . HOH F 5 .   ? -11.360 -17.515 -8.503  1.00 28.12 ? 201 HOH A O   1 
HETATM 1294 O  O   . HOH F 5 .   ? -16.028 -10.846 -8.681  1.00 25.30 ? 202 HOH A O   1 
HETATM 1295 O  O   . HOH F 5 .   ? 1.171   -13.459 -9.511  1.00 24.22 ? 203 HOH A O   1 
HETATM 1296 O  O   . HOH F 5 .   ? -7.196  16.564  6.530   1.00 25.15 ? 204 HOH A O   1 
HETATM 1297 O  O   . HOH F 5 .   ? 7.161   -12.785 -9.518  1.00 21.04 ? 205 HOH A O   1 
HETATM 1298 O  O   . HOH F 5 .   ? -14.666 7.172   -0.110  1.00 19.97 ? 206 HOH A O   1 
HETATM 1299 O  O   . HOH F 5 .   ? -10.941 -22.725 2.112   1.00 27.05 ? 207 HOH A O   1 
HETATM 1300 O  O   . HOH F 5 .   ? -16.685 3.091   -0.035  1.00 26.17 ? 208 HOH A O   1 
HETATM 1301 O  O   . HOH F 5 .   ? -1.083  18.747  5.137   1.00 28.79 ? 209 HOH A O   1 
HETATM 1302 O  O   . HOH F 5 .   ? -16.289 -1.652  4.825   1.00 28.84 ? 210 HOH A O   1 
HETATM 1303 O  O   . HOH F 5 .   ? 0.971   10.443  -11.248 1.00 24.01 ? 211 HOH A O   1 
HETATM 1304 O  O   . HOH F 5 .   ? 19.494  -9.235  -9.404  1.00 39.58 ? 212 HOH A O   1 
HETATM 1305 O  O   . HOH F 5 .   ? -5.817  19.135  4.142   1.00 31.62 ? 213 HOH A O   1 
HETATM 1306 O  O   . HOH F 5 .   ? 5.872   15.546  -0.062  1.00 23.61 ? 214 HOH A O   1 
HETATM 1307 O  O   . HOH F 5 .   ? -14.864 0.548   12.177  1.00 31.56 ? 215 HOH A O   1 
HETATM 1308 O  O   . HOH F 5 .   ? 8.292   -15.991 -5.751  1.00 28.23 ? 216 HOH A O   1 
HETATM 1309 O  O   . HOH F 5 .   ? -12.890 -1.314  -5.094  1.00 28.48 ? 217 HOH A O   1 
HETATM 1310 O  O   . HOH F 5 .   ? 1.511   -6.330  6.847   1.00 32.42 ? 218 HOH A O   1 
HETATM 1311 O  O   . HOH F 5 .   ? 11.888  16.186  -10.964 1.00 24.77 ? 219 HOH A O   1 
HETATM 1312 O  O   . HOH F 5 .   ? -6.792  -13.755 8.259   1.00 21.40 ? 220 HOH A O   1 
HETATM 1313 O  O   . HOH F 5 .   ? -1.063  12.252  -11.013 1.00 42.02 ? 221 HOH A O   1 
HETATM 1314 O  O   . HOH F 5 .   ? 22.328  -2.050  -2.658  1.00 27.04 ? 222 HOH A O   1 
HETATM 1315 O  O   . HOH F 5 .   ? -10.415 11.056  17.909  1.00 28.43 ? 223 HOH A O   1 
HETATM 1316 O  O   . HOH F 5 .   ? 4.812   13.087  11.648  1.00 22.91 ? 224 HOH A O   1 
HETATM 1317 O  O   . HOH F 5 .   ? -0.632  4.235   -11.442 1.00 20.70 ? 225 HOH A O   1 
HETATM 1318 O  O   . HOH F 5 .   ? -16.472 -11.156 -2.953  1.00 25.95 ? 226 HOH A O   1 
HETATM 1319 O  O   . HOH F 5 .   ? 20.368  7.575   -1.015  1.00 26.74 ? 227 HOH A O   1 
HETATM 1320 O  O   . HOH F 5 .   ? 10.282  14.194  -1.438  1.00 27.70 ? 228 HOH A O   1 
HETATM 1321 O  O   . HOH F 5 .   ? 18.785  5.500   -9.001  1.00 27.30 ? 229 HOH A O   1 
HETATM 1322 O  O   . HOH F 5 .   ? -16.208 -7.984  13.650  1.00 26.95 ? 230 HOH A O   1 
HETATM 1323 O  O   . HOH F 5 .   ? 9.711   -10.331 3.946   1.00 29.60 ? 231 HOH A O   1 
HETATM 1324 O  O   . HOH F 5 .   ? -2.087  -13.486 12.272  1.00 23.78 ? 232 HOH A O   1 
HETATM 1325 O  O   . HOH F 5 .   ? -7.676  -12.684 -4.725  1.00 17.32 ? 233 HOH A O   1 
HETATM 1326 O  O   . HOH F 5 .   ? -2.073  -6.921  14.238  1.00 21.73 ? 234 HOH A O   1 
HETATM 1327 O  O   . HOH F 5 .   ? -7.976  22.206  6.827   1.00 19.06 ? 235 HOH A O   1 
HETATM 1328 O  O   . HOH F 5 .   ? 17.654  -4.903  2.002   1.00 17.60 ? 236 HOH A O   1 
HETATM 1329 O  O   . HOH F 5 .   ? 14.143  13.107  -9.692  1.00 24.06 ? 237 HOH A O   1 
HETATM 1330 O  O   . HOH F 5 .   ? 0.356   -13.597 2.817   1.00 24.35 ? 238 HOH A O   1 
HETATM 1331 O  O   . HOH F 5 .   ? 4.975   -14.941 1.157   1.00 25.02 ? 239 HOH A O   1 
HETATM 1332 O  O   . HOH F 5 .   ? -4.145  0.229   -13.183 1.00 25.48 ? 240 HOH A O   1 
HETATM 1333 O  O   . HOH F 5 .   ? 15.569  11.125  -10.541 1.00 17.12 ? 241 HOH A O   1 
HETATM 1334 O  O   . HOH F 5 .   ? 4.671   -7.571  6.754   1.00 26.51 ? 242 HOH A O   1 
HETATM 1335 O  O   . HOH F 5 .   ? -14.502 0.591   7.466   1.00 19.61 ? 243 HOH A O   1 
HETATM 1336 O  O   . HOH F 5 .   ? -15.057 -14.223 -2.339  1.00 24.11 ? 244 HOH A O   1 
HETATM 1337 O  O   . HOH F 5 .   ? 9.761   -1.643  -16.433 1.00 25.79 ? 245 HOH A O   1 
HETATM 1338 O  O   . HOH F 5 .   ? 20.754  9.465   -3.433  1.00 27.08 ? 246 HOH A O   1 
HETATM 1339 O  O   . HOH F 5 .   ? -11.986 12.012  0.144   1.00 26.57 ? 247 HOH A O   1 
HETATM 1340 O  O   . HOH F 5 .   ? -15.288 -2.133  -6.480  1.00 26.48 ? 248 HOH A O   1 
HETATM 1341 O  O   . HOH F 5 .   ? -18.281 -9.857  3.282   1.00 33.96 ? 249 HOH A O   1 
HETATM 1342 O  O   . HOH F 5 .   ? -0.734  17.852  -5.651  1.00 31.61 ? 250 HOH A O   1 
HETATM 1343 O  O   . HOH F 5 .   ? -8.038  -20.687 -3.562  1.00 24.33 ? 251 HOH A O   1 
HETATM 1344 O  O   . HOH F 5 .   ? -13.720 -16.373 -2.592  1.00 28.56 ? 252 HOH A O   1 
HETATM 1345 O  O   . HOH F 5 .   ? 3.966   -11.658 -11.296 1.00 39.16 ? 253 HOH A O   1 
HETATM 1346 O  O   . HOH F 5 .   ? -13.788 -12.227 8.790   1.00 23.74 ? 254 HOH A O   1 
HETATM 1347 O  O   . HOH F 5 .   ? 19.473  -7.379  -6.685  1.00 26.56 ? 255 HOH A O   1 
HETATM 1348 O  O   . HOH F 5 .   ? 1.461   19.775  13.213  1.00 29.12 ? 256 HOH A O   1 
HETATM 1349 O  O   . HOH F 5 .   ? 0.646   16.993  18.295  1.00 37.22 ? 257 HOH A O   1 
HETATM 1350 O  O   . HOH F 5 .   ? -12.319 -22.396 -0.140  1.00 21.07 ? 258 HOH A O   1 
HETATM 1351 O  O   . HOH F 5 .   ? 5.098   -14.385 -3.511  1.00 30.01 ? 259 HOH A O   1 
HETATM 1352 O  O   . HOH F 5 .   ? 5.409   -14.651 -8.757  1.00 45.94 ? 260 HOH A O   1 
HETATM 1353 O  O   . HOH F 5 .   ? 0.804   -13.352 13.073  1.00 43.50 ? 261 HOH A O   1 
HETATM 1354 O  O   . HOH F 5 .   ? -3.269  6.602   -12.625 1.00 35.76 ? 262 HOH A O   1 
HETATM 1355 O  O   . HOH F 5 .   ? -14.735 -16.514 -5.538  1.00 35.71 ? 263 HOH A O   1 
HETATM 1356 O  O   . HOH F 5 .   ? 10.177  1.337   -14.010 1.00 33.47 ? 264 HOH A O   1 
HETATM 1357 O  O   . HOH F 5 .   ? 7.074   -1.459  16.328  1.00 35.01 ? 265 HOH A O   1 
HETATM 1358 O  O   . HOH F 5 .   ? 3.129   -6.437  8.947   1.00 39.17 ? 266 HOH A O   1 
HETATM 1359 O  O   . HOH F 5 .   ? 5.885   -15.335 -6.299  1.00 33.89 ? 267 HOH A O   1 
HETATM 1360 O  O   . HOH F 5 .   ? 0.442   -1.593  -15.701 1.00 42.53 ? 268 HOH A O   1 
HETATM 1361 O  O   . HOH F 5 .   ? 16.102  12.801  3.522   1.00 37.53 ? 269 HOH A O   1 
HETATM 1362 O  O   . HOH F 5 .   ? 17.979  11.576  0.613   1.00 31.13 ? 270 HOH A O   1 
HETATM 1363 O  O   . HOH F 5 .   ? -10.198 -10.481 -10.381 1.00 16.31 ? 271 HOH A O   1 
HETATM 1364 O  O   . HOH F 5 .   ? -4.555  6.720   13.454  1.00 17.70 ? 272 HOH A O   1 
HETATM 1365 O  O   . HOH F 5 .   ? -8.564  -23.832 2.490   1.00 26.73 ? 273 HOH A O   1 
HETATM 1366 O  O   . HOH F 5 .   ? -15.395 4.190   -2.116  1.00 32.88 ? 274 HOH A O   1 
HETATM 1367 O  O   . HOH F 5 .   ? -2.785  -11.706 14.125  1.00 23.07 ? 275 HOH A O   1 
# 
loop_
_pdbx_poly_seq_scheme.asym_id 
_pdbx_poly_seq_scheme.entity_id 
_pdbx_poly_seq_scheme.seq_id 
_pdbx_poly_seq_scheme.mon_id 
_pdbx_poly_seq_scheme.ndb_seq_num 
_pdbx_poly_seq_scheme.pdb_seq_num 
_pdbx_poly_seq_scheme.auth_seq_num 
_pdbx_poly_seq_scheme.pdb_mon_id 
_pdbx_poly_seq_scheme.auth_mon_id 
_pdbx_poly_seq_scheme.pdb_strand_id 
_pdbx_poly_seq_scheme.pdb_ins_code 
_pdbx_poly_seq_scheme.hetero 
A 1 1   GLY 1   1   1   GLY GLY A . n 
A 1 2   LEU 2   2   2   LEU LEU A . n 
A 1 3   SER 3   3   3   SER SER A . n 
A 1 4   ASP 4   4   4   ASP ASP A . n 
A 1 5   GLY 5   5   5   GLY GLY A . n 
A 1 6   GLU 6   6   6   GLU GLU A . n 
A 1 7   TRP 7   7   7   TRP TRP A . n 
A 1 8   GLN 8   8   8   GLN GLN A . n 
A 1 9   GLN 9   9   9   GLN GLN A . n 
A 1 10  VAL 10  10  10  VAL VAL A . n 
A 1 11  LEU 11  11  11  LEU LEU A . n 
A 1 12  ASN 12  12  12  ASN ASN A . n 
A 1 13  VAL 13  13  13  VAL VAL A . n 
A 1 14  TRP 14  14  14  TRP TRP A . n 
A 1 15  GLY 15  15  15  GLY GLY A . n 
A 1 16  LYS 16  16  16  LYS LYS A . n 
A 1 17  VAL 17  17  17  VAL VAL A . n 
A 1 18  GLU 18  18  18  GLU GLU A . n 
A 1 19  ALA 19  19  19  ALA ALA A . n 
A 1 20  ASP 20  20  20  ASP ASP A . n 
A 1 21  ILE 21  21  21  ILE ILE A . n 
A 1 22  ALA 22  22  22  ALA ALA A . n 
A 1 23  GLY 23  23  23  GLY GLY A . n 
A 1 24  HIS 24  24  24  HIS HIS A . n 
A 1 25  GLY 25  25  25  GLY GLY A . n 
A 1 26  GLN 26  26  26  GLN GLN A . n 
A 1 27  GLU 27  27  27  GLU GLU A . n 
A 1 28  VAL 28  28  28  VAL VAL A . n 
A 1 29  LEU 29  29  29  LEU LEU A . n 
A 1 30  ILE 30  30  30  ILE ILE A . n 
A 1 31  ARG 31  31  31  ARG ARG A . n 
A 1 32  LEU 32  32  32  LEU LEU A . n 
A 1 33  PHE 33  33  33  PHE PHE A . n 
A 1 34  THR 34  34  34  THR THR A . n 
A 1 35  GLY 35  35  35  GLY GLY A . n 
A 1 36  HIS 36  36  36  HIS HIS A . n 
A 1 37  PRO 37  37  37  PRO PRO A . n 
A 1 38  GLU 38  38  38  GLU GLU A . n 
A 1 39  THR 39  39  39  THR THR A . n 
A 1 40  LEU 40  40  40  LEU LEU A . n 
A 1 41  GLU 41  41  41  GLU GLU A . n 
A 1 42  LYS 42  42  42  LYS LYS A . n 
A 1 43  PHE 43  43  43  PHE PHE A . n 
A 1 44  ASP 44  44  44  ASP ASP A . n 
A 1 45  LYS 45  45  45  LYS LYS A . n 
A 1 46  PHE 46  46  46  PHE PHE A . n 
A 1 47  LYS 47  47  47  LYS LYS A . n 
A 1 48  HIS 48  48  48  HIS HIS A . n 
A 1 49  LEU 49  49  49  LEU LEU A . n 
A 1 50  LYS 50  50  50  LYS LYS A . n 
A 1 51  THR 51  51  51  THR THR A . n 
A 1 52  GLU 52  52  52  GLU GLU A . n 
A 1 53  ALA 53  53  53  ALA ALA A . n 
A 1 54  GLU 54  54  54  GLU GLU A . n 
A 1 55  MET 55  55  55  MET MET A . n 
A 1 56  LYS 56  56  56  LYS LYS A . n 
A 1 57  ALA 57  57  57  ALA ALA A . n 
A 1 58  SER 58  58  58  SER SER A . n 
A 1 59  GLU 59  59  59  GLU GLU A . n 
A 1 60  ASP 60  60  60  ASP ASP A . n 
A 1 61  LEU 61  61  61  LEU LEU A . n 
A 1 62  LYS 62  62  62  LYS LYS A . n 
A 1 63  LYS 63  63  63  LYS LYS A . n 
A 1 64  HIS 64  64  64  HIS HIS A . n 
A 1 65  GLY 65  65  65  GLY GLY A . n 
A 1 66  THR 66  66  66  THR THR A . n 
A 1 67  VAL 67  67  67  VAL VAL A . n 
A 1 68  VAL 68  68  68  VAL VAL A . n 
A 1 69  LEU 69  69  69  LEU LEU A . n 
A 1 70  THR 70  70  70  THR THR A . n 
A 1 71  ALA 71  71  71  ALA ALA A . n 
A 1 72  LEU 72  72  72  LEU LEU A . n 
A 1 73  GLY 73  73  73  GLY GLY A . n 
A 1 74  GLY 74  74  74  GLY GLY A . n 
A 1 75  ILE 75  75  75  ILE ILE A . n 
A 1 76  LEU 76  76  76  LEU LEU A . n 
A 1 77  LYS 77  77  77  LYS LYS A . n 
A 1 78  LYS 78  78  78  LYS LYS A . n 
A 1 79  LYS 79  79  79  LYS LYS A . n 
A 1 80  GLY 80  80  80  GLY GLY A . n 
A 1 81  HIS 81  81  81  HIS HIS A . n 
A 1 82  HIS 82  82  82  HIS HIS A . n 
A 1 83  GLU 83  83  83  GLU GLU A . n 
A 1 84  ALA 84  84  84  ALA ALA A . n 
A 1 85  GLU 85  85  85  GLU GLU A . n 
A 1 86  LEU 86  86  86  LEU LEU A . n 
A 1 87  LYS 87  87  87  LYS LYS A . n 
A 1 88  PRO 88  88  88  PRO PRO A . n 
A 1 89  LEU 89  89  89  LEU LEU A . n 
A 1 90  ALA 90  90  90  ALA ALA A . n 
A 1 91  GLN 91  91  91  GLN GLN A . n 
A 1 92  SER 92  92  92  SER SER A . n 
A 1 93  HIS 93  93  93  HIS HIS A . n 
A 1 94  ALA 94  94  94  ALA ALA A . n 
A 1 95  THR 95  95  95  THR THR A . n 
A 1 96  LYS 96  96  96  LYS LYS A . n 
A 1 97  HIS 97  97  97  HIS HIS A . n 
A 1 98  LYS 98  98  98  LYS LYS A . n 
A 1 99  ILE 99  99  99  ILE ILE A . n 
A 1 100 PRO 100 100 100 PRO PRO A . n 
A 1 101 ILE 101 101 101 ILE ILE A . n 
A 1 102 LYS 102 102 102 LYS LYS A . n 
A 1 103 TYR 103 103 103 TYR TYR A . n 
A 1 104 LEU 104 104 104 LEU LEU A . n 
A 1 105 GLU 105 105 105 GLU GLU A . n 
A 1 106 PHE 106 106 106 PHE PHE A . n 
A 1 107 ILE 107 107 107 ILE ILE A . n 
A 1 108 SER 108 108 108 SER SER A . n 
A 1 109 ASP 109 109 109 ASP ASP A . n 
A 1 110 ALA 110 110 110 ALA ALA A . n 
A 1 111 ILE 111 111 111 ILE ILE A . n 
A 1 112 ILE 112 112 112 ILE ILE A . n 
A 1 113 HIS 113 113 113 HIS HIS A . n 
A 1 114 VAL 114 114 114 VAL VAL A . n 
A 1 115 LEU 115 115 115 LEU LEU A . n 
A 1 116 HIS 116 116 116 HIS HIS A . n 
A 1 117 SER 117 117 117 SER SER A . n 
A 1 118 LYS 118 118 118 LYS LYS A . n 
A 1 119 HIS 119 119 119 HIS HIS A . n 
A 1 120 PRO 120 120 120 PRO PRO A . n 
A 1 121 GLY 121 121 121 GLY GLY A . n 
A 1 122 ASP 122 122 122 ASP ASP A . n 
A 1 123 PHE 123 123 123 PHE PHE A . n 
A 1 124 GLY 124 124 124 GLY GLY A . n 
A 1 125 ALA 125 125 125 ALA ALA A . n 
A 1 126 ASP 126 126 126 ASP ASP A . n 
A 1 127 ALA 127 127 127 ALA ALA A . n 
A 1 128 GLN 128 128 128 GLN GLN A . n 
A 1 129 GLY 129 129 129 GLY GLY A . n 
A 1 130 ALA 130 130 130 ALA ALA A . n 
A 1 131 MET 131 131 131 MET MET A . n 
A 1 132 THR 132 132 132 THR THR A . n 
A 1 133 LYS 133 133 133 LYS LYS A . n 
A 1 134 ALA 134 134 134 ALA ALA A . n 
A 1 135 LEU 135 135 135 LEU LEU A . n 
A 1 136 GLU 136 136 136 GLU GLU A . n 
A 1 137 LEU 137 137 137 LEU LEU A . n 
A 1 138 PHE 138 138 138 PHE PHE A . n 
A 1 139 ARG 139 139 139 ARG ARG A . n 
A 1 140 ASN 140 140 140 ASN ASN A . n 
A 1 141 ASP 141 141 141 ASP ASP A . n 
A 1 142 ILE 142 142 142 ILE ILE A . n 
A 1 143 ALA 143 143 143 ALA ALA A . n 
A 1 144 ALA 144 144 144 ALA ALA A . n 
A 1 145 LYS 145 145 145 LYS LYS A . n 
A 1 146 TYR 146 146 146 TYR TYR A . n 
A 1 147 LYS 147 147 147 LYS LYS A . n 
A 1 148 GLU 148 148 148 GLU GLU A . n 
A 1 149 LEU 149 149 149 LEU LEU A . n 
A 1 150 GLY 150 150 150 GLY GLY A . n 
A 1 151 PHE 151 151 151 PHE PHE A . n 
A 1 152 GLN 152 152 152 GLN GLN A . n 
A 1 153 GLY 153 153 ?   ?   ?   A . n 
# 
loop_
_pdbx_nonpoly_scheme.asym_id 
_pdbx_nonpoly_scheme.entity_id 
_pdbx_nonpoly_scheme.mon_id 
_pdbx_nonpoly_scheme.ndb_seq_num 
_pdbx_nonpoly_scheme.pdb_seq_num 
_pdbx_nonpoly_scheme.auth_seq_num 
_pdbx_nonpoly_scheme.pdb_mon_id 
_pdbx_nonpoly_scheme.auth_mon_id 
_pdbx_nonpoly_scheme.pdb_strand_id 
_pdbx_nonpoly_scheme.pdb_ins_code 
B 2 SO4 1   156 156 SO4 SO4 A . 
C 2 SO4 1   157 157 SO4 SO4 A . 
D 3 HEM 1   154 154 HEM HEM A . 
E 4 NO  1   155 155 NO  NO  A . 
F 5 HOH 1   158 158 HOH HOH A . 
F 5 HOH 2   159 159 HOH HOH A . 
F 5 HOH 3   160 160 HOH HOH A . 
F 5 HOH 4   161 161 HOH HOH A . 
F 5 HOH 5   162 162 HOH HOH A . 
F 5 HOH 6   163 163 HOH HOH A . 
F 5 HOH 7   164 164 HOH HOH A . 
F 5 HOH 8   165 165 HOH HOH A . 
F 5 HOH 9   166 166 HOH HOH A . 
F 5 HOH 10  167 167 HOH HOH A . 
F 5 HOH 11  168 168 HOH HOH A . 
F 5 HOH 12  169 169 HOH HOH A . 
F 5 HOH 13  170 170 HOH HOH A . 
F 5 HOH 14  171 171 HOH HOH A . 
F 5 HOH 15  172 172 HOH HOH A . 
F 5 HOH 16  173 173 HOH HOH A . 
F 5 HOH 17  174 174 HOH HOH A . 
F 5 HOH 18  175 175 HOH HOH A . 
F 5 HOH 19  176 176 HOH HOH A . 
F 5 HOH 20  177 177 HOH HOH A . 
F 5 HOH 21  178 178 HOH HOH A . 
F 5 HOH 22  179 179 HOH HOH A . 
F 5 HOH 23  180 180 HOH HOH A . 
F 5 HOH 24  181 181 HOH HOH A . 
F 5 HOH 25  182 182 HOH HOH A . 
F 5 HOH 26  183 183 HOH HOH A . 
F 5 HOH 27  184 184 HOH HOH A . 
F 5 HOH 28  185 185 HOH HOH A . 
F 5 HOH 29  186 186 HOH HOH A . 
F 5 HOH 30  187 187 HOH HOH A . 
F 5 HOH 31  188 188 HOH HOH A . 
F 5 HOH 32  189 189 HOH HOH A . 
F 5 HOH 33  190 190 HOH HOH A . 
F 5 HOH 34  191 191 HOH HOH A . 
F 5 HOH 35  192 192 HOH HOH A . 
F 5 HOH 36  193 193 HOH HOH A . 
F 5 HOH 37  194 194 HOH HOH A . 
F 5 HOH 38  195 195 HOH HOH A . 
F 5 HOH 39  196 196 HOH HOH A . 
F 5 HOH 40  197 197 HOH HOH A . 
F 5 HOH 41  198 198 HOH HOH A . 
F 5 HOH 42  199 199 HOH HOH A . 
F 5 HOH 43  200 200 HOH HOH A . 
F 5 HOH 44  201 201 HOH HOH A . 
F 5 HOH 45  202 202 HOH HOH A . 
F 5 HOH 46  203 203 HOH HOH A . 
F 5 HOH 47  204 204 HOH HOH A . 
F 5 HOH 48  205 205 HOH HOH A . 
F 5 HOH 49  206 206 HOH HOH A . 
F 5 HOH 50  207 207 HOH HOH A . 
F 5 HOH 51  208 208 HOH HOH A . 
F 5 HOH 52  209 209 HOH HOH A . 
F 5 HOH 53  210 210 HOH HOH A . 
F 5 HOH 54  211 211 HOH HOH A . 
F 5 HOH 55  212 212 HOH HOH A . 
F 5 HOH 56  213 213 HOH HOH A . 
F 5 HOH 57  214 214 HOH HOH A . 
F 5 HOH 58  215 215 HOH HOH A . 
F 5 HOH 59  216 216 HOH HOH A . 
F 5 HOH 60  217 217 HOH HOH A . 
F 5 HOH 61  218 218 HOH HOH A . 
F 5 HOH 62  219 219 HOH HOH A . 
F 5 HOH 63  220 220 HOH HOH A . 
F 5 HOH 64  221 221 HOH HOH A . 
F 5 HOH 65  222 222 HOH HOH A . 
F 5 HOH 66  223 223 HOH HOH A . 
F 5 HOH 67  224 224 HOH HOH A . 
F 5 HOH 68  225 225 HOH HOH A . 
F 5 HOH 69  226 226 HOH HOH A . 
F 5 HOH 70  227 227 HOH HOH A . 
F 5 HOH 71  228 228 HOH HOH A . 
F 5 HOH 72  229 229 HOH HOH A . 
F 5 HOH 73  230 230 HOH HOH A . 
F 5 HOH 74  231 231 HOH HOH A . 
F 5 HOH 75  232 232 HOH HOH A . 
F 5 HOH 76  233 233 HOH HOH A . 
F 5 HOH 77  234 234 HOH HOH A . 
F 5 HOH 78  235 235 HOH HOH A . 
F 5 HOH 79  236 236 HOH HOH A . 
F 5 HOH 80  237 237 HOH HOH A . 
F 5 HOH 81  238 238 HOH HOH A . 
F 5 HOH 82  239 239 HOH HOH A . 
F 5 HOH 83  240 240 HOH HOH A . 
F 5 HOH 84  241 241 HOH HOH A . 
F 5 HOH 85  242 242 HOH HOH A . 
F 5 HOH 86  243 243 HOH HOH A . 
F 5 HOH 87  244 244 HOH HOH A . 
F 5 HOH 88  245 245 HOH HOH A . 
F 5 HOH 89  246 246 HOH HOH A . 
F 5 HOH 90  247 247 HOH HOH A . 
F 5 HOH 91  248 248 HOH HOH A . 
F 5 HOH 92  249 249 HOH HOH A . 
F 5 HOH 93  250 250 HOH HOH A . 
F 5 HOH 94  251 251 HOH HOH A . 
F 5 HOH 95  252 252 HOH HOH A . 
F 5 HOH 96  253 253 HOH HOH A . 
F 5 HOH 97  254 254 HOH HOH A . 
F 5 HOH 98  255 255 HOH HOH A . 
F 5 HOH 99  256 256 HOH HOH A . 
F 5 HOH 100 257 257 HOH HOH A . 
F 5 HOH 101 258 258 HOH HOH A . 
F 5 HOH 102 259 259 HOH HOH A . 
F 5 HOH 103 260 260 HOH HOH A . 
F 5 HOH 104 261 261 HOH HOH A . 
F 5 HOH 105 262 262 HOH HOH A . 
F 5 HOH 106 263 263 HOH HOH A . 
F 5 HOH 107 264 264 HOH HOH A . 
F 5 HOH 108 265 265 HOH HOH A . 
F 5 HOH 109 266 266 HOH HOH A . 
F 5 HOH 110 267 267 HOH HOH A . 
F 5 HOH 111 268 268 HOH HOH A . 
F 5 HOH 112 269 269 HOH HOH A . 
F 5 HOH 113 270 270 HOH HOH A . 
F 5 HOH 114 271 271 HOH HOH A . 
F 5 HOH 115 272 272 HOH HOH A . 
F 5 HOH 116 273 273 HOH HOH A . 
F 5 HOH 117 274 274 HOH HOH A . 
F 5 HOH 118 275 275 HOH HOH A . 
# 
_pdbx_struct_assembly.id                   1 
_pdbx_struct_assembly.details              author_defined_assembly 
_pdbx_struct_assembly.method_details       ? 
_pdbx_struct_assembly.oligomeric_details   monomeric 
_pdbx_struct_assembly.oligomeric_count     1 
# 
_pdbx_struct_assembly_gen.assembly_id       1 
_pdbx_struct_assembly_gen.oper_expression   1 
_pdbx_struct_assembly_gen.asym_id_list      A,B,C,D,E,F 
# 
_pdbx_struct_oper_list.id                   1 
_pdbx_struct_oper_list.type                 'identity operation' 
_pdbx_struct_oper_list.name                 1_555 
_pdbx_struct_oper_list.symmetry_operation   x,y,z 
_pdbx_struct_oper_list.matrix[1][1]         1.0000000000 
_pdbx_struct_oper_list.matrix[1][2]         0.0000000000 
_pdbx_struct_oper_list.matrix[1][3]         0.0000000000 
_pdbx_struct_oper_list.vector[1]            0.0000000000 
_pdbx_struct_oper_list.matrix[2][1]         0.0000000000 
_pdbx_struct_oper_list.matrix[2][2]         1.0000000000 
_pdbx_struct_oper_list.matrix[2][3]         0.0000000000 
_pdbx_struct_oper_list.vector[2]            0.0000000000 
_pdbx_struct_oper_list.matrix[3][1]         0.0000000000 
_pdbx_struct_oper_list.matrix[3][2]         0.0000000000 
_pdbx_struct_oper_list.matrix[3][3]         1.0000000000 
_pdbx_struct_oper_list.vector[3]            0.0000000000 
# 
loop_
_pdbx_struct_conn_angle.id 
_pdbx_struct_conn_angle.ptnr1_label_atom_id 
_pdbx_struct_conn_angle.ptnr1_label_alt_id 
_pdbx_struct_conn_angle.ptnr1_label_asym_id 
_pdbx_struct_conn_angle.ptnr1_label_comp_id 
_pdbx_struct_conn_angle.ptnr1_label_seq_id 
_pdbx_struct_conn_angle.ptnr1_auth_atom_id 
_pdbx_struct_conn_angle.ptnr1_auth_asym_id 
_pdbx_struct_conn_angle.ptnr1_auth_comp_id 
_pdbx_struct_conn_angle.ptnr1_auth_seq_id 
_pdbx_struct_conn_angle.ptnr1_PDB_ins_code 
_pdbx_struct_conn_angle.ptnr1_symmetry 
_pdbx_struct_conn_angle.ptnr2_label_atom_id 
_pdbx_struct_conn_angle.ptnr2_label_alt_id 
_pdbx_struct_conn_angle.ptnr2_label_asym_id 
_pdbx_struct_conn_angle.ptnr2_label_comp_id 
_pdbx_struct_conn_angle.ptnr2_label_seq_id 
_pdbx_struct_conn_angle.ptnr2_auth_atom_id 
_pdbx_struct_conn_angle.ptnr2_auth_asym_id 
_pdbx_struct_conn_angle.ptnr2_auth_comp_id 
_pdbx_struct_conn_angle.ptnr2_auth_seq_id 
_pdbx_struct_conn_angle.ptnr2_PDB_ins_code 
_pdbx_struct_conn_angle.ptnr2_symmetry 
_pdbx_struct_conn_angle.ptnr3_label_atom_id 
_pdbx_struct_conn_angle.ptnr3_label_alt_id 
_pdbx_struct_conn_angle.ptnr3_label_asym_id 
_pdbx_struct_conn_angle.ptnr3_label_comp_id 
_pdbx_struct_conn_angle.ptnr3_label_seq_id 
_pdbx_struct_conn_angle.ptnr3_auth_atom_id 
_pdbx_struct_conn_angle.ptnr3_auth_asym_id 
_pdbx_struct_conn_angle.ptnr3_auth_comp_id 
_pdbx_struct_conn_angle.ptnr3_auth_seq_id 
_pdbx_struct_conn_angle.ptnr3_PDB_ins_code 
_pdbx_struct_conn_angle.ptnr3_symmetry 
_pdbx_struct_conn_angle.value 
_pdbx_struct_conn_angle.value_esd 
1  NE2 ? A HIS 93 ? A HIS 93  ? 1_555 FE ? D HEM . ? A HEM 154 ? 1_555 NA ? D HEM . ? A HEM 154 ? 1_555 87.6  ? 
2  NE2 ? A HIS 93 ? A HIS 93  ? 1_555 FE ? D HEM . ? A HEM 154 ? 1_555 NB ? D HEM . ? A HEM 154 ? 1_555 86.4  ? 
3  NA  ? D HEM .  ? A HEM 154 ? 1_555 FE ? D HEM . ? A HEM 154 ? 1_555 NB ? D HEM . ? A HEM 154 ? 1_555 88.6  ? 
4  NE2 ? A HIS 93 ? A HIS 93  ? 1_555 FE ? D HEM . ? A HEM 154 ? 1_555 NC ? D HEM . ? A HEM 154 ? 1_555 97.4  ? 
5  NA  ? D HEM .  ? A HEM 154 ? 1_555 FE ? D HEM . ? A HEM 154 ? 1_555 NC ? D HEM . ? A HEM 154 ? 1_555 174.1 ? 
6  NB  ? D HEM .  ? A HEM 154 ? 1_555 FE ? D HEM . ? A HEM 154 ? 1_555 NC ? D HEM . ? A HEM 154 ? 1_555 88.7  ? 
7  NE2 ? A HIS 93 ? A HIS 93  ? 1_555 FE ? D HEM . ? A HEM 154 ? 1_555 ND ? D HEM . ? A HEM 154 ? 1_555 95.4  ? 
8  NA  ? D HEM .  ? A HEM 154 ? 1_555 FE ? D HEM . ? A HEM 154 ? 1_555 ND ? D HEM . ? A HEM 154 ? 1_555 92.4  ? 
9  NB  ? D HEM .  ? A HEM 154 ? 1_555 FE ? D HEM . ? A HEM 154 ? 1_555 ND ? D HEM . ? A HEM 154 ? 1_555 178.0 ? 
10 NC  ? D HEM .  ? A HEM 154 ? 1_555 FE ? D HEM . ? A HEM 154 ? 1_555 ND ? D HEM . ? A HEM 154 ? 1_555 90.2  ? 
11 NE2 ? A HIS 93 ? A HIS 93  ? 1_555 FE ? D HEM . ? A HEM 154 ? 1_555 N  ? E NO  . ? A NO  155 ? 1_555 172.1 ? 
12 NA  ? D HEM .  ? A HEM 154 ? 1_555 FE ? D HEM . ? A HEM 154 ? 1_555 N  ? E NO  . ? A NO  155 ? 1_555 94.3  ? 
13 NB  ? D HEM .  ? A HEM 154 ? 1_555 FE ? D HEM . ? A HEM 154 ? 1_555 N  ? E NO  . ? A NO  155 ? 1_555 86.0  ? 
14 NC  ? D HEM .  ? A HEM 154 ? 1_555 FE ? D HEM . ? A HEM 154 ? 1_555 N  ? E NO  . ? A NO  155 ? 1_555 80.3  ? 
15 ND  ? D HEM .  ? A HEM 154 ? 1_555 FE ? D HEM . ? A HEM 154 ? 1_555 N  ? E NO  . ? A NO  155 ? 1_555 92.2  ? 
# 
loop_
_pdbx_audit_revision_history.ordinal 
_pdbx_audit_revision_history.data_content_type 
_pdbx_audit_revision_history.major_revision 
_pdbx_audit_revision_history.minor_revision 
_pdbx_audit_revision_history.revision_date 
1 'Structure model' 1 0 2003-11-11 
2 'Structure model' 1 1 2008-04-29 
3 'Structure model' 1 2 2011-07-13 
4 'Structure model' 1 3 2017-10-11 
5 'Structure model' 1 4 2018-01-31 
6 'Structure model' 1 5 2023-08-16 
# 
_pdbx_audit_revision_details.ordinal             1 
_pdbx_audit_revision_details.revision_ordinal    1 
_pdbx_audit_revision_details.data_content_type   'Structure model' 
_pdbx_audit_revision_details.provider            repository 
_pdbx_audit_revision_details.type                'Initial release' 
_pdbx_audit_revision_details.description         ? 
_pdbx_audit_revision_details.details             ? 
# 
loop_
_pdbx_audit_revision_group.ordinal 
_pdbx_audit_revision_group.revision_ordinal 
_pdbx_audit_revision_group.data_content_type 
_pdbx_audit_revision_group.group 
1 2 'Structure model' 'Version format compliance' 
2 3 'Structure model' 'Version format compliance' 
3 4 'Structure model' 'Refinement description'    
4 5 'Structure model' 'Experimental preparation'  
5 6 'Structure model' 'Data collection'           
6 6 'Structure model' 'Database references'       
7 6 'Structure model' 'Derived calculations'      
8 6 'Structure model' 'Refinement description'    
# 
loop_
_pdbx_audit_revision_category.ordinal 
_pdbx_audit_revision_category.revision_ordinal 
_pdbx_audit_revision_category.data_content_type 
_pdbx_audit_revision_category.category 
1 4 'Structure model' software                      
2 5 'Structure model' exptl_crystal_grow            
3 6 'Structure model' chem_comp_atom                
4 6 'Structure model' chem_comp_bond                
5 6 'Structure model' database_2                    
6 6 'Structure model' pdbx_initial_refinement_model 
7 6 'Structure model' pdbx_struct_conn_angle        
8 6 'Structure model' struct_conn                   
9 6 'Structure model' struct_site                   
# 
loop_
_pdbx_audit_revision_item.ordinal 
_pdbx_audit_revision_item.revision_ordinal 
_pdbx_audit_revision_item.data_content_type 
_pdbx_audit_revision_item.item 
1  5 'Structure model' '_exptl_crystal_grow.temp'                    
2  6 'Structure model' '_database_2.pdbx_DOI'                        
3  6 'Structure model' '_database_2.pdbx_database_accession'         
4  6 'Structure model' '_pdbx_struct_conn_angle.ptnr1_auth_comp_id'  
5  6 'Structure model' '_pdbx_struct_conn_angle.ptnr1_auth_seq_id'   
6  6 'Structure model' '_pdbx_struct_conn_angle.ptnr1_label_asym_id' 
7  6 'Structure model' '_pdbx_struct_conn_angle.ptnr1_label_atom_id' 
8  6 'Structure model' '_pdbx_struct_conn_angle.ptnr1_label_comp_id' 
9  6 'Structure model' '_pdbx_struct_conn_angle.ptnr1_label_seq_id'  
10 6 'Structure model' '_pdbx_struct_conn_angle.ptnr3_auth_comp_id'  
11 6 'Structure model' '_pdbx_struct_conn_angle.ptnr3_auth_seq_id'   
12 6 'Structure model' '_pdbx_struct_conn_angle.ptnr3_label_asym_id' 
13 6 'Structure model' '_pdbx_struct_conn_angle.ptnr3_label_atom_id' 
14 6 'Structure model' '_pdbx_struct_conn_angle.ptnr3_label_comp_id' 
15 6 'Structure model' '_pdbx_struct_conn_angle.ptnr3_label_seq_id'  
16 6 'Structure model' '_pdbx_struct_conn_angle.value'               
17 6 'Structure model' '_struct_conn.pdbx_dist_value'                
18 6 'Structure model' '_struct_conn.ptnr1_auth_comp_id'             
19 6 'Structure model' '_struct_conn.ptnr1_auth_seq_id'              
20 6 'Structure model' '_struct_conn.ptnr1_label_asym_id'            
21 6 'Structure model' '_struct_conn.ptnr1_label_atom_id'            
22 6 'Structure model' '_struct_conn.ptnr1_label_comp_id'            
23 6 'Structure model' '_struct_conn.ptnr1_label_seq_id'             
24 6 'Structure model' '_struct_conn.ptnr2_auth_comp_id'             
25 6 'Structure model' '_struct_conn.ptnr2_auth_seq_id'              
26 6 'Structure model' '_struct_conn.ptnr2_label_asym_id'            
27 6 'Structure model' '_struct_conn.ptnr2_label_atom_id'            
28 6 'Structure model' '_struct_conn.ptnr2_label_comp_id'            
29 6 'Structure model' '_struct_site.pdbx_auth_asym_id'              
30 6 'Structure model' '_struct_site.pdbx_auth_comp_id'              
31 6 'Structure model' '_struct_site.pdbx_auth_seq_id'               
# 
loop_
_software.name 
_software.classification 
_software.version 
_software.citation_id 
_software.pdbx_ordinal 
d*TREK 'data scaling'   . ? 1 
d*TREK 'data reduction' . ? 2 
CNS    refinement       . ? 3 
CNS    phasing          . ? 4 
# 
_pdbx_validate_torsion.id              1 
_pdbx_validate_torsion.PDB_model_num   1 
_pdbx_validate_torsion.auth_comp_id    ASP 
_pdbx_validate_torsion.auth_asym_id    A 
_pdbx_validate_torsion.auth_seq_id     20 
_pdbx_validate_torsion.PDB_ins_code    ? 
_pdbx_validate_torsion.label_alt_id    ? 
_pdbx_validate_torsion.phi             -154.12 
_pdbx_validate_torsion.psi             69.62 
# 
_pdbx_unobs_or_zero_occ_residues.id               1 
_pdbx_unobs_or_zero_occ_residues.PDB_model_num    1 
_pdbx_unobs_or_zero_occ_residues.polymer_flag     Y 
_pdbx_unobs_or_zero_occ_residues.occupancy_flag   1 
_pdbx_unobs_or_zero_occ_residues.auth_asym_id     A 
_pdbx_unobs_or_zero_occ_residues.auth_comp_id     GLY 
_pdbx_unobs_or_zero_occ_residues.auth_seq_id      153 
_pdbx_unobs_or_zero_occ_residues.PDB_ins_code     ? 
_pdbx_unobs_or_zero_occ_residues.label_asym_id    A 
_pdbx_unobs_or_zero_occ_residues.label_comp_id    GLY 
_pdbx_unobs_or_zero_occ_residues.label_seq_id     153 
# 
loop_
_chem_comp_atom.comp_id 
_chem_comp_atom.atom_id 
_chem_comp_atom.type_symbol 
_chem_comp_atom.pdbx_aromatic_flag 
_chem_comp_atom.pdbx_stereo_config 
_chem_comp_atom.pdbx_ordinal 
ALA N    N  N N 1   
ALA CA   C  N S 2   
ALA C    C  N N 3   
ALA O    O  N N 4   
ALA CB   C  N N 5   
ALA OXT  O  N N 6   
ALA H    H  N N 7   
ALA H2   H  N N 8   
ALA HA   H  N N 9   
ALA HB1  H  N N 10  
ALA HB2  H  N N 11  
ALA HB3  H  N N 12  
ALA HXT  H  N N 13  
ARG N    N  N N 14  
ARG CA   C  N S 15  
ARG C    C  N N 16  
ARG O    O  N N 17  
ARG CB   C  N N 18  
ARG CG   C  N N 19  
ARG CD   C  N N 20  
ARG NE   N  N N 21  
ARG CZ   C  N N 22  
ARG NH1  N  N N 23  
ARG NH2  N  N N 24  
ARG OXT  O  N N 25  
ARG H    H  N N 26  
ARG H2   H  N N 27  
ARG HA   H  N N 28  
ARG HB2  H  N N 29  
ARG HB3  H  N N 30  
ARG HG2  H  N N 31  
ARG HG3  H  N N 32  
ARG HD2  H  N N 33  
ARG HD3  H  N N 34  
ARG HE   H  N N 35  
ARG HH11 H  N N 36  
ARG HH12 H  N N 37  
ARG HH21 H  N N 38  
ARG HH22 H  N N 39  
ARG HXT  H  N N 40  
ASN N    N  N N 41  
ASN CA   C  N S 42  
ASN C    C  N N 43  
ASN O    O  N N 44  
ASN CB   C  N N 45  
ASN CG   C  N N 46  
ASN OD1  O  N N 47  
ASN ND2  N  N N 48  
ASN OXT  O  N N 49  
ASN H    H  N N 50  
ASN H2   H  N N 51  
ASN HA   H  N N 52  
ASN HB2  H  N N 53  
ASN HB3  H  N N 54  
ASN HD21 H  N N 55  
ASN HD22 H  N N 56  
ASN HXT  H  N N 57  
ASP N    N  N N 58  
ASP CA   C  N S 59  
ASP C    C  N N 60  
ASP O    O  N N 61  
ASP CB   C  N N 62  
ASP CG   C  N N 63  
ASP OD1  O  N N 64  
ASP OD2  O  N N 65  
ASP OXT  O  N N 66  
ASP H    H  N N 67  
ASP H2   H  N N 68  
ASP HA   H  N N 69  
ASP HB2  H  N N 70  
ASP HB3  H  N N 71  
ASP HD2  H  N N 72  
ASP HXT  H  N N 73  
GLN N    N  N N 74  
GLN CA   C  N S 75  
GLN C    C  N N 76  
GLN O    O  N N 77  
GLN CB   C  N N 78  
GLN CG   C  N N 79  
GLN CD   C  N N 80  
GLN OE1  O  N N 81  
GLN NE2  N  N N 82  
GLN OXT  O  N N 83  
GLN H    H  N N 84  
GLN H2   H  N N 85  
GLN HA   H  N N 86  
GLN HB2  H  N N 87  
GLN HB3  H  N N 88  
GLN HG2  H  N N 89  
GLN HG3  H  N N 90  
GLN HE21 H  N N 91  
GLN HE22 H  N N 92  
GLN HXT  H  N N 93  
GLU N    N  N N 94  
GLU CA   C  N S 95  
GLU C    C  N N 96  
GLU O    O  N N 97  
GLU CB   C  N N 98  
GLU CG   C  N N 99  
GLU CD   C  N N 100 
GLU OE1  O  N N 101 
GLU OE2  O  N N 102 
GLU OXT  O  N N 103 
GLU H    H  N N 104 
GLU H2   H  N N 105 
GLU HA   H  N N 106 
GLU HB2  H  N N 107 
GLU HB3  H  N N 108 
GLU HG2  H  N N 109 
GLU HG3  H  N N 110 
GLU HE2  H  N N 111 
GLU HXT  H  N N 112 
GLY N    N  N N 113 
GLY CA   C  N N 114 
GLY C    C  N N 115 
GLY O    O  N N 116 
GLY OXT  O  N N 117 
GLY H    H  N N 118 
GLY H2   H  N N 119 
GLY HA2  H  N N 120 
GLY HA3  H  N N 121 
GLY HXT  H  N N 122 
HEM CHA  C  N N 123 
HEM CHB  C  N N 124 
HEM CHC  C  N N 125 
HEM CHD  C  N N 126 
HEM C1A  C  Y N 127 
HEM C2A  C  Y N 128 
HEM C3A  C  Y N 129 
HEM C4A  C  Y N 130 
HEM CMA  C  N N 131 
HEM CAA  C  N N 132 
HEM CBA  C  N N 133 
HEM CGA  C  N N 134 
HEM O1A  O  N N 135 
HEM O2A  O  N N 136 
HEM C1B  C  N N 137 
HEM C2B  C  N N 138 
HEM C3B  C  N N 139 
HEM C4B  C  N N 140 
HEM CMB  C  N N 141 
HEM CAB  C  N N 142 
HEM CBB  C  N N 143 
HEM C1C  C  Y N 144 
HEM C2C  C  Y N 145 
HEM C3C  C  Y N 146 
HEM C4C  C  Y N 147 
HEM CMC  C  N N 148 
HEM CAC  C  N N 149 
HEM CBC  C  N N 150 
HEM C1D  C  N N 151 
HEM C2D  C  N N 152 
HEM C3D  C  N N 153 
HEM C4D  C  N N 154 
HEM CMD  C  N N 155 
HEM CAD  C  N N 156 
HEM CBD  C  N N 157 
HEM CGD  C  N N 158 
HEM O1D  O  N N 159 
HEM O2D  O  N N 160 
HEM NA   N  Y N 161 
HEM NB   N  N N 162 
HEM NC   N  Y N 163 
HEM ND   N  N N 164 
HEM FE   FE N N 165 
HEM HHB  H  N N 166 
HEM HHC  H  N N 167 
HEM HHD  H  N N 168 
HEM HMA  H  N N 169 
HEM HMAA H  N N 170 
HEM HMAB H  N N 171 
HEM HAA  H  N N 172 
HEM HAAA H  N N 173 
HEM HBA  H  N N 174 
HEM HBAA H  N N 175 
HEM HMB  H  N N 176 
HEM HMBA H  N N 177 
HEM HMBB H  N N 178 
HEM HAB  H  N N 179 
HEM HBB  H  N N 180 
HEM HBBA H  N N 181 
HEM HMC  H  N N 182 
HEM HMCA H  N N 183 
HEM HMCB H  N N 184 
HEM HAC  H  N N 185 
HEM HBC  H  N N 186 
HEM HBCA H  N N 187 
HEM HMD  H  N N 188 
HEM HMDA H  N N 189 
HEM HMDB H  N N 190 
HEM HAD  H  N N 191 
HEM HADA H  N N 192 
HEM HBD  H  N N 193 
HEM HBDA H  N N 194 
HEM H2A  H  N N 195 
HEM H2D  H  N N 196 
HEM HHA  H  N N 197 
HIS N    N  N N 198 
HIS CA   C  N S 199 
HIS C    C  N N 200 
HIS O    O  N N 201 
HIS CB   C  N N 202 
HIS CG   C  Y N 203 
HIS ND1  N  Y N 204 
HIS CD2  C  Y N 205 
HIS CE1  C  Y N 206 
HIS NE2  N  Y N 207 
HIS OXT  O  N N 208 
HIS H    H  N N 209 
HIS H2   H  N N 210 
HIS HA   H  N N 211 
HIS HB2  H  N N 212 
HIS HB3  H  N N 213 
HIS HD1  H  N N 214 
HIS HD2  H  N N 215 
HIS HE1  H  N N 216 
HIS HE2  H  N N 217 
HIS HXT  H  N N 218 
HOH O    O  N N 219 
HOH H1   H  N N 220 
HOH H2   H  N N 221 
ILE N    N  N N 222 
ILE CA   C  N S 223 
ILE C    C  N N 224 
ILE O    O  N N 225 
ILE CB   C  N S 226 
ILE CG1  C  N N 227 
ILE CG2  C  N N 228 
ILE CD1  C  N N 229 
ILE OXT  O  N N 230 
ILE H    H  N N 231 
ILE H2   H  N N 232 
ILE HA   H  N N 233 
ILE HB   H  N N 234 
ILE HG12 H  N N 235 
ILE HG13 H  N N 236 
ILE HG21 H  N N 237 
ILE HG22 H  N N 238 
ILE HG23 H  N N 239 
ILE HD11 H  N N 240 
ILE HD12 H  N N 241 
ILE HD13 H  N N 242 
ILE HXT  H  N N 243 
LEU N    N  N N 244 
LEU CA   C  N S 245 
LEU C    C  N N 246 
LEU O    O  N N 247 
LEU CB   C  N N 248 
LEU CG   C  N N 249 
LEU CD1  C  N N 250 
LEU CD2  C  N N 251 
LEU OXT  O  N N 252 
LEU H    H  N N 253 
LEU H2   H  N N 254 
LEU HA   H  N N 255 
LEU HB2  H  N N 256 
LEU HB3  H  N N 257 
LEU HG   H  N N 258 
LEU HD11 H  N N 259 
LEU HD12 H  N N 260 
LEU HD13 H  N N 261 
LEU HD21 H  N N 262 
LEU HD22 H  N N 263 
LEU HD23 H  N N 264 
LEU HXT  H  N N 265 
LYS N    N  N N 266 
LYS CA   C  N S 267 
LYS C    C  N N 268 
LYS O    O  N N 269 
LYS CB   C  N N 270 
LYS CG   C  N N 271 
LYS CD   C  N N 272 
LYS CE   C  N N 273 
LYS NZ   N  N N 274 
LYS OXT  O  N N 275 
LYS H    H  N N 276 
LYS H2   H  N N 277 
LYS HA   H  N N 278 
LYS HB2  H  N N 279 
LYS HB3  H  N N 280 
LYS HG2  H  N N 281 
LYS HG3  H  N N 282 
LYS HD2  H  N N 283 
LYS HD3  H  N N 284 
LYS HE2  H  N N 285 
LYS HE3  H  N N 286 
LYS HZ1  H  N N 287 
LYS HZ2  H  N N 288 
LYS HZ3  H  N N 289 
LYS HXT  H  N N 290 
MET N    N  N N 291 
MET CA   C  N S 292 
MET C    C  N N 293 
MET O    O  N N 294 
MET CB   C  N N 295 
MET CG   C  N N 296 
MET SD   S  N N 297 
MET CE   C  N N 298 
MET OXT  O  N N 299 
MET H    H  N N 300 
MET H2   H  N N 301 
MET HA   H  N N 302 
MET HB2  H  N N 303 
MET HB3  H  N N 304 
MET HG2  H  N N 305 
MET HG3  H  N N 306 
MET HE1  H  N N 307 
MET HE2  H  N N 308 
MET HE3  H  N N 309 
MET HXT  H  N N 310 
NO  N    N  N N 311 
NO  O    O  N N 312 
PHE N    N  N N 313 
PHE CA   C  N S 314 
PHE C    C  N N 315 
PHE O    O  N N 316 
PHE CB   C  N N 317 
PHE CG   C  Y N 318 
PHE CD1  C  Y N 319 
PHE CD2  C  Y N 320 
PHE CE1  C  Y N 321 
PHE CE2  C  Y N 322 
PHE CZ   C  Y N 323 
PHE OXT  O  N N 324 
PHE H    H  N N 325 
PHE H2   H  N N 326 
PHE HA   H  N N 327 
PHE HB2  H  N N 328 
PHE HB3  H  N N 329 
PHE HD1  H  N N 330 
PHE HD2  H  N N 331 
PHE HE1  H  N N 332 
PHE HE2  H  N N 333 
PHE HZ   H  N N 334 
PHE HXT  H  N N 335 
PRO N    N  N N 336 
PRO CA   C  N S 337 
PRO C    C  N N 338 
PRO O    O  N N 339 
PRO CB   C  N N 340 
PRO CG   C  N N 341 
PRO CD   C  N N 342 
PRO OXT  O  N N 343 
PRO H    H  N N 344 
PRO HA   H  N N 345 
PRO HB2  H  N N 346 
PRO HB3  H  N N 347 
PRO HG2  H  N N 348 
PRO HG3  H  N N 349 
PRO HD2  H  N N 350 
PRO HD3  H  N N 351 
PRO HXT  H  N N 352 
SER N    N  N N 353 
SER CA   C  N S 354 
SER C    C  N N 355 
SER O    O  N N 356 
SER CB   C  N N 357 
SER OG   O  N N 358 
SER OXT  O  N N 359 
SER H    H  N N 360 
SER H2   H  N N 361 
SER HA   H  N N 362 
SER HB2  H  N N 363 
SER HB3  H  N N 364 
SER HG   H  N N 365 
SER HXT  H  N N 366 
SO4 S    S  N N 367 
SO4 O1   O  N N 368 
SO4 O2   O  N N 369 
SO4 O3   O  N N 370 
SO4 O4   O  N N 371 
THR N    N  N N 372 
THR CA   C  N S 373 
THR C    C  N N 374 
THR O    O  N N 375 
THR CB   C  N R 376 
THR OG1  O  N N 377 
THR CG2  C  N N 378 
THR OXT  O  N N 379 
THR H    H  N N 380 
THR H2   H  N N 381 
THR HA   H  N N 382 
THR HB   H  N N 383 
THR HG1  H  N N 384 
THR HG21 H  N N 385 
THR HG22 H  N N 386 
THR HG23 H  N N 387 
THR HXT  H  N N 388 
TRP N    N  N N 389 
TRP CA   C  N S 390 
TRP C    C  N N 391 
TRP O    O  N N 392 
TRP CB   C  N N 393 
TRP CG   C  Y N 394 
TRP CD1  C  Y N 395 
TRP CD2  C  Y N 396 
TRP NE1  N  Y N 397 
TRP CE2  C  Y N 398 
TRP CE3  C  Y N 399 
TRP CZ2  C  Y N 400 
TRP CZ3  C  Y N 401 
TRP CH2  C  Y N 402 
TRP OXT  O  N N 403 
TRP H    H  N N 404 
TRP H2   H  N N 405 
TRP HA   H  N N 406 
TRP HB2  H  N N 407 
TRP HB3  H  N N 408 
TRP HD1  H  N N 409 
TRP HE1  H  N N 410 
TRP HE3  H  N N 411 
TRP HZ2  H  N N 412 
TRP HZ3  H  N N 413 
TRP HH2  H  N N 414 
TRP HXT  H  N N 415 
TYR N    N  N N 416 
TYR CA   C  N S 417 
TYR C    C  N N 418 
TYR O    O  N N 419 
TYR CB   C  N N 420 
TYR CG   C  Y N 421 
TYR CD1  C  Y N 422 
TYR CD2  C  Y N 423 
TYR CE1  C  Y N 424 
TYR CE2  C  Y N 425 
TYR CZ   C  Y N 426 
TYR OH   O  N N 427 
TYR OXT  O  N N 428 
TYR H    H  N N 429 
TYR H2   H  N N 430 
TYR HA   H  N N 431 
TYR HB2  H  N N 432 
TYR HB3  H  N N 433 
TYR HD1  H  N N 434 
TYR HD2  H  N N 435 
TYR HE1  H  N N 436 
TYR HE2  H  N N 437 
TYR HH   H  N N 438 
TYR HXT  H  N N 439 
VAL N    N  N N 440 
VAL CA   C  N S 441 
VAL C    C  N N 442 
VAL O    O  N N 443 
VAL CB   C  N N 444 
VAL CG1  C  N N 445 
VAL CG2  C  N N 446 
VAL OXT  O  N N 447 
VAL H    H  N N 448 
VAL H2   H  N N 449 
VAL HA   H  N N 450 
VAL HB   H  N N 451 
VAL HG11 H  N N 452 
VAL HG12 H  N N 453 
VAL HG13 H  N N 454 
VAL HG21 H  N N 455 
VAL HG22 H  N N 456 
VAL HG23 H  N N 457 
VAL HXT  H  N N 458 
# 
loop_
_chem_comp_bond.comp_id 
_chem_comp_bond.atom_id_1 
_chem_comp_bond.atom_id_2 
_chem_comp_bond.value_order 
_chem_comp_bond.pdbx_aromatic_flag 
_chem_comp_bond.pdbx_stereo_config 
_chem_comp_bond.pdbx_ordinal 
ALA N   CA   sing N N 1   
ALA N   H    sing N N 2   
ALA N   H2   sing N N 3   
ALA CA  C    sing N N 4   
ALA CA  CB   sing N N 5   
ALA CA  HA   sing N N 6   
ALA C   O    doub N N 7   
ALA C   OXT  sing N N 8   
ALA CB  HB1  sing N N 9   
ALA CB  HB2  sing N N 10  
ALA CB  HB3  sing N N 11  
ALA OXT HXT  sing N N 12  
ARG N   CA   sing N N 13  
ARG N   H    sing N N 14  
ARG N   H2   sing N N 15  
ARG CA  C    sing N N 16  
ARG CA  CB   sing N N 17  
ARG CA  HA   sing N N 18  
ARG C   O    doub N N 19  
ARG C   OXT  sing N N 20  
ARG CB  CG   sing N N 21  
ARG CB  HB2  sing N N 22  
ARG CB  HB3  sing N N 23  
ARG CG  CD   sing N N 24  
ARG CG  HG2  sing N N 25  
ARG CG  HG3  sing N N 26  
ARG CD  NE   sing N N 27  
ARG CD  HD2  sing N N 28  
ARG CD  HD3  sing N N 29  
ARG NE  CZ   sing N N 30  
ARG NE  HE   sing N N 31  
ARG CZ  NH1  sing N N 32  
ARG CZ  NH2  doub N N 33  
ARG NH1 HH11 sing N N 34  
ARG NH1 HH12 sing N N 35  
ARG NH2 HH21 sing N N 36  
ARG NH2 HH22 sing N N 37  
ARG OXT HXT  sing N N 38  
ASN N   CA   sing N N 39  
ASN N   H    sing N N 40  
ASN N   H2   sing N N 41  
ASN CA  C    sing N N 42  
ASN CA  CB   sing N N 43  
ASN CA  HA   sing N N 44  
ASN C   O    doub N N 45  
ASN C   OXT  sing N N 46  
ASN CB  CG   sing N N 47  
ASN CB  HB2  sing N N 48  
ASN CB  HB3  sing N N 49  
ASN CG  OD1  doub N N 50  
ASN CG  ND2  sing N N 51  
ASN ND2 HD21 sing N N 52  
ASN ND2 HD22 sing N N 53  
ASN OXT HXT  sing N N 54  
ASP N   CA   sing N N 55  
ASP N   H    sing N N 56  
ASP N   H2   sing N N 57  
ASP CA  C    sing N N 58  
ASP CA  CB   sing N N 59  
ASP CA  HA   sing N N 60  
ASP C   O    doub N N 61  
ASP C   OXT  sing N N 62  
ASP CB  CG   sing N N 63  
ASP CB  HB2  sing N N 64  
ASP CB  HB3  sing N N 65  
ASP CG  OD1  doub N N 66  
ASP CG  OD2  sing N N 67  
ASP OD2 HD2  sing N N 68  
ASP OXT HXT  sing N N 69  
GLN N   CA   sing N N 70  
GLN N   H    sing N N 71  
GLN N   H2   sing N N 72  
GLN CA  C    sing N N 73  
GLN CA  CB   sing N N 74  
GLN CA  HA   sing N N 75  
GLN C   O    doub N N 76  
GLN C   OXT  sing N N 77  
GLN CB  CG   sing N N 78  
GLN CB  HB2  sing N N 79  
GLN CB  HB3  sing N N 80  
GLN CG  CD   sing N N 81  
GLN CG  HG2  sing N N 82  
GLN CG  HG3  sing N N 83  
GLN CD  OE1  doub N N 84  
GLN CD  NE2  sing N N 85  
GLN NE2 HE21 sing N N 86  
GLN NE2 HE22 sing N N 87  
GLN OXT HXT  sing N N 88  
GLU N   CA   sing N N 89  
GLU N   H    sing N N 90  
GLU N   H2   sing N N 91  
GLU CA  C    sing N N 92  
GLU CA  CB   sing N N 93  
GLU CA  HA   sing N N 94  
GLU C   O    doub N N 95  
GLU C   OXT  sing N N 96  
GLU CB  CG   sing N N 97  
GLU CB  HB2  sing N N 98  
GLU CB  HB3  sing N N 99  
GLU CG  CD   sing N N 100 
GLU CG  HG2  sing N N 101 
GLU CG  HG3  sing N N 102 
GLU CD  OE1  doub N N 103 
GLU CD  OE2  sing N N 104 
GLU OE2 HE2  sing N N 105 
GLU OXT HXT  sing N N 106 
GLY N   CA   sing N N 107 
GLY N   H    sing N N 108 
GLY N   H2   sing N N 109 
GLY CA  C    sing N N 110 
GLY CA  HA2  sing N N 111 
GLY CA  HA3  sing N N 112 
GLY C   O    doub N N 113 
GLY C   OXT  sing N N 114 
GLY OXT HXT  sing N N 115 
HEM CHA C1A  sing N N 116 
HEM CHA C4D  doub N N 117 
HEM CHA HHA  sing N N 118 
HEM CHB C4A  sing N N 119 
HEM CHB C1B  doub N N 120 
HEM CHB HHB  sing N N 121 
HEM CHC C4B  sing N N 122 
HEM CHC C1C  doub N N 123 
HEM CHC HHC  sing N N 124 
HEM CHD C4C  doub N N 125 
HEM CHD C1D  sing N N 126 
HEM CHD HHD  sing N N 127 
HEM C1A C2A  doub Y N 128 
HEM C1A NA   sing Y N 129 
HEM C2A C3A  sing Y N 130 
HEM C2A CAA  sing N N 131 
HEM C3A C4A  doub Y N 132 
HEM C3A CMA  sing N N 133 
HEM C4A NA   sing Y N 134 
HEM CMA HMA  sing N N 135 
HEM CMA HMAA sing N N 136 
HEM CMA HMAB sing N N 137 
HEM CAA CBA  sing N N 138 
HEM CAA HAA  sing N N 139 
HEM CAA HAAA sing N N 140 
HEM CBA CGA  sing N N 141 
HEM CBA HBA  sing N N 142 
HEM CBA HBAA sing N N 143 
HEM CGA O1A  doub N N 144 
HEM CGA O2A  sing N N 145 
HEM C1B C2B  sing N N 146 
HEM C1B NB   sing N N 147 
HEM C2B C3B  doub N N 148 
HEM C2B CMB  sing N N 149 
HEM C3B C4B  sing N N 150 
HEM C3B CAB  sing N N 151 
HEM C4B NB   doub N N 152 
HEM CMB HMB  sing N N 153 
HEM CMB HMBA sing N N 154 
HEM CMB HMBB sing N N 155 
HEM CAB CBB  doub N N 156 
HEM CAB HAB  sing N N 157 
HEM CBB HBB  sing N N 158 
HEM CBB HBBA sing N N 159 
HEM C1C C2C  sing Y N 160 
HEM C1C NC   sing Y N 161 
HEM C2C C3C  doub Y N 162 
HEM C2C CMC  sing N N 163 
HEM C3C C4C  sing Y N 164 
HEM C3C CAC  sing N N 165 
HEM C4C NC   sing Y N 166 
HEM CMC HMC  sing N N 167 
HEM CMC HMCA sing N N 168 
HEM CMC HMCB sing N N 169 
HEM CAC CBC  doub N N 170 
HEM CAC HAC  sing N N 171 
HEM CBC HBC  sing N N 172 
HEM CBC HBCA sing N N 173 
HEM C1D C2D  sing N N 174 
HEM C1D ND   doub N N 175 
HEM C2D C3D  doub N N 176 
HEM C2D CMD  sing N N 177 
HEM C3D C4D  sing N N 178 
HEM C3D CAD  sing N N 179 
HEM C4D ND   sing N N 180 
HEM CMD HMD  sing N N 181 
HEM CMD HMDA sing N N 182 
HEM CMD HMDB sing N N 183 
HEM CAD CBD  sing N N 184 
HEM CAD HAD  sing N N 185 
HEM CAD HADA sing N N 186 
HEM CBD CGD  sing N N 187 
HEM CBD HBD  sing N N 188 
HEM CBD HBDA sing N N 189 
HEM CGD O1D  doub N N 190 
HEM CGD O2D  sing N N 191 
HEM O2A H2A  sing N N 192 
HEM O2D H2D  sing N N 193 
HEM FE  NA   sing N N 194 
HEM FE  NB   sing N N 195 
HEM FE  NC   sing N N 196 
HEM FE  ND   sing N N 197 
HIS N   CA   sing N N 198 
HIS N   H    sing N N 199 
HIS N   H2   sing N N 200 
HIS CA  C    sing N N 201 
HIS CA  CB   sing N N 202 
HIS CA  HA   sing N N 203 
HIS C   O    doub N N 204 
HIS C   OXT  sing N N 205 
HIS CB  CG   sing N N 206 
HIS CB  HB2  sing N N 207 
HIS CB  HB3  sing N N 208 
HIS CG  ND1  sing Y N 209 
HIS CG  CD2  doub Y N 210 
HIS ND1 CE1  doub Y N 211 
HIS ND1 HD1  sing N N 212 
HIS CD2 NE2  sing Y N 213 
HIS CD2 HD2  sing N N 214 
HIS CE1 NE2  sing Y N 215 
HIS CE1 HE1  sing N N 216 
HIS NE2 HE2  sing N N 217 
HIS OXT HXT  sing N N 218 
HOH O   H1   sing N N 219 
HOH O   H2   sing N N 220 
ILE N   CA   sing N N 221 
ILE N   H    sing N N 222 
ILE N   H2   sing N N 223 
ILE CA  C    sing N N 224 
ILE CA  CB   sing N N 225 
ILE CA  HA   sing N N 226 
ILE C   O    doub N N 227 
ILE C   OXT  sing N N 228 
ILE CB  CG1  sing N N 229 
ILE CB  CG2  sing N N 230 
ILE CB  HB   sing N N 231 
ILE CG1 CD1  sing N N 232 
ILE CG1 HG12 sing N N 233 
ILE CG1 HG13 sing N N 234 
ILE CG2 HG21 sing N N 235 
ILE CG2 HG22 sing N N 236 
ILE CG2 HG23 sing N N 237 
ILE CD1 HD11 sing N N 238 
ILE CD1 HD12 sing N N 239 
ILE CD1 HD13 sing N N 240 
ILE OXT HXT  sing N N 241 
LEU N   CA   sing N N 242 
LEU N   H    sing N N 243 
LEU N   H2   sing N N 244 
LEU CA  C    sing N N 245 
LEU CA  CB   sing N N 246 
LEU CA  HA   sing N N 247 
LEU C   O    doub N N 248 
LEU C   OXT  sing N N 249 
LEU CB  CG   sing N N 250 
LEU CB  HB2  sing N N 251 
LEU CB  HB3  sing N N 252 
LEU CG  CD1  sing N N 253 
LEU CG  CD2  sing N N 254 
LEU CG  HG   sing N N 255 
LEU CD1 HD11 sing N N 256 
LEU CD1 HD12 sing N N 257 
LEU CD1 HD13 sing N N 258 
LEU CD2 HD21 sing N N 259 
LEU CD2 HD22 sing N N 260 
LEU CD2 HD23 sing N N 261 
LEU OXT HXT  sing N N 262 
LYS N   CA   sing N N 263 
LYS N   H    sing N N 264 
LYS N   H2   sing N N 265 
LYS CA  C    sing N N 266 
LYS CA  CB   sing N N 267 
LYS CA  HA   sing N N 268 
LYS C   O    doub N N 269 
LYS C   OXT  sing N N 270 
LYS CB  CG   sing N N 271 
LYS CB  HB2  sing N N 272 
LYS CB  HB3  sing N N 273 
LYS CG  CD   sing N N 274 
LYS CG  HG2  sing N N 275 
LYS CG  HG3  sing N N 276 
LYS CD  CE   sing N N 277 
LYS CD  HD2  sing N N 278 
LYS CD  HD3  sing N N 279 
LYS CE  NZ   sing N N 280 
LYS CE  HE2  sing N N 281 
LYS CE  HE3  sing N N 282 
LYS NZ  HZ1  sing N N 283 
LYS NZ  HZ2  sing N N 284 
LYS NZ  HZ3  sing N N 285 
LYS OXT HXT  sing N N 286 
MET N   CA   sing N N 287 
MET N   H    sing N N 288 
MET N   H2   sing N N 289 
MET CA  C    sing N N 290 
MET CA  CB   sing N N 291 
MET CA  HA   sing N N 292 
MET C   O    doub N N 293 
MET C   OXT  sing N N 294 
MET CB  CG   sing N N 295 
MET CB  HB2  sing N N 296 
MET CB  HB3  sing N N 297 
MET CG  SD   sing N N 298 
MET CG  HG2  sing N N 299 
MET CG  HG3  sing N N 300 
MET SD  CE   sing N N 301 
MET CE  HE1  sing N N 302 
MET CE  HE2  sing N N 303 
MET CE  HE3  sing N N 304 
MET OXT HXT  sing N N 305 
NO  N   O    doub N N 306 
PHE N   CA   sing N N 307 
PHE N   H    sing N N 308 
PHE N   H2   sing N N 309 
PHE CA  C    sing N N 310 
PHE CA  CB   sing N N 311 
PHE CA  HA   sing N N 312 
PHE C   O    doub N N 313 
PHE C   OXT  sing N N 314 
PHE CB  CG   sing N N 315 
PHE CB  HB2  sing N N 316 
PHE CB  HB3  sing N N 317 
PHE CG  CD1  doub Y N 318 
PHE CG  CD2  sing Y N 319 
PHE CD1 CE1  sing Y N 320 
PHE CD1 HD1  sing N N 321 
PHE CD2 CE2  doub Y N 322 
PHE CD2 HD2  sing N N 323 
PHE CE1 CZ   doub Y N 324 
PHE CE1 HE1  sing N N 325 
PHE CE2 CZ   sing Y N 326 
PHE CE2 HE2  sing N N 327 
PHE CZ  HZ   sing N N 328 
PHE OXT HXT  sing N N 329 
PRO N   CA   sing N N 330 
PRO N   CD   sing N N 331 
PRO N   H    sing N N 332 
PRO CA  C    sing N N 333 
PRO CA  CB   sing N N 334 
PRO CA  HA   sing N N 335 
PRO C   O    doub N N 336 
PRO C   OXT  sing N N 337 
PRO CB  CG   sing N N 338 
PRO CB  HB2  sing N N 339 
PRO CB  HB3  sing N N 340 
PRO CG  CD   sing N N 341 
PRO CG  HG2  sing N N 342 
PRO CG  HG3  sing N N 343 
PRO CD  HD2  sing N N 344 
PRO CD  HD3  sing N N 345 
PRO OXT HXT  sing N N 346 
SER N   CA   sing N N 347 
SER N   H    sing N N 348 
SER N   H2   sing N N 349 
SER CA  C    sing N N 350 
SER CA  CB   sing N N 351 
SER CA  HA   sing N N 352 
SER C   O    doub N N 353 
SER C   OXT  sing N N 354 
SER CB  OG   sing N N 355 
SER CB  HB2  sing N N 356 
SER CB  HB3  sing N N 357 
SER OG  HG   sing N N 358 
SER OXT HXT  sing N N 359 
SO4 S   O1   doub N N 360 
SO4 S   O2   doub N N 361 
SO4 S   O3   sing N N 362 
SO4 S   O4   sing N N 363 
THR N   CA   sing N N 364 
THR N   H    sing N N 365 
THR N   H2   sing N N 366 
THR CA  C    sing N N 367 
THR CA  CB   sing N N 368 
THR CA  HA   sing N N 369 
THR C   O    doub N N 370 
THR C   OXT  sing N N 371 
THR CB  OG1  sing N N 372 
THR CB  CG2  sing N N 373 
THR CB  HB   sing N N 374 
THR OG1 HG1  sing N N 375 
THR CG2 HG21 sing N N 376 
THR CG2 HG22 sing N N 377 
THR CG2 HG23 sing N N 378 
THR OXT HXT  sing N N 379 
TRP N   CA   sing N N 380 
TRP N   H    sing N N 381 
TRP N   H2   sing N N 382 
TRP CA  C    sing N N 383 
TRP CA  CB   sing N N 384 
TRP CA  HA   sing N N 385 
TRP C   O    doub N N 386 
TRP C   OXT  sing N N 387 
TRP CB  CG   sing N N 388 
TRP CB  HB2  sing N N 389 
TRP CB  HB3  sing N N 390 
TRP CG  CD1  doub Y N 391 
TRP CG  CD2  sing Y N 392 
TRP CD1 NE1  sing Y N 393 
TRP CD1 HD1  sing N N 394 
TRP CD2 CE2  doub Y N 395 
TRP CD2 CE3  sing Y N 396 
TRP NE1 CE2  sing Y N 397 
TRP NE1 HE1  sing N N 398 
TRP CE2 CZ2  sing Y N 399 
TRP CE3 CZ3  doub Y N 400 
TRP CE3 HE3  sing N N 401 
TRP CZ2 CH2  doub Y N 402 
TRP CZ2 HZ2  sing N N 403 
TRP CZ3 CH2  sing Y N 404 
TRP CZ3 HZ3  sing N N 405 
TRP CH2 HH2  sing N N 406 
TRP OXT HXT  sing N N 407 
TYR N   CA   sing N N 408 
TYR N   H    sing N N 409 
TYR N   H2   sing N N 410 
TYR CA  C    sing N N 411 
TYR CA  CB   sing N N 412 
TYR CA  HA   sing N N 413 
TYR C   O    doub N N 414 
TYR C   OXT  sing N N 415 
TYR CB  CG   sing N N 416 
TYR CB  HB2  sing N N 417 
TYR CB  HB3  sing N N 418 
TYR CG  CD1  doub Y N 419 
TYR CG  CD2  sing Y N 420 
TYR CD1 CE1  sing Y N 421 
TYR CD1 HD1  sing N N 422 
TYR CD2 CE2  doub Y N 423 
TYR CD2 HD2  sing N N 424 
TYR CE1 CZ   doub Y N 425 
TYR CE1 HE1  sing N N 426 
TYR CE2 CZ   sing Y N 427 
TYR CE2 HE2  sing N N 428 
TYR CZ  OH   sing N N 429 
TYR OH  HH   sing N N 430 
TYR OXT HXT  sing N N 431 
VAL N   CA   sing N N 432 
VAL N   H    sing N N 433 
VAL N   H2   sing N N 434 
VAL CA  C    sing N N 435 
VAL CA  CB   sing N N 436 
VAL CA  HA   sing N N 437 
VAL C   O    doub N N 438 
VAL C   OXT  sing N N 439 
VAL CB  CG1  sing N N 440 
VAL CB  CG2  sing N N 441 
VAL CB  HB   sing N N 442 
VAL CG1 HG11 sing N N 443 
VAL CG1 HG12 sing N N 444 
VAL CG1 HG13 sing N N 445 
VAL CG2 HG21 sing N N 446 
VAL CG2 HG22 sing N N 447 
VAL CG2 HG23 sing N N 448 
VAL OXT HXT  sing N N 449 
# 
loop_
_pdbx_entity_nonpoly.entity_id 
_pdbx_entity_nonpoly.name 
_pdbx_entity_nonpoly.comp_id 
2 'SULFATE ION'                     SO4 
3 'PROTOPORPHYRIN IX CONTAINING FE' HEM 
4 'NITRIC OXIDE'                    NO  
5 water                             HOH 
# 
_pdbx_initial_refinement_model.id               1 
_pdbx_initial_refinement_model.entity_id_list   ? 
_pdbx_initial_refinement_model.type             'experimental model' 
_pdbx_initial_refinement_model.source_name      PDB 
_pdbx_initial_refinement_model.accession_code   1DWR 
_pdbx_initial_refinement_model.details          ? 
# 
